data_4YH3
# 
_entry.id   4YH3 
# 
_audit_conform.dict_name       mmcif_pdbx.dic 
_audit_conform.dict_version    5.387 
_audit_conform.dict_location   http://mmcif.pdb.org/dictionaries/ascii/mmcif_pdbx.dic 
# 
loop_
_database_2.database_id 
_database_2.database_code 
_database_2.pdbx_database_accession 
_database_2.pdbx_DOI 
PDB   4YH3         pdb_00004yh3 10.2210/pdb4yh3/pdb 
WWPDB D_1000207448 ?            ?                   
# 
loop_
_pdbx_audit_revision_history.ordinal 
_pdbx_audit_revision_history.data_content_type 
_pdbx_audit_revision_history.major_revision 
_pdbx_audit_revision_history.minor_revision 
_pdbx_audit_revision_history.revision_date 
1 'Structure model' 1 0 2016-01-13 
2 'Structure model' 1 1 2017-11-22 
3 'Structure model' 1 2 2024-02-28 
# 
_pdbx_audit_revision_details.ordinal             1 
_pdbx_audit_revision_details.revision_ordinal    1 
_pdbx_audit_revision_details.data_content_type   'Structure model' 
_pdbx_audit_revision_details.provider            repository 
_pdbx_audit_revision_details.type                'Initial release' 
_pdbx_audit_revision_details.description         ? 
_pdbx_audit_revision_details.details             ? 
# 
loop_
_pdbx_audit_revision_group.ordinal 
_pdbx_audit_revision_group.revision_ordinal 
_pdbx_audit_revision_group.data_content_type 
_pdbx_audit_revision_group.group 
1 2 'Structure model' 'Database references'    
2 2 'Structure model' 'Derived calculations'   
3 2 'Structure model' 'Refinement description' 
4 3 'Structure model' 'Data collection'        
5 3 'Structure model' 'Database references'    
# 
loop_
_pdbx_audit_revision_category.ordinal 
_pdbx_audit_revision_category.revision_ordinal 
_pdbx_audit_revision_category.data_content_type 
_pdbx_audit_revision_category.category 
1 2 'Structure model' citation              
2 2 'Structure model' pdbx_struct_oper_list 
3 2 'Structure model' software              
4 3 'Structure model' chem_comp_atom        
5 3 'Structure model' chem_comp_bond        
6 3 'Structure model' database_2            
# 
loop_
_pdbx_audit_revision_item.ordinal 
_pdbx_audit_revision_item.revision_ordinal 
_pdbx_audit_revision_item.data_content_type 
_pdbx_audit_revision_item.item 
1 2 'Structure model' '_citation.journal_id_CSD'                  
2 2 'Structure model' '_pdbx_struct_oper_list.symmetry_operation' 
3 3 'Structure model' '_database_2.pdbx_DOI'                      
4 3 'Structure model' '_database_2.pdbx_database_accession'       
# 
_pdbx_database_status.status_code                     REL 
_pdbx_database_status.status_code_sf                  REL 
_pdbx_database_status.status_code_mr                  ? 
_pdbx_database_status.entry_id                        4YH3 
_pdbx_database_status.recvd_initial_deposition_date   2015-02-26 
_pdbx_database_status.SG_entry                        N 
_pdbx_database_status.deposit_site                    RCSB 
_pdbx_database_status.process_site                    RCSB 
_pdbx_database_status.status_code_cs                  ? 
_pdbx_database_status.methods_development_category    ? 
_pdbx_database_status.pdb_format_compatible           Y 
_pdbx_database_status.status_code_nmr_data            ? 
# 
_pdbx_database_related.content_type   unspecified 
_pdbx_database_related.db_id          4YH4 
_pdbx_database_related.db_name        PDB 
_pdbx_database_related.details        . 
# 
loop_
_audit_author.name 
_audit_author.pdbx_ordinal 
'White, A.'             1 
'Lakshminarasimhan, D.' 2 
'Suto, R.K.'            3 
# 
_citation.abstract                  ? 
_citation.abstract_id_CAS           ? 
_citation.book_id_ISBN              ? 
_citation.book_publisher            ? 
_citation.book_publisher_city       ? 
_citation.book_title                ? 
_citation.coordinate_linkage        ? 
_citation.country                   UK 
_citation.database_id_Medline       ? 
_citation.details                   ? 
_citation.id                        primary 
_citation.journal_abbrev            Bioorg.Med.Chem.Lett. 
_citation.journal_id_ASTM           BMCLE8 
_citation.journal_id_CSD            1127 
_citation.journal_id_ISSN           1464-3405 
_citation.journal_full              ? 
_citation.journal_issue             ? 
_citation.journal_volume            25 
_citation.language                  ? 
_citation.page_first                2818 
_citation.page_last                 2823 
_citation.title                     
'Discovery of a new chemical series of BRD4(1) inhibitors using protein-ligand docking and structure-guided design.' 
_citation.year                      2015 
_citation.database_id_CSD           ? 
_citation.pdbx_database_id_DOI      10.1016/j.bmcl.2015.04.107 
_citation.pdbx_database_id_PubMed   26022843 
_citation.unpublished_flag          ? 
# 
loop_
_citation_author.citation_id 
_citation_author.name 
_citation_author.ordinal 
_citation_author.identifier_ORCID 
primary 'Duffy, B.C.'           1  ? 
primary 'Liu, S.'               2  ? 
primary 'Martin, G.S.'          3  ? 
primary 'Wang, R.'              4  ? 
primary 'Hsia, M.M.'            5  ? 
primary 'Zhao, H.'              6  ? 
primary 'Guo, C.'               7  ? 
primary 'Ellis, M.'             8  ? 
primary 'Quinn, J.F.'           9  ? 
primary 'Kharenko, O.A.'        10 ? 
primary 'Norek, K.'             11 ? 
primary 'Gesner, E.M.'          12 ? 
primary 'Young, P.R.'           13 ? 
primary 'McLure, K.G.'          14 ? 
primary 'Wagner, G.S.'          15 ? 
primary 'Lakshminarasimhan, D.' 16 ? 
primary 'White, A.'             17 ? 
primary 'Suto, R.K.'            18 ? 
primary 'Hansen, H.C.'          19 ? 
primary 'Kitchen, D.B.'         20 ? 
# 
loop_
_entity.id 
_entity.type 
_entity.src_method 
_entity.pdbx_description 
_entity.formula_weight 
_entity.pdbx_number_of_molecules 
_entity.pdbx_ec 
_entity.pdbx_mutation 
_entity.pdbx_fragment 
_entity.details 
1 polymer     man 'Bromodomain-containing protein 4'                                                  15329.598 1   ? ? 
'Bromodomain 1 (UNP residues 44-170)' ? 
2 non-polymer syn '4-[(2E)-3-(4-methoxyphenyl)-2-phenylprop-2-enoyl]-3,4-dihydroquinoxalin-2(1H)-one' 384.427   1   ? ? ? ? 
3 water       nat water                                                                               18.015    221 ? ? ? ? 
# 
_entity_name_com.entity_id   1 
_entity_name_com.name        'Protein HUNK1, BRD4' 
# 
_entity_poly.entity_id                      1 
_entity_poly.type                           'polypeptide(L)' 
_entity_poly.nstd_linkage                   no 
_entity_poly.nstd_monomer                   no 
_entity_poly.pdbx_seq_one_letter_code       
;SMNPPPPETSNPNKPKRQTNQLQYLLRVVLKTLWKHQFAWPFQQPVDAVKLNLPDYYKIIKTPMDMGTIKKRLENNYYWN
AQECIQDFNTMFTNCYIYNKPGDDIVLMAEALEKLFLQKINELPTEETE
;
_entity_poly.pdbx_seq_one_letter_code_can   
;SMNPPPPETSNPNKPKRQTNQLQYLLRVVLKTLWKHQFAWPFQQPVDAVKLNLPDYYKIIKTPMDMGTIKKRLENNYYWN
AQECIQDFNTMFTNCYIYNKPGDDIVLMAEALEKLFLQKINELPTEETE
;
_entity_poly.pdbx_strand_id                 A 
_entity_poly.pdbx_target_identifier         ? 
# 
loop_
_pdbx_entity_nonpoly.entity_id 
_pdbx_entity_nonpoly.name 
_pdbx_entity_nonpoly.comp_id 
2 '4-[(2E)-3-(4-methoxyphenyl)-2-phenylprop-2-enoyl]-3,4-dihydroquinoxalin-2(1H)-one' Y80 
3 water                                                                               HOH 
# 
loop_
_entity_poly_seq.entity_id 
_entity_poly_seq.num 
_entity_poly_seq.mon_id 
_entity_poly_seq.hetero 
1 1   SER n 
1 2   MET n 
1 3   ASN n 
1 4   PRO n 
1 5   PRO n 
1 6   PRO n 
1 7   PRO n 
1 8   GLU n 
1 9   THR n 
1 10  SER n 
1 11  ASN n 
1 12  PRO n 
1 13  ASN n 
1 14  LYS n 
1 15  PRO n 
1 16  LYS n 
1 17  ARG n 
1 18  GLN n 
1 19  THR n 
1 20  ASN n 
1 21  GLN n 
1 22  LEU n 
1 23  GLN n 
1 24  TYR n 
1 25  LEU n 
1 26  LEU n 
1 27  ARG n 
1 28  VAL n 
1 29  VAL n 
1 30  LEU n 
1 31  LYS n 
1 32  THR n 
1 33  LEU n 
1 34  TRP n 
1 35  LYS n 
1 36  HIS n 
1 37  GLN n 
1 38  PHE n 
1 39  ALA n 
1 40  TRP n 
1 41  PRO n 
1 42  PHE n 
1 43  GLN n 
1 44  GLN n 
1 45  PRO n 
1 46  VAL n 
1 47  ASP n 
1 48  ALA n 
1 49  VAL n 
1 50  LYS n 
1 51  LEU n 
1 52  ASN n 
1 53  LEU n 
1 54  PRO n 
1 55  ASP n 
1 56  TYR n 
1 57  TYR n 
1 58  LYS n 
1 59  ILE n 
1 60  ILE n 
1 61  LYS n 
1 62  THR n 
1 63  PRO n 
1 64  MET n 
1 65  ASP n 
1 66  MET n 
1 67  GLY n 
1 68  THR n 
1 69  ILE n 
1 70  LYS n 
1 71  LYS n 
1 72  ARG n 
1 73  LEU n 
1 74  GLU n 
1 75  ASN n 
1 76  ASN n 
1 77  TYR n 
1 78  TYR n 
1 79  TRP n 
1 80  ASN n 
1 81  ALA n 
1 82  GLN n 
1 83  GLU n 
1 84  CYS n 
1 85  ILE n 
1 86  GLN n 
1 87  ASP n 
1 88  PHE n 
1 89  ASN n 
1 90  THR n 
1 91  MET n 
1 92  PHE n 
1 93  THR n 
1 94  ASN n 
1 95  CYS n 
1 96  TYR n 
1 97  ILE n 
1 98  TYR n 
1 99  ASN n 
1 100 LYS n 
1 101 PRO n 
1 102 GLY n 
1 103 ASP n 
1 104 ASP n 
1 105 ILE n 
1 106 VAL n 
1 107 LEU n 
1 108 MET n 
1 109 ALA n 
1 110 GLU n 
1 111 ALA n 
1 112 LEU n 
1 113 GLU n 
1 114 LYS n 
1 115 LEU n 
1 116 PHE n 
1 117 LEU n 
1 118 GLN n 
1 119 LYS n 
1 120 ILE n 
1 121 ASN n 
1 122 GLU n 
1 123 LEU n 
1 124 PRO n 
1 125 THR n 
1 126 GLU n 
1 127 GLU n 
1 128 THR n 
1 129 GLU n 
# 
_entity_src_gen.entity_id                          1 
_entity_src_gen.pdbx_src_id                        1 
_entity_src_gen.pdbx_alt_source_flag               sample 
_entity_src_gen.pdbx_seq_type                      'Biological sequence' 
_entity_src_gen.pdbx_beg_seq_num                   1 
_entity_src_gen.pdbx_end_seq_num                   129 
_entity_src_gen.gene_src_common_name               Human 
_entity_src_gen.gene_src_genus                     ? 
_entity_src_gen.pdbx_gene_src_gene                 'BRD4, HUNK1' 
_entity_src_gen.gene_src_species                   ? 
_entity_src_gen.gene_src_strain                    ? 
_entity_src_gen.gene_src_tissue                    ? 
_entity_src_gen.gene_src_tissue_fraction           ? 
_entity_src_gen.gene_src_details                   ? 
_entity_src_gen.pdbx_gene_src_fragment             ? 
_entity_src_gen.pdbx_gene_src_scientific_name      'Homo sapiens' 
_entity_src_gen.pdbx_gene_src_ncbi_taxonomy_id     9606 
_entity_src_gen.pdbx_gene_src_variant              ? 
_entity_src_gen.pdbx_gene_src_cell_line            ? 
_entity_src_gen.pdbx_gene_src_atcc                 ? 
_entity_src_gen.pdbx_gene_src_organ                ? 
_entity_src_gen.pdbx_gene_src_organelle            ? 
_entity_src_gen.pdbx_gene_src_cell                 ? 
_entity_src_gen.pdbx_gene_src_cellular_location    ? 
_entity_src_gen.host_org_common_name               ? 
_entity_src_gen.pdbx_host_org_scientific_name      'Escherichia coli BL21(DE3)' 
_entity_src_gen.pdbx_host_org_ncbi_taxonomy_id     469008 
_entity_src_gen.host_org_genus                     ? 
_entity_src_gen.pdbx_host_org_gene                 ? 
_entity_src_gen.pdbx_host_org_organ                ? 
_entity_src_gen.host_org_species                   ? 
_entity_src_gen.pdbx_host_org_tissue               ? 
_entity_src_gen.pdbx_host_org_tissue_fraction      ? 
_entity_src_gen.pdbx_host_org_strain               ? 
_entity_src_gen.pdbx_host_org_variant              ? 
_entity_src_gen.pdbx_host_org_cell_line            ? 
_entity_src_gen.pdbx_host_org_atcc                 ? 
_entity_src_gen.pdbx_host_org_culture_collection   ? 
_entity_src_gen.pdbx_host_org_cell                 ? 
_entity_src_gen.pdbx_host_org_organelle            ? 
_entity_src_gen.pdbx_host_org_cellular_location    ? 
_entity_src_gen.pdbx_host_org_vector_type          plasmid 
_entity_src_gen.pdbx_host_org_vector               ? 
_entity_src_gen.host_org_details                   ? 
_entity_src_gen.expression_system_id               ? 
_entity_src_gen.plasmid_name                       pJExpress401 
_entity_src_gen.plasmid_details                    ? 
_entity_src_gen.pdbx_description                   ? 
# 
loop_
_chem_comp.id 
_chem_comp.type 
_chem_comp.mon_nstd_flag 
_chem_comp.name 
_chem_comp.pdbx_synonyms 
_chem_comp.formula 
_chem_comp.formula_weight 
ALA 'L-peptide linking' y ALANINE                                                                             ? 'C3 H7 N O2'     
89.093  
ARG 'L-peptide linking' y ARGININE                                                                            ? 'C6 H15 N4 O2 1' 
175.209 
ASN 'L-peptide linking' y ASPARAGINE                                                                          ? 'C4 H8 N2 O3'    
132.118 
ASP 'L-peptide linking' y 'ASPARTIC ACID'                                                                     ? 'C4 H7 N O4'     
133.103 
CYS 'L-peptide linking' y CYSTEINE                                                                            ? 'C3 H7 N O2 S'   
121.158 
GLN 'L-peptide linking' y GLUTAMINE                                                                           ? 'C5 H10 N2 O3'   
146.144 
GLU 'L-peptide linking' y 'GLUTAMIC ACID'                                                                     ? 'C5 H9 N O4'     
147.129 
GLY 'peptide linking'   y GLYCINE                                                                             ? 'C2 H5 N O2'     
75.067  
HIS 'L-peptide linking' y HISTIDINE                                                                           ? 'C6 H10 N3 O2 1' 
156.162 
HOH non-polymer         . WATER                                                                               ? 'H2 O'           
18.015  
ILE 'L-peptide linking' y ISOLEUCINE                                                                          ? 'C6 H13 N O2'    
131.173 
LEU 'L-peptide linking' y LEUCINE                                                                             ? 'C6 H13 N O2'    
131.173 
LYS 'L-peptide linking' y LYSINE                                                                              ? 'C6 H15 N2 O2 1' 
147.195 
MET 'L-peptide linking' y METHIONINE                                                                          ? 'C5 H11 N O2 S'  
149.211 
PHE 'L-peptide linking' y PHENYLALANINE                                                                       ? 'C9 H11 N O2'    
165.189 
PRO 'L-peptide linking' y PROLINE                                                                             ? 'C5 H9 N O2'     
115.130 
SER 'L-peptide linking' y SERINE                                                                              ? 'C3 H7 N O3'     
105.093 
THR 'L-peptide linking' y THREONINE                                                                           ? 'C4 H9 N O3'     
119.119 
TRP 'L-peptide linking' y TRYPTOPHAN                                                                          ? 'C11 H12 N2 O2'  
204.225 
TYR 'L-peptide linking' y TYROSINE                                                                            ? 'C9 H11 N O3'    
181.189 
VAL 'L-peptide linking' y VALINE                                                                              ? 'C5 H11 N O2'    
117.146 
Y80 non-polymer         . '4-[(2E)-3-(4-methoxyphenyl)-2-phenylprop-2-enoyl]-3,4-dihydroquinoxalin-2(1H)-one' ? 'C24 H20 N2 O3'  
384.427 
# 
loop_
_pdbx_poly_seq_scheme.asym_id 
_pdbx_poly_seq_scheme.entity_id 
_pdbx_poly_seq_scheme.seq_id 
_pdbx_poly_seq_scheme.mon_id 
_pdbx_poly_seq_scheme.ndb_seq_num 
_pdbx_poly_seq_scheme.pdb_seq_num 
_pdbx_poly_seq_scheme.auth_seq_num 
_pdbx_poly_seq_scheme.pdb_mon_id 
_pdbx_poly_seq_scheme.auth_mon_id 
_pdbx_poly_seq_scheme.pdb_strand_id 
_pdbx_poly_seq_scheme.pdb_ins_code 
_pdbx_poly_seq_scheme.hetero 
A 1 1   SER 1   42  42  SER SER A . n 
A 1 2   MET 2   43  43  MET MET A . n 
A 1 3   ASN 3   44  44  ASN ASN A . n 
A 1 4   PRO 4   45  45  PRO PRO A . n 
A 1 5   PRO 5   46  46  PRO PRO A . n 
A 1 6   PRO 6   47  47  PRO PRO A . n 
A 1 7   PRO 7   48  48  PRO PRO A . n 
A 1 8   GLU 8   49  49  GLU GLU A . n 
A 1 9   THR 9   50  50  THR THR A . n 
A 1 10  SER 10  51  51  SER SER A . n 
A 1 11  ASN 11  52  52  ASN ASN A . n 
A 1 12  PRO 12  53  53  PRO PRO A . n 
A 1 13  ASN 13  54  54  ASN ASN A . n 
A 1 14  LYS 14  55  55  LYS LYS A . n 
A 1 15  PRO 15  56  56  PRO PRO A . n 
A 1 16  LYS 16  57  57  LYS LYS A . n 
A 1 17  ARG 17  58  58  ARG ARG A . n 
A 1 18  GLN 18  59  59  GLN GLN A . n 
A 1 19  THR 19  60  60  THR THR A . n 
A 1 20  ASN 20  61  61  ASN ASN A . n 
A 1 21  GLN 21  62  62  GLN GLN A . n 
A 1 22  LEU 22  63  63  LEU LEU A . n 
A 1 23  GLN 23  64  64  GLN GLN A . n 
A 1 24  TYR 24  65  65  TYR TYR A . n 
A 1 25  LEU 25  66  66  LEU LEU A . n 
A 1 26  LEU 26  67  67  LEU LEU A . n 
A 1 27  ARG 27  68  68  ARG ARG A . n 
A 1 28  VAL 28  69  69  VAL VAL A . n 
A 1 29  VAL 29  70  70  VAL VAL A . n 
A 1 30  LEU 30  71  71  LEU LEU A . n 
A 1 31  LYS 31  72  72  LYS LYS A . n 
A 1 32  THR 32  73  73  THR THR A . n 
A 1 33  LEU 33  74  74  LEU LEU A . n 
A 1 34  TRP 34  75  75  TRP TRP A . n 
A 1 35  LYS 35  76  76  LYS LYS A . n 
A 1 36  HIS 36  77  77  HIS HIS A . n 
A 1 37  GLN 37  78  78  GLN GLN A . n 
A 1 38  PHE 38  79  79  PHE PHE A . n 
A 1 39  ALA 39  80  80  ALA ALA A . n 
A 1 40  TRP 40  81  81  TRP TRP A . n 
A 1 41  PRO 41  82  82  PRO PRO A . n 
A 1 42  PHE 42  83  83  PHE PHE A . n 
A 1 43  GLN 43  84  84  GLN GLN A . n 
A 1 44  GLN 44  85  85  GLN GLN A . n 
A 1 45  PRO 45  86  86  PRO PRO A . n 
A 1 46  VAL 46  87  87  VAL VAL A . n 
A 1 47  ASP 47  88  88  ASP ASP A . n 
A 1 48  ALA 48  89  89  ALA ALA A . n 
A 1 49  VAL 49  90  90  VAL VAL A . n 
A 1 50  LYS 50  91  91  LYS LYS A . n 
A 1 51  LEU 51  92  92  LEU LEU A . n 
A 1 52  ASN 52  93  93  ASN ASN A . n 
A 1 53  LEU 53  94  94  LEU LEU A . n 
A 1 54  PRO 54  95  95  PRO PRO A . n 
A 1 55  ASP 55  96  96  ASP ASP A . n 
A 1 56  TYR 56  97  97  TYR TYR A . n 
A 1 57  TYR 57  98  98  TYR TYR A . n 
A 1 58  LYS 58  99  99  LYS LYS A . n 
A 1 59  ILE 59  100 100 ILE ILE A . n 
A 1 60  ILE 60  101 101 ILE ILE A . n 
A 1 61  LYS 61  102 102 LYS LYS A . n 
A 1 62  THR 62  103 103 THR THR A . n 
A 1 63  PRO 63  104 104 PRO PRO A . n 
A 1 64  MET 64  105 105 MET MET A . n 
A 1 65  ASP 65  106 106 ASP ASP A . n 
A 1 66  MET 66  107 107 MET MET A . n 
A 1 67  GLY 67  108 108 GLY GLY A . n 
A 1 68  THR 68  109 109 THR THR A . n 
A 1 69  ILE 69  110 110 ILE ILE A . n 
A 1 70  LYS 70  111 111 LYS LYS A . n 
A 1 71  LYS 71  112 112 LYS LYS A . n 
A 1 72  ARG 72  113 113 ARG ARG A . n 
A 1 73  LEU 73  114 114 LEU LEU A . n 
A 1 74  GLU 74  115 115 GLU GLU A . n 
A 1 75  ASN 75  116 116 ASN ASN A . n 
A 1 76  ASN 76  117 117 ASN ASN A . n 
A 1 77  TYR 77  118 118 TYR TYR A . n 
A 1 78  TYR 78  119 119 TYR TYR A . n 
A 1 79  TRP 79  120 120 TRP TRP A . n 
A 1 80  ASN 80  121 121 ASN ASN A . n 
A 1 81  ALA 81  122 122 ALA ALA A . n 
A 1 82  GLN 82  123 123 GLN GLN A . n 
A 1 83  GLU 83  124 124 GLU GLU A . n 
A 1 84  CYS 84  125 125 CYS CYS A . n 
A 1 85  ILE 85  126 126 ILE ILE A . n 
A 1 86  GLN 86  127 127 GLN GLN A . n 
A 1 87  ASP 87  128 128 ASP ASP A . n 
A 1 88  PHE 88  129 129 PHE PHE A . n 
A 1 89  ASN 89  130 130 ASN ASN A . n 
A 1 90  THR 90  131 131 THR THR A . n 
A 1 91  MET 91  132 132 MET MET A . n 
A 1 92  PHE 92  133 133 PHE PHE A . n 
A 1 93  THR 93  134 134 THR THR A . n 
A 1 94  ASN 94  135 135 ASN ASN A . n 
A 1 95  CYS 95  136 136 CYS CYS A . n 
A 1 96  TYR 96  137 137 TYR TYR A . n 
A 1 97  ILE 97  138 138 ILE ILE A . n 
A 1 98  TYR 98  139 139 TYR TYR A . n 
A 1 99  ASN 99  140 140 ASN ASN A . n 
A 1 100 LYS 100 141 141 LYS LYS A . n 
A 1 101 PRO 101 142 142 PRO PRO A . n 
A 1 102 GLY 102 143 143 GLY GLY A . n 
A 1 103 ASP 103 144 144 ASP ASP A . n 
A 1 104 ASP 104 145 145 ASP ASP A . n 
A 1 105 ILE 105 146 146 ILE ILE A . n 
A 1 106 VAL 106 147 147 VAL VAL A . n 
A 1 107 LEU 107 148 148 LEU LEU A . n 
A 1 108 MET 108 149 149 MET MET A . n 
A 1 109 ALA 109 150 150 ALA ALA A . n 
A 1 110 GLU 110 151 151 GLU GLU A . n 
A 1 111 ALA 111 152 152 ALA ALA A . n 
A 1 112 LEU 112 153 153 LEU LEU A . n 
A 1 113 GLU 113 154 154 GLU GLU A . n 
A 1 114 LYS 114 155 155 LYS LYS A . n 
A 1 115 LEU 115 156 156 LEU LEU A . n 
A 1 116 PHE 116 157 157 PHE PHE A . n 
A 1 117 LEU 117 158 158 LEU LEU A . n 
A 1 118 GLN 118 159 159 GLN GLN A . n 
A 1 119 LYS 119 160 160 LYS LYS A . n 
A 1 120 ILE 120 161 161 ILE ILE A . n 
A 1 121 ASN 121 162 162 ASN ASN A . n 
A 1 122 GLU 122 163 163 GLU GLU A . n 
A 1 123 LEU 123 164 164 LEU LEU A . n 
A 1 124 PRO 124 165 165 PRO PRO A . n 
A 1 125 THR 125 166 166 THR THR A . n 
A 1 126 GLU 126 167 167 GLU GLU A . n 
A 1 127 GLU 127 168 168 GLU GLU A . n 
A 1 128 THR 128 169 169 THR THR A . n 
A 1 129 GLU 129 170 ?   ?   ?   A . n 
# 
loop_
_pdbx_nonpoly_scheme.asym_id 
_pdbx_nonpoly_scheme.entity_id 
_pdbx_nonpoly_scheme.mon_id 
_pdbx_nonpoly_scheme.ndb_seq_num 
_pdbx_nonpoly_scheme.pdb_seq_num 
_pdbx_nonpoly_scheme.auth_seq_num 
_pdbx_nonpoly_scheme.pdb_mon_id 
_pdbx_nonpoly_scheme.auth_mon_id 
_pdbx_nonpoly_scheme.pdb_strand_id 
_pdbx_nonpoly_scheme.pdb_ins_code 
B 2 Y80 1   201 1   Y80 Y80 A . 
C 3 HOH 1   301 86  HOH HOH A . 
C 3 HOH 2   302 214 HOH HOH A . 
C 3 HOH 3   303 164 HOH HOH A . 
C 3 HOH 4   304 179 HOH HOH A . 
C 3 HOH 5   305 94  HOH HOH A . 
C 3 HOH 6   306 69  HOH HOH A . 
C 3 HOH 7   307 97  HOH HOH A . 
C 3 HOH 8   308 131 HOH HOH A . 
C 3 HOH 9   309 64  HOH HOH A . 
C 3 HOH 10  310 194 HOH HOH A . 
C 3 HOH 11  311 68  HOH HOH A . 
C 3 HOH 12  312 116 HOH HOH A . 
C 3 HOH 13  313 135 HOH HOH A . 
C 3 HOH 14  314 132 HOH HOH A . 
C 3 HOH 15  315 37  HOH HOH A . 
C 3 HOH 16  316 88  HOH HOH A . 
C 3 HOH 17  317 166 HOH HOH A . 
C 3 HOH 18  318 120 HOH HOH A . 
C 3 HOH 19  319 5   HOH HOH A . 
C 3 HOH 20  320 168 HOH HOH A . 
C 3 HOH 21  321 142 HOH HOH A . 
C 3 HOH 22  322 40  HOH HOH A . 
C 3 HOH 23  323 62  HOH HOH A . 
C 3 HOH 24  324 55  HOH HOH A . 
C 3 HOH 25  325 127 HOH HOH A . 
C 3 HOH 26  326 163 HOH HOH A . 
C 3 HOH 27  327 122 HOH HOH A . 
C 3 HOH 28  328 23  HOH HOH A . 
C 3 HOH 29  329 193 HOH HOH A . 
C 3 HOH 30  330 186 HOH HOH A . 
C 3 HOH 31  331 58  HOH HOH A . 
C 3 HOH 32  332 160 HOH HOH A . 
C 3 HOH 33  333 28  HOH HOH A . 
C 3 HOH 34  334 99  HOH HOH A . 
C 3 HOH 35  335 96  HOH HOH A . 
C 3 HOH 36  336 54  HOH HOH A . 
C 3 HOH 37  337 161 HOH HOH A . 
C 3 HOH 38  338 105 HOH HOH A . 
C 3 HOH 39  339 4   HOH HOH A . 
C 3 HOH 40  340 178 HOH HOH A . 
C 3 HOH 41  341 81  HOH HOH A . 
C 3 HOH 42  342 183 HOH HOH A . 
C 3 HOH 43  343 35  HOH HOH A . 
C 3 HOH 44  344 208 HOH HOH A . 
C 3 HOH 45  345 16  HOH HOH A . 
C 3 HOH 46  346 128 HOH HOH A . 
C 3 HOH 47  347 70  HOH HOH A . 
C 3 HOH 48  348 13  HOH HOH A . 
C 3 HOH 49  349 63  HOH HOH A . 
C 3 HOH 50  350 156 HOH HOH A . 
C 3 HOH 51  351 9   HOH HOH A . 
C 3 HOH 52  352 154 HOH HOH A . 
C 3 HOH 53  353 176 HOH HOH A . 
C 3 HOH 54  354 77  HOH HOH A . 
C 3 HOH 55  355 85  HOH HOH A . 
C 3 HOH 56  356 17  HOH HOH A . 
C 3 HOH 57  357 129 HOH HOH A . 
C 3 HOH 58  358 189 HOH HOH A . 
C 3 HOH 59  359 65  HOH HOH A . 
C 3 HOH 60  360 209 HOH HOH A . 
C 3 HOH 61  361 140 HOH HOH A . 
C 3 HOH 62  362 25  HOH HOH A . 
C 3 HOH 63  363 57  HOH HOH A . 
C 3 HOH 64  364 43  HOH HOH A . 
C 3 HOH 65  365 104 HOH HOH A . 
C 3 HOH 66  366 33  HOH HOH A . 
C 3 HOH 67  367 8   HOH HOH A . 
C 3 HOH 68  368 118 HOH HOH A . 
C 3 HOH 69  369 182 HOH HOH A . 
C 3 HOH 70  370 146 HOH HOH A . 
C 3 HOH 71  371 106 HOH HOH A . 
C 3 HOH 72  372 51  HOH HOH A . 
C 3 HOH 73  373 83  HOH HOH A . 
C 3 HOH 74  374 20  HOH HOH A . 
C 3 HOH 75  375 72  HOH HOH A . 
C 3 HOH 76  376 205 HOH HOH A . 
C 3 HOH 77  377 42  HOH HOH A . 
C 3 HOH 78  378 147 HOH HOH A . 
C 3 HOH 79  379 103 HOH HOH A . 
C 3 HOH 80  380 93  HOH HOH A . 
C 3 HOH 81  381 46  HOH HOH A . 
C 3 HOH 82  382 114 HOH HOH A . 
C 3 HOH 83  383 190 HOH HOH A . 
C 3 HOH 84  384 111 HOH HOH A . 
C 3 HOH 85  385 180 HOH HOH A . 
C 3 HOH 86  386 204 HOH HOH A . 
C 3 HOH 87  387 210 HOH HOH A . 
C 3 HOH 88  388 143 HOH HOH A . 
C 3 HOH 89  389 21  HOH HOH A . 
C 3 HOH 90  390 185 HOH HOH A . 
C 3 HOH 91  391 215 HOH HOH A . 
C 3 HOH 92  392 102 HOH HOH A . 
C 3 HOH 93  393 137 HOH HOH A . 
C 3 HOH 94  394 60  HOH HOH A . 
C 3 HOH 95  395 159 HOH HOH A . 
C 3 HOH 96  396 192 HOH HOH A . 
C 3 HOH 97  397 150 HOH HOH A . 
C 3 HOH 98  398 112 HOH HOH A . 
C 3 HOH 99  399 49  HOH HOH A . 
C 3 HOH 100 400 207 HOH HOH A . 
C 3 HOH 101 401 52  HOH HOH A . 
C 3 HOH 102 402 141 HOH HOH A . 
C 3 HOH 103 403 89  HOH HOH A . 
C 3 HOH 104 404 138 HOH HOH A . 
C 3 HOH 105 405 213 HOH HOH A . 
C 3 HOH 106 406 219 HOH HOH A . 
C 3 HOH 107 407 92  HOH HOH A . 
C 3 HOH 108 408 151 HOH HOH A . 
C 3 HOH 109 409 187 HOH HOH A . 
C 3 HOH 110 410 152 HOH HOH A . 
C 3 HOH 111 411 121 HOH HOH A . 
C 3 HOH 112 412 126 HOH HOH A . 
C 3 HOH 113 413 217 HOH HOH A . 
C 3 HOH 114 414 175 HOH HOH A . 
C 3 HOH 115 415 169 HOH HOH A . 
C 3 HOH 116 416 203 HOH HOH A . 
C 3 HOH 117 417 1   HOH HOH A . 
C 3 HOH 118 418 2   HOH HOH A . 
C 3 HOH 119 419 3   HOH HOH A . 
C 3 HOH 120 420 6   HOH HOH A . 
C 3 HOH 121 421 7   HOH HOH A . 
C 3 HOH 122 422 10  HOH HOH A . 
C 3 HOH 123 423 11  HOH HOH A . 
C 3 HOH 124 424 12  HOH HOH A . 
C 3 HOH 125 425 14  HOH HOH A . 
C 3 HOH 126 426 15  HOH HOH A . 
C 3 HOH 127 427 18  HOH HOH A . 
C 3 HOH 128 428 19  HOH HOH A . 
C 3 HOH 129 429 22  HOH HOH A . 
C 3 HOH 130 430 24  HOH HOH A . 
C 3 HOH 131 431 26  HOH HOH A . 
C 3 HOH 132 432 27  HOH HOH A . 
C 3 HOH 133 433 29  HOH HOH A . 
C 3 HOH 134 434 30  HOH HOH A . 
C 3 HOH 135 435 31  HOH HOH A . 
C 3 HOH 136 436 32  HOH HOH A . 
C 3 HOH 137 437 34  HOH HOH A . 
C 3 HOH 138 438 36  HOH HOH A . 
C 3 HOH 139 439 38  HOH HOH A . 
C 3 HOH 140 440 39  HOH HOH A . 
C 3 HOH 141 441 41  HOH HOH A . 
C 3 HOH 142 442 44  HOH HOH A . 
C 3 HOH 143 443 45  HOH HOH A . 
C 3 HOH 144 444 47  HOH HOH A . 
C 3 HOH 145 445 48  HOH HOH A . 
C 3 HOH 146 446 50  HOH HOH A . 
C 3 HOH 147 447 53  HOH HOH A . 
C 3 HOH 148 448 56  HOH HOH A . 
C 3 HOH 149 449 59  HOH HOH A . 
C 3 HOH 150 450 61  HOH HOH A . 
C 3 HOH 151 451 66  HOH HOH A . 
C 3 HOH 152 452 67  HOH HOH A . 
C 3 HOH 153 453 71  HOH HOH A . 
C 3 HOH 154 454 73  HOH HOH A . 
C 3 HOH 155 455 74  HOH HOH A . 
C 3 HOH 156 456 75  HOH HOH A . 
C 3 HOH 157 457 76  HOH HOH A . 
C 3 HOH 158 458 78  HOH HOH A . 
C 3 HOH 159 459 79  HOH HOH A . 
C 3 HOH 160 460 80  HOH HOH A . 
C 3 HOH 161 461 82  HOH HOH A . 
C 3 HOH 162 462 84  HOH HOH A . 
C 3 HOH 163 463 87  HOH HOH A . 
C 3 HOH 164 464 90  HOH HOH A . 
C 3 HOH 165 465 91  HOH HOH A . 
C 3 HOH 166 466 95  HOH HOH A . 
C 3 HOH 167 467 98  HOH HOH A . 
C 3 HOH 168 468 100 HOH HOH A . 
C 3 HOH 169 469 101 HOH HOH A . 
C 3 HOH 170 470 107 HOH HOH A . 
C 3 HOH 171 471 108 HOH HOH A . 
C 3 HOH 172 472 109 HOH HOH A . 
C 3 HOH 173 473 110 HOH HOH A . 
C 3 HOH 174 474 113 HOH HOH A . 
C 3 HOH 175 475 115 HOH HOH A . 
C 3 HOH 176 476 117 HOH HOH A . 
C 3 HOH 177 477 119 HOH HOH A . 
C 3 HOH 178 478 123 HOH HOH A . 
C 3 HOH 179 479 124 HOH HOH A . 
C 3 HOH 180 480 125 HOH HOH A . 
C 3 HOH 181 481 130 HOH HOH A . 
C 3 HOH 182 482 133 HOH HOH A . 
C 3 HOH 183 483 134 HOH HOH A . 
C 3 HOH 184 484 136 HOH HOH A . 
C 3 HOH 185 485 139 HOH HOH A . 
C 3 HOH 186 486 144 HOH HOH A . 
C 3 HOH 187 487 145 HOH HOH A . 
C 3 HOH 188 488 148 HOH HOH A . 
C 3 HOH 189 489 149 HOH HOH A . 
C 3 HOH 190 490 153 HOH HOH A . 
C 3 HOH 191 491 155 HOH HOH A . 
C 3 HOH 192 492 157 HOH HOH A . 
C 3 HOH 193 493 158 HOH HOH A . 
C 3 HOH 194 494 162 HOH HOH A . 
C 3 HOH 195 495 165 HOH HOH A . 
C 3 HOH 196 496 167 HOH HOH A . 
C 3 HOH 197 497 170 HOH HOH A . 
C 3 HOH 198 498 171 HOH HOH A . 
C 3 HOH 199 499 172 HOH HOH A . 
C 3 HOH 200 500 173 HOH HOH A . 
C 3 HOH 201 501 174 HOH HOH A . 
C 3 HOH 202 502 177 HOH HOH A . 
C 3 HOH 203 503 181 HOH HOH A . 
C 3 HOH 204 504 184 HOH HOH A . 
C 3 HOH 205 505 188 HOH HOH A . 
C 3 HOH 206 506 191 HOH HOH A . 
C 3 HOH 207 507 195 HOH HOH A . 
C 3 HOH 208 508 196 HOH HOH A . 
C 3 HOH 209 509 197 HOH HOH A . 
C 3 HOH 210 510 198 HOH HOH A . 
C 3 HOH 211 511 199 HOH HOH A . 
C 3 HOH 212 512 200 HOH HOH A . 
C 3 HOH 213 513 201 HOH HOH A . 
C 3 HOH 214 514 202 HOH HOH A . 
C 3 HOH 215 515 206 HOH HOH A . 
C 3 HOH 216 516 211 HOH HOH A . 
C 3 HOH 217 517 212 HOH HOH A . 
C 3 HOH 218 518 216 HOH HOH A . 
C 3 HOH 219 519 218 HOH HOH A . 
C 3 HOH 220 520 220 HOH HOH A . 
C 3 HOH 221 521 221 HOH HOH A . 
# 
loop_
_software.citation_id 
_software.classification 
_software.compiler_name 
_software.compiler_version 
_software.contact_author 
_software.contact_author_email 
_software.date 
_software.description 
_software.dependencies 
_software.hardware 
_software.language 
_software.location 
_software.mods 
_software.name 
_software.os 
_software.os_version 
_software.type 
_software.version 
_software.pdbx_ordinal 
? 'data reduction'  ? ? ? ? ? ? ? ? ? ? ? HKL-2000    ? ? ? .        1 
? 'data extraction' ? ? ? ? ? ? ? ? ? ? ? PDB_EXTRACT ? ? ? 3.11     2 
? refinement        ? ? ? ? ? ? ? ? ? ? ? REFMAC      ? ? ? 5.8.0049 3 
? 'data reduction'  ? ? ? ? ? ? ? ? ? ? ? DENZO       ? ? ? .        4 
? 'data scaling'    ? ? ? ? ? ? ? ? ? ? ? SCALEPACK   ? ? ? .        5 
# 
_cell.angle_alpha                  90.000 
_cell.angle_alpha_esd              ? 
_cell.angle_beta                   90.000 
_cell.angle_beta_esd               ? 
_cell.angle_gamma                  90.000 
_cell.angle_gamma_esd              ? 
_cell.entry_id                     4YH3 
_cell.details                      ? 
_cell.formula_units_Z              ? 
_cell.length_a                     37.936 
_cell.length_a_esd                 ? 
_cell.length_b                     44.072 
_cell.length_b_esd                 ? 
_cell.length_c                     78.161 
_cell.length_c_esd                 ? 
_cell.volume                       ? 
_cell.volume_esd                   ? 
_cell.Z_PDB                        4 
_cell.reciprocal_angle_alpha       ? 
_cell.reciprocal_angle_beta        ? 
_cell.reciprocal_angle_gamma       ? 
_cell.reciprocal_angle_alpha_esd   ? 
_cell.reciprocal_angle_beta_esd    ? 
_cell.reciprocal_angle_gamma_esd   ? 
_cell.reciprocal_length_a          ? 
_cell.reciprocal_length_b          ? 
_cell.reciprocal_length_c          ? 
_cell.reciprocal_length_a_esd      ? 
_cell.reciprocal_length_b_esd      ? 
_cell.reciprocal_length_c_esd      ? 
_cell.pdbx_unique_axis             ? 
# 
_symmetry.entry_id                         4YH3 
_symmetry.cell_setting                     ? 
_symmetry.Int_Tables_number                19 
_symmetry.space_group_name_Hall            ? 
_symmetry.space_group_name_H-M             'P 21 21 21' 
_symmetry.pdbx_full_space_group_name_H-M   ? 
# 
_exptl.absorpt_coefficient_mu     ? 
_exptl.absorpt_correction_T_max   ? 
_exptl.absorpt_correction_T_min   ? 
_exptl.absorpt_correction_type    ? 
_exptl.absorpt_process_details    ? 
_exptl.entry_id                   4YH3 
_exptl.crystals_number            1 
_exptl.details                    ? 
_exptl.method                     'X-RAY DIFFRACTION' 
_exptl.method_details             ? 
# 
_exptl_crystal.colour                      ? 
_exptl_crystal.density_diffrn              ? 
_exptl_crystal.density_Matthews            2.15 
_exptl_crystal.density_method              ? 
_exptl_crystal.density_percent_sol         42.77 
_exptl_crystal.description                 ? 
_exptl_crystal.F_000                       ? 
_exptl_crystal.id                          1 
_exptl_crystal.preparation                 ? 
_exptl_crystal.size_max                    ? 
_exptl_crystal.size_mid                    ? 
_exptl_crystal.size_min                    ? 
_exptl_crystal.size_rad                    ? 
_exptl_crystal.colour_lustre               ? 
_exptl_crystal.colour_modifier             ? 
_exptl_crystal.colour_primary              ? 
_exptl_crystal.density_meas                ? 
_exptl_crystal.density_meas_esd            ? 
_exptl_crystal.density_meas_gt             ? 
_exptl_crystal.density_meas_lt             ? 
_exptl_crystal.density_meas_temp           ? 
_exptl_crystal.density_meas_temp_esd       ? 
_exptl_crystal.density_meas_temp_gt        ? 
_exptl_crystal.density_meas_temp_lt        ? 
_exptl_crystal.pdbx_crystal_image_url      ? 
_exptl_crystal.pdbx_crystal_image_format   ? 
_exptl_crystal.pdbx_mosaicity              ? 
_exptl_crystal.pdbx_mosaicity_esd          ? 
# 
_exptl_crystal_grow.apparatus       ? 
_exptl_crystal_grow.atmosphere      ? 
_exptl_crystal_grow.crystal_id      1 
_exptl_crystal_grow.details         ? 
_exptl_crystal_grow.method          'VAPOR DIFFUSION, SITTING DROP' 
_exptl_crystal_grow.method_ref      ? 
_exptl_crystal_grow.pH              7.5 
_exptl_crystal_grow.pressure        ? 
_exptl_crystal_grow.pressure_esd    ? 
_exptl_crystal_grow.seeding         ? 
_exptl_crystal_grow.seeding_ref     ? 
_exptl_crystal_grow.temp            298 
_exptl_crystal_grow.temp_details    ? 
_exptl_crystal_grow.temp_esd        ? 
_exptl_crystal_grow.time            ? 
_exptl_crystal_grow.pdbx_details    
'10% PEG3350, 0.1 M HEPES, pH 7.5, 0.2 M L-proline, soaked in 20 mM ligand for 3 hours at room temperature' 
_exptl_crystal_grow.pdbx_pH_range   ? 
# 
_diffrn.ambient_environment    ? 
_diffrn.ambient_temp           100 
_diffrn.ambient_temp_details   ? 
_diffrn.ambient_temp_esd       ? 
_diffrn.crystal_id             1 
_diffrn.crystal_support        ? 
_diffrn.crystal_treatment      ? 
_diffrn.details                ? 
_diffrn.id                     1 
_diffrn.ambient_pressure       ? 
_diffrn.ambient_pressure_esd   ? 
_diffrn.ambient_pressure_gt    ? 
_diffrn.ambient_pressure_lt    ? 
_diffrn.ambient_temp_gt        ? 
_diffrn.ambient_temp_lt        ? 
# 
_diffrn_detector.details                      ? 
_diffrn_detector.detector                     CCD 
_diffrn_detector.diffrn_id                    1 
_diffrn_detector.type                         'ADSC QUANTUM 315r' 
_diffrn_detector.area_resol_mean              ? 
_diffrn_detector.dtime                        ? 
_diffrn_detector.pdbx_frames_total            ? 
_diffrn_detector.pdbx_collection_time_total   ? 
_diffrn_detector.pdbx_collection_date         2012-07-18 
# 
_diffrn_radiation.collimation                      ? 
_diffrn_radiation.diffrn_id                        1 
_diffrn_radiation.filter_edge                      ? 
_diffrn_radiation.inhomogeneity                    ? 
_diffrn_radiation.monochromator                    'Si(111)' 
_diffrn_radiation.polarisn_norm                    ? 
_diffrn_radiation.polarisn_ratio                   ? 
_diffrn_radiation.probe                            ? 
_diffrn_radiation.type                             ? 
_diffrn_radiation.xray_symbol                      ? 
_diffrn_radiation.wavelength_id                    1 
_diffrn_radiation.pdbx_monochromatic_or_laue_m_l   M 
_diffrn_radiation.pdbx_wavelength_list             ? 
_diffrn_radiation.pdbx_wavelength                  ? 
_diffrn_radiation.pdbx_diffrn_protocol             'SINGLE WAVELENGTH' 
_diffrn_radiation.pdbx_analyzer                    ? 
_diffrn_radiation.pdbx_scattering_type             x-ray 
# 
_diffrn_radiation_wavelength.id           1 
_diffrn_radiation_wavelength.wavelength   1.0750 
_diffrn_radiation_wavelength.wt           1.0 
# 
_diffrn_source.current                     ? 
_diffrn_source.details                     ? 
_diffrn_source.diffrn_id                   1 
_diffrn_source.power                       ? 
_diffrn_source.size                        ? 
_diffrn_source.source                      SYNCHROTRON 
_diffrn_source.target                      ? 
_diffrn_source.type                        'NSLS BEAMLINE X29A' 
_diffrn_source.voltage                     ? 
_diffrn_source.take-off_angle              ? 
_diffrn_source.pdbx_wavelength_list        1.0750 
_diffrn_source.pdbx_wavelength             ? 
_diffrn_source.pdbx_synchrotron_beamline   X29A 
_diffrn_source.pdbx_synchrotron_site       NSLS 
# 
_reflns.B_iso_Wilson_estimate            ? 
_reflns.entry_id                         4YH3 
_reflns.data_reduction_details           ? 
_reflns.data_reduction_method            ? 
_reflns.d_resolution_high                1.600 
_reflns.d_resolution_low                 50.000 
_reflns.details                          ? 
_reflns.limit_h_max                      ? 
_reflns.limit_h_min                      ? 
_reflns.limit_k_max                      ? 
_reflns.limit_k_min                      ? 
_reflns.limit_l_max                      ? 
_reflns.limit_l_min                      ? 
_reflns.number_all                       ? 
_reflns.number_obs                       17723 
_reflns.observed_criterion               ? 
_reflns.observed_criterion_F_max         ? 
_reflns.observed_criterion_F_min         ? 
_reflns.observed_criterion_I_max         ? 
_reflns.observed_criterion_I_min         ? 
_reflns.observed_criterion_sigma_F       ? 
_reflns.observed_criterion_sigma_I       ? 
_reflns.percent_possible_obs             98.700 
_reflns.R_free_details                   ? 
_reflns.Rmerge_F_all                     ? 
_reflns.Rmerge_F_obs                     ? 
_reflns.Friedel_coverage                 ? 
_reflns.number_gt                        ? 
_reflns.threshold_expression             ? 
_reflns.pdbx_redundancy                  6.000 
_reflns.pdbx_Rmerge_I_obs                0.088 
_reflns.pdbx_Rmerge_I_all                ? 
_reflns.pdbx_Rsym_value                  ? 
_reflns.pdbx_netI_over_av_sigmaI         24.092 
_reflns.pdbx_netI_over_sigmaI            11.700 
_reflns.pdbx_res_netI_over_av_sigmaI_2   ? 
_reflns.pdbx_res_netI_over_sigmaI_2      ? 
_reflns.pdbx_chi_squared                 1.490 
_reflns.pdbx_scaling_rejects             ? 
_reflns.pdbx_d_res_high_opt              ? 
_reflns.pdbx_d_res_low_opt               ? 
_reflns.pdbx_d_res_opt_method            ? 
_reflns.phase_calculation_details        ? 
_reflns.pdbx_Rrim_I_all                  ? 
_reflns.pdbx_Rpim_I_all                  ? 
_reflns.pdbx_d_opt                       ? 
_reflns.pdbx_number_measured_all         106654 
_reflns.pdbx_diffrn_id                   1 
_reflns.pdbx_ordinal                     1 
_reflns.pdbx_CC_half                     ? 
_reflns.pdbx_R_split                     ? 
# 
loop_
_reflns_shell.d_res_high 
_reflns_shell.d_res_low 
_reflns_shell.meanI_over_sigI_all 
_reflns_shell.meanI_over_sigI_obs 
_reflns_shell.number_measured_all 
_reflns_shell.number_measured_obs 
_reflns_shell.number_possible 
_reflns_shell.number_unique_all 
_reflns_shell.number_unique_obs 
_reflns_shell.percent_possible_all 
_reflns_shell.percent_possible_obs 
_reflns_shell.Rmerge_F_all 
_reflns_shell.Rmerge_F_obs 
_reflns_shell.Rmerge_I_all 
_reflns_shell.Rmerge_I_obs 
_reflns_shell.meanI_over_sigI_gt 
_reflns_shell.meanI_over_uI_all 
_reflns_shell.meanI_over_uI_gt 
_reflns_shell.number_measured_gt 
_reflns_shell.number_unique_gt 
_reflns_shell.percent_possible_gt 
_reflns_shell.Rmerge_F_gt 
_reflns_shell.Rmerge_I_gt 
_reflns_shell.pdbx_redundancy 
_reflns_shell.pdbx_Rsym_value 
_reflns_shell.pdbx_chi_squared 
_reflns_shell.pdbx_netI_over_sigmaI_all 
_reflns_shell.pdbx_netI_over_sigmaI_obs 
_reflns_shell.pdbx_Rrim_I_all 
_reflns_shell.pdbx_Rpim_I_all 
_reflns_shell.pdbx_rejects 
_reflns_shell.pdbx_ordinal 
_reflns_shell.pdbx_diffrn_id 
_reflns_shell.pdbx_CC_half 
_reflns_shell.pdbx_R_split 
1.600 1.660  ? 3.5 ? ? ? 1765 ? 100.000 ? ? ? ? 0.664 ? ? ? ? ? ? ? ? 6.100 ? 0.936 ? ? ? ? ? 1  1 ? ? 
1.660 1.720  ? ?   ? ? ? 1744 ? 100.000 ? ? ? ? 0.485 ? ? ? ? ? ? ? ? 6.200 ? 1.021 ? ? ? ? ? 2  ? ? ? 
1.720 1.800  ? ?   ? ? ? 1762 ? 100.000 ? ? ? ? 0.349 ? ? ? ? ? ? ? ? 6.100 ? 1.129 ? ? ? ? ? 3  ? ? ? 
1.800 1.900  ? ?   ? ? ? 1774 ? 100.000 ? ? ? ? 0.253 ? ? ? ? ? ? ? ? 6.100 ? 1.233 ? ? ? ? ? 4  ? ? ? 
1.900 2.020  ? ?   ? ? ? 1761 ? 99.900  ? ? ? ? 0.173 ? ? ? ? ? ? ? ? 6.200 ? 1.403 ? ? ? ? ? 5  ? ? ? 
2.020 2.170  ? ?   ? ? ? 1775 ? 100.000 ? ? ? ? 0.127 ? ? ? ? ? ? ? ? 6.100 ? 1.644 ? ? ? ? ? 6  ? ? ? 
2.170 2.390  ? ?   ? ? ? 1786 ? 99.800  ? ? ? ? 0.109 ? ? ? ? ? ? ? ? 6.100 ? 1.821 ? ? ? ? ? 7  ? ? ? 
2.390 2.740  ? ?   ? ? ? 1788 ? 98.900  ? ? ? ? 0.091 ? ? ? ? ? ? ? ? 6.000 ? 1.914 ? ? ? ? ? 8  ? ? ? 
2.740 3.450  ? ?   ? ? ? 1788 ? 97.600  ? ? ? ? 0.073 ? ? ? ? ? ? ? ? 5.700 ? 1.866 ? ? ? ? ? 9  ? ? ? 
3.450 50.000 ? ?   ? ? ? 1780 ? 91.800  ? ? ? ? 0.070 ? ? ? ? ? ? ? ? 5.500 ? 2.017 ? ? ? ? ? 10 ? ? ? 
# 
_refine.aniso_B[1][1]                            -0.0400 
_refine.aniso_B[1][2]                            0.0000 
_refine.aniso_B[1][3]                            -0.0000 
_refine.aniso_B[2][2]                            0.0500 
_refine.aniso_B[2][3]                            -0.0000 
_refine.aniso_B[3][3]                            -0.0100 
_refine.B_iso_max                                84.120 
_refine.B_iso_mean                               29.6066 
_refine.B_iso_min                                18.330 
_refine.correlation_coeff_Fo_to_Fc               0.9710 
_refine.correlation_coeff_Fo_to_Fc_free          0.9560 
_refine.details                                  
'HYDROGENS HAVE BEEN ADDED IN THE RIDING POSITIONS U VALUES      : REFINED INDIVIDUALLY' 
_refine.diff_density_max                         ? 
_refine.diff_density_max_esd                     ? 
_refine.diff_density_min                         ? 
_refine.diff_density_min_esd                     ? 
_refine.diff_density_rms                         ? 
_refine.diff_density_rms_esd                     ? 
_refine.entry_id                                 4YH3 
_refine.pdbx_refine_id                           'X-RAY DIFFRACTION' 
_refine.ls_abs_structure_details                 ? 
_refine.ls_abs_structure_Flack                   ? 
_refine.ls_abs_structure_Flack_esd               ? 
_refine.ls_abs_structure_Rogers                  ? 
_refine.ls_abs_structure_Rogers_esd              ? 
_refine.ls_d_res_high                            1.6000 
_refine.ls_d_res_low                             29.2400 
_refine.ls_extinction_coef                       ? 
_refine.ls_extinction_coef_esd                   ? 
_refine.ls_extinction_expression                 ? 
_refine.ls_extinction_method                     ? 
_refine.ls_goodness_of_fit_all                   ? 
_refine.ls_goodness_of_fit_all_esd               ? 
_refine.ls_goodness_of_fit_obs                   ? 
_refine.ls_goodness_of_fit_obs_esd               ? 
_refine.ls_hydrogen_treatment                    ? 
_refine.ls_matrix_type                           ? 
_refine.ls_number_constraints                    ? 
_refine.ls_number_parameters                     ? 
_refine.ls_number_reflns_all                     ? 
_refine.ls_number_reflns_obs                     17608 
_refine.ls_number_reflns_R_free                  895 
_refine.ls_number_reflns_R_work                  16713 
_refine.ls_number_restraints                     ? 
_refine.ls_percent_reflns_obs                    97.8400 
_refine.ls_percent_reflns_R_free                 5.1000 
_refine.ls_R_factor_all                          ? 
_refine.ls_R_factor_obs                          0.1617 
_refine.ls_R_factor_R_free                       0.1994 
_refine.ls_R_factor_R_free_error                 ? 
_refine.ls_R_factor_R_free_error_details         ? 
_refine.ls_R_factor_R_work                       0.1597 
_refine.ls_R_Fsqd_factor_obs                     ? 
_refine.ls_R_I_factor_obs                        ? 
_refine.ls_redundancy_reflns_all                 ? 
_refine.ls_redundancy_reflns_obs                 ? 
_refine.ls_restrained_S_all                      ? 
_refine.ls_restrained_S_obs                      ? 
_refine.ls_shift_over_esd_max                    ? 
_refine.ls_shift_over_esd_mean                   ? 
_refine.ls_structure_factor_coef                 ? 
_refine.ls_weighting_details                     ? 
_refine.ls_weighting_scheme                      ? 
_refine.ls_wR_factor_all                         ? 
_refine.ls_wR_factor_obs                         ? 
_refine.ls_wR_factor_R_free                      ? 
_refine.ls_wR_factor_R_work                      ? 
_refine.occupancy_max                            1.000 
_refine.occupancy_min                            0.500 
_refine.solvent_model_details                    MASK 
_refine.solvent_model_param_bsol                 ? 
_refine.solvent_model_param_ksol                 ? 
_refine.ls_R_factor_gt                           ? 
_refine.ls_goodness_of_fit_gt                    ? 
_refine.ls_goodness_of_fit_ref                   ? 
_refine.ls_shift_over_su_max                     ? 
_refine.ls_shift_over_su_max_lt                  ? 
_refine.ls_shift_over_su_mean                    ? 
_refine.ls_shift_over_su_mean_lt                 ? 
_refine.pdbx_ls_sigma_I                          ? 
_refine.pdbx_ls_sigma_F                          0.000 
_refine.pdbx_ls_sigma_Fsqd                       ? 
_refine.pdbx_data_cutoff_high_absF               ? 
_refine.pdbx_data_cutoff_high_rms_absF           ? 
_refine.pdbx_data_cutoff_low_absF                ? 
_refine.pdbx_isotropic_thermal_model             ? 
_refine.pdbx_ls_cross_valid_method               THROUGHOUT 
_refine.pdbx_method_to_determine_struct          'MOLECULAR REPLACEMENT' 
_refine.pdbx_starting_model                      ? 
_refine.pdbx_stereochemistry_target_values       'MAXIMUM LIKELIHOOD' 
_refine.pdbx_R_Free_selection_details            RANDOM 
_refine.pdbx_stereochem_target_val_spec_case     ? 
_refine.pdbx_overall_ESU_R                       0.0910 
_refine.pdbx_overall_ESU_R_Free                  0.0930 
_refine.pdbx_solvent_vdw_probe_radii             1.2000 
_refine.pdbx_solvent_ion_probe_radii             0.8000 
_refine.pdbx_solvent_shrinkage_radii             0.8000 
_refine.pdbx_real_space_R                        ? 
_refine.pdbx_density_correlation                 ? 
_refine.pdbx_pd_number_of_powder_patterns        ? 
_refine.pdbx_pd_number_of_points                 ? 
_refine.pdbx_pd_meas_number_of_points            ? 
_refine.pdbx_pd_proc_ls_prof_R_factor            ? 
_refine.pdbx_pd_proc_ls_prof_wR_factor           ? 
_refine.pdbx_pd_Marquardt_correlation_coeff      ? 
_refine.pdbx_pd_Fsqrd_R_factor                   ? 
_refine.pdbx_pd_ls_matrix_band_width             ? 
_refine.pdbx_overall_phase_error                 ? 
_refine.pdbx_overall_SU_R_free_Cruickshank_DPI   ? 
_refine.pdbx_overall_SU_R_free_Blow_DPI          ? 
_refine.pdbx_overall_SU_R_Blow_DPI               ? 
_refine.pdbx_TLS_residual_ADP_flag               ? 
_refine.pdbx_diffrn_id                           1 
_refine.overall_SU_B                             1.8750 
_refine.overall_SU_ML                            0.0650 
_refine.overall_SU_R_Cruickshank_DPI             ? 
_refine.overall_SU_R_free                        ? 
_refine.overall_FOM_free_R_set                   ? 
_refine.overall_FOM_work_R_set                   ? 
_refine.pdbx_average_fsc_overall                 ? 
_refine.pdbx_average_fsc_work                    ? 
_refine.pdbx_average_fsc_free                    ? 
# 
_refine_hist.pdbx_refine_id                   'X-RAY DIFFRACTION' 
_refine_hist.cycle_id                         LAST 
_refine_hist.pdbx_number_atoms_protein        1068 
_refine_hist.pdbx_number_atoms_nucleic_acid   0 
_refine_hist.pdbx_number_atoms_ligand         29 
_refine_hist.number_atoms_solvent             221 
_refine_hist.number_atoms_total               1318 
_refine_hist.d_res_high                       1.6000 
_refine_hist.d_res_low                        29.2400 
# 
loop_
_refine_ls_restr.pdbx_refine_id 
_refine_ls_restr.criterion 
_refine_ls_restr.dev_ideal 
_refine_ls_restr.dev_ideal_target 
_refine_ls_restr.number 
_refine_ls_restr.rejects 
_refine_ls_restr.type 
_refine_ls_restr.weight 
_refine_ls_restr.pdbx_restraint_function 
'X-RAY DIFFRACTION' ? 0.021  0.020  1177 ? r_bond_refined_d       ? ? 
'X-RAY DIFFRACTION' ? 0.001  0.020  1116 ? r_bond_other_d         ? ? 
'X-RAY DIFFRACTION' ? 2.063  1.998  1608 ? r_angle_refined_deg    ? ? 
'X-RAY DIFFRACTION' ? 1.005  3.000  2583 ? r_angle_other_deg      ? ? 
'X-RAY DIFFRACTION' ? 5.942  5.000  137  ? r_dihedral_angle_1_deg ? ? 
'X-RAY DIFFRACTION' ? 42.146 26.140 57   ? r_dihedral_angle_2_deg ? ? 
'X-RAY DIFFRACTION' ? 13.517 15.000 212  ? r_dihedral_angle_3_deg ? ? 
'X-RAY DIFFRACTION' ? 17.349 15.000 3    ? r_dihedral_angle_4_deg ? ? 
'X-RAY DIFFRACTION' ? 0.135  0.200  165  ? r_chiral_restr         ? ? 
'X-RAY DIFFRACTION' ? 0.013  0.021  1346 ? r_gen_planes_refined   ? ? 
'X-RAY DIFFRACTION' ? 0.001  0.020  273  ? r_gen_planes_other     ? ? 
'X-RAY DIFFRACTION' ? 2.204  2.493  533  ? r_mcbond_it            ? ? 
'X-RAY DIFFRACTION' ? 2.155  2.484  532  ? r_mcbond_other         ? ? 
'X-RAY DIFFRACTION' ? 3.050  3.726  672  ? r_mcangle_it           ? ? 
# 
_refine_ls_shell.pdbx_refine_id                   'X-RAY DIFFRACTION' 
_refine_ls_shell.d_res_high                       1.5980 
_refine_ls_shell.d_res_low                        1.6390 
_refine_ls_shell.number_reflns_all                1202 
_refine_ls_shell.number_reflns_obs                ? 
_refine_ls_shell.number_reflns_R_free             48 
_refine_ls_shell.number_reflns_R_work             1154 
_refine_ls_shell.percent_reflns_obs               92.1800 
_refine_ls_shell.percent_reflns_R_free            ? 
_refine_ls_shell.R_factor_all                     ? 
_refine_ls_shell.R_factor_obs                     ? 
_refine_ls_shell.R_factor_R_free                  0.2780 
_refine_ls_shell.R_factor_R_free_error            ? 
_refine_ls_shell.R_factor_R_work                  0.2340 
_refine_ls_shell.redundancy_reflns_all            ? 
_refine_ls_shell.redundancy_reflns_obs            ? 
_refine_ls_shell.wR_factor_all                    ? 
_refine_ls_shell.wR_factor_obs                    ? 
_refine_ls_shell.wR_factor_R_free                 ? 
_refine_ls_shell.wR_factor_R_work                 ? 
_refine_ls_shell.pdbx_total_number_of_bins_used   20 
_refine_ls_shell.pdbx_phase_error                 ? 
_refine_ls_shell.pdbx_fsc_work                    ? 
_refine_ls_shell.pdbx_fsc_free                    ? 
# 
_struct.entry_id                     4YH3 
_struct.title                        
;Crystal structure of human BRD4(1) in complex with 4-[(2E)-3-(4-methoxyphenyl)-2-phenylprop-2-enoyl]-3,4-dihydroquinoxalin-2(1H)-one (compound 19a)
;
_struct.pdbx_model_details           ? 
_struct.pdbx_formula_weight          ? 
_struct.pdbx_formula_weight_method   ? 
_struct.pdbx_model_type_details      ? 
_struct.pdbx_CASP_flag               ? 
# 
_struct_keywords.entry_id        4YH3 
_struct_keywords.text            'BRD4(1), PROTEIN BINDING' 
_struct_keywords.pdbx_keywords   'PROTEIN BINDING' 
# 
loop_
_struct_asym.id 
_struct_asym.pdbx_blank_PDB_chainid_flag 
_struct_asym.pdbx_modified 
_struct_asym.entity_id 
_struct_asym.details 
A N N 1 ? 
B N N 2 ? 
C N N 3 ? 
# 
_struct_ref.id                         1 
_struct_ref.db_name                    UNP 
_struct_ref.db_code                    BRD4_HUMAN 
_struct_ref.pdbx_db_accession          O60885 
_struct_ref.pdbx_db_isoform            ? 
_struct_ref.entity_id                  1 
_struct_ref.pdbx_seq_one_letter_code   
;NPPPPETSNPNKPKRQTNQLQYLLRVVLKTLWKHQFAWPFQQPVDAVKLNLPDYYKIIKTPMDMGTIKKRLENNYYWNAQ
ECIQDFNTMFTNCYIYNKPGDDIVLMAEALEKLFLQKINELPTEETE
;
_struct_ref.pdbx_align_begin           44 
# 
_struct_ref_seq.align_id                      1 
_struct_ref_seq.ref_id                        1 
_struct_ref_seq.pdbx_PDB_id_code              4YH3 
_struct_ref_seq.pdbx_strand_id                A 
_struct_ref_seq.seq_align_beg                 3 
_struct_ref_seq.pdbx_seq_align_beg_ins_code   ? 
_struct_ref_seq.seq_align_end                 129 
_struct_ref_seq.pdbx_seq_align_end_ins_code   ? 
_struct_ref_seq.pdbx_db_accession             O60885 
_struct_ref_seq.db_align_beg                  44 
_struct_ref_seq.pdbx_db_align_beg_ins_code    ? 
_struct_ref_seq.db_align_end                  170 
_struct_ref_seq.pdbx_db_align_end_ins_code    ? 
_struct_ref_seq.pdbx_auth_seq_align_beg       44 
_struct_ref_seq.pdbx_auth_seq_align_end       170 
# 
loop_
_struct_ref_seq_dif.align_id 
_struct_ref_seq_dif.pdbx_pdb_id_code 
_struct_ref_seq_dif.mon_id 
_struct_ref_seq_dif.pdbx_pdb_strand_id 
_struct_ref_seq_dif.seq_num 
_struct_ref_seq_dif.pdbx_pdb_ins_code 
_struct_ref_seq_dif.pdbx_seq_db_name 
_struct_ref_seq_dif.pdbx_seq_db_accession_code 
_struct_ref_seq_dif.db_mon_id 
_struct_ref_seq_dif.pdbx_seq_db_seq_num 
_struct_ref_seq_dif.details 
_struct_ref_seq_dif.pdbx_auth_seq_num 
_struct_ref_seq_dif.pdbx_ordinal 
1 4YH3 SER A 1 ? UNP O60885 ? ? 'expression tag' 42 1 
1 4YH3 MET A 2 ? UNP O60885 ? ? 'expression tag' 43 2 
# 
_pdbx_struct_assembly.id                   1 
_pdbx_struct_assembly.details              author_and_software_defined_assembly 
_pdbx_struct_assembly.method_details       PISA 
_pdbx_struct_assembly.oligomeric_details   monomeric 
_pdbx_struct_assembly.oligomeric_count     1 
# 
loop_
_pdbx_struct_assembly_prop.biol_id 
_pdbx_struct_assembly_prop.type 
_pdbx_struct_assembly_prop.value 
_pdbx_struct_assembly_prop.details 
1 'ABSA (A^2)' 0    ? 
1 MORE         0    ? 
1 'SSA (A^2)'  7740 ? 
# 
_pdbx_struct_assembly_gen.assembly_id       1 
_pdbx_struct_assembly_gen.oper_expression   1 
_pdbx_struct_assembly_gen.asym_id_list      A,B,C 
# 
_pdbx_struct_oper_list.id                   1 
_pdbx_struct_oper_list.type                 'identity operation' 
_pdbx_struct_oper_list.name                 1_555 
_pdbx_struct_oper_list.symmetry_operation   x,y,z 
_pdbx_struct_oper_list.matrix[1][1]         1.0000000000 
_pdbx_struct_oper_list.matrix[1][2]         0.0000000000 
_pdbx_struct_oper_list.matrix[1][3]         0.0000000000 
_pdbx_struct_oper_list.vector[1]            0.0000000000 
_pdbx_struct_oper_list.matrix[2][1]         0.0000000000 
_pdbx_struct_oper_list.matrix[2][2]         1.0000000000 
_pdbx_struct_oper_list.matrix[2][3]         0.0000000000 
_pdbx_struct_oper_list.vector[2]            0.0000000000 
_pdbx_struct_oper_list.matrix[3][1]         0.0000000000 
_pdbx_struct_oper_list.matrix[3][2]         0.0000000000 
_pdbx_struct_oper_list.matrix[3][3]         1.0000000000 
_pdbx_struct_oper_list.vector[3]            0.0000000000 
# 
loop_
_struct_conf.conf_type_id 
_struct_conf.id 
_struct_conf.pdbx_PDB_helix_id 
_struct_conf.beg_label_comp_id 
_struct_conf.beg_label_asym_id 
_struct_conf.beg_label_seq_id 
_struct_conf.pdbx_beg_PDB_ins_code 
_struct_conf.end_label_comp_id 
_struct_conf.end_label_asym_id 
_struct_conf.end_label_seq_id 
_struct_conf.pdbx_end_PDB_ins_code 
_struct_conf.beg_auth_comp_id 
_struct_conf.beg_auth_asym_id 
_struct_conf.beg_auth_seq_id 
_struct_conf.end_auth_comp_id 
_struct_conf.end_auth_asym_id 
_struct_conf.end_auth_seq_id 
_struct_conf.pdbx_PDB_helix_class 
_struct_conf.details 
_struct_conf.pdbx_PDB_helix_length 
HELX_P HELX_P1 AA1 THR A 19  ? VAL A 28  ? THR A 60  VAL A 69  1 ? 10 
HELX_P HELX_P2 AA2 VAL A 28  ? LYS A 35  ? VAL A 69  LYS A 76  1 ? 8  
HELX_P HELX_P3 AA3 ALA A 39  ? GLN A 43  ? ALA A 80  GLN A 84  5 ? 5  
HELX_P HELX_P4 AA4 ASP A 55  ? ILE A 60  ? ASP A 96  ILE A 101 1 ? 6  
HELX_P HELX_P5 AA5 ASP A 65  ? ASN A 75  ? ASP A 106 ASN A 116 1 ? 11 
HELX_P HELX_P6 AA6 ASN A 80  ? ASN A 99  ? ASN A 121 ASN A 140 1 ? 20 
HELX_P HELX_P7 AA7 ASP A 103 ? GLU A 122 ? ASP A 144 GLU A 163 1 ? 20 
# 
_struct_conf_type.id          HELX_P 
_struct_conf_type.criteria    ? 
_struct_conf_type.reference   ? 
# 
_struct_site.id                   AC1 
_struct_site.pdbx_evidence_code   Software 
_struct_site.pdbx_auth_asym_id    A 
_struct_site.pdbx_auth_comp_id    Y80 
_struct_site.pdbx_auth_seq_id     201 
_struct_site.pdbx_auth_ins_code   ? 
_struct_site.pdbx_num_residues    11 
_struct_site.details              'binding site for residue Y80 A 201' 
# 
loop_
_struct_site_gen.id 
_struct_site_gen.site_id 
_struct_site_gen.pdbx_num_res 
_struct_site_gen.label_comp_id 
_struct_site_gen.label_asym_id 
_struct_site_gen.label_seq_id 
_struct_site_gen.pdbx_auth_ins_code 
_struct_site_gen.auth_comp_id 
_struct_site_gen.auth_asym_id 
_struct_site_gen.auth_seq_id 
_struct_site_gen.label_atom_id 
_struct_site_gen.label_alt_id 
_struct_site_gen.symmetry 
_struct_site_gen.details 
1  AC1 11 PRO A 12  ? PRO A 53  . ? 2_454 ? 
2  AC1 11 TRP A 40  ? TRP A 81  . ? 1_555 ? 
3  AC1 11 PRO A 41  ? PRO A 82  . ? 1_555 ? 
4  AC1 11 LEU A 53  ? LEU A 94  . ? 1_555 ? 
5  AC1 11 ASP A 55  ? ASP A 96  . ? 4_555 ? 
6  AC1 11 LYS A 58  ? LYS A 99  . ? 4_555 ? 
7  AC1 11 TYR A 98  ? TYR A 139 . ? 1_555 ? 
8  AC1 11 ASN A 99  ? ASN A 140 . ? 1_555 ? 
9  AC1 11 ASP A 104 ? ASP A 145 . ? 1_555 ? 
10 AC1 11 ILE A 105 ? ILE A 146 . ? 1_555 ? 
11 AC1 11 HOH C .   ? HOH A 418 . ? 1_555 ? 
# 
_pdbx_validate_rmsd_bond.id                        1 
_pdbx_validate_rmsd_bond.PDB_model_num             1 
_pdbx_validate_rmsd_bond.auth_atom_id_1            CD 
_pdbx_validate_rmsd_bond.auth_asym_id_1            A 
_pdbx_validate_rmsd_bond.auth_comp_id_1            GLU 
_pdbx_validate_rmsd_bond.auth_seq_id_1             124 
_pdbx_validate_rmsd_bond.PDB_ins_code_1            ? 
_pdbx_validate_rmsd_bond.label_alt_id_1            ? 
_pdbx_validate_rmsd_bond.auth_atom_id_2            OE1 
_pdbx_validate_rmsd_bond.auth_asym_id_2            A 
_pdbx_validate_rmsd_bond.auth_comp_id_2            GLU 
_pdbx_validate_rmsd_bond.auth_seq_id_2             124 
_pdbx_validate_rmsd_bond.PDB_ins_code_2            ? 
_pdbx_validate_rmsd_bond.label_alt_id_2            ? 
_pdbx_validate_rmsd_bond.bond_value                1.172 
_pdbx_validate_rmsd_bond.bond_target_value         1.252 
_pdbx_validate_rmsd_bond.bond_deviation            -0.080 
_pdbx_validate_rmsd_bond.bond_standard_deviation   0.011 
_pdbx_validate_rmsd_bond.linker_flag               N 
# 
_pdbx_validate_rmsd_angle.id                         1 
_pdbx_validate_rmsd_angle.PDB_model_num              1 
_pdbx_validate_rmsd_angle.auth_atom_id_1             NE 
_pdbx_validate_rmsd_angle.auth_asym_id_1             A 
_pdbx_validate_rmsd_angle.auth_comp_id_1             ARG 
_pdbx_validate_rmsd_angle.auth_seq_id_1              113 
_pdbx_validate_rmsd_angle.PDB_ins_code_1             ? 
_pdbx_validate_rmsd_angle.label_alt_id_1             ? 
_pdbx_validate_rmsd_angle.auth_atom_id_2             CZ 
_pdbx_validate_rmsd_angle.auth_asym_id_2             A 
_pdbx_validate_rmsd_angle.auth_comp_id_2             ARG 
_pdbx_validate_rmsd_angle.auth_seq_id_2              113 
_pdbx_validate_rmsd_angle.PDB_ins_code_2             ? 
_pdbx_validate_rmsd_angle.label_alt_id_2             ? 
_pdbx_validate_rmsd_angle.auth_atom_id_3             NH1 
_pdbx_validate_rmsd_angle.auth_asym_id_3             A 
_pdbx_validate_rmsd_angle.auth_comp_id_3             ARG 
_pdbx_validate_rmsd_angle.auth_seq_id_3              113 
_pdbx_validate_rmsd_angle.PDB_ins_code_3             ? 
_pdbx_validate_rmsd_angle.label_alt_id_3             ? 
_pdbx_validate_rmsd_angle.angle_value                123.38 
_pdbx_validate_rmsd_angle.angle_target_value         120.30 
_pdbx_validate_rmsd_angle.angle_deviation            3.08 
_pdbx_validate_rmsd_angle.angle_standard_deviation   0.50 
_pdbx_validate_rmsd_angle.linker_flag                N 
# 
loop_
_pdbx_validate_torsion.id 
_pdbx_validate_torsion.PDB_model_num 
_pdbx_validate_torsion.auth_comp_id 
_pdbx_validate_torsion.auth_asym_id 
_pdbx_validate_torsion.auth_seq_id 
_pdbx_validate_torsion.PDB_ins_code 
_pdbx_validate_torsion.label_alt_id 
_pdbx_validate_torsion.phi 
_pdbx_validate_torsion.psi 
1 1 ASN A 52  ? ? -160.64 98.83 
2 1 ASN A 117 ? ? 37.59   65.88 
# 
loop_
_pdbx_distant_solvent_atoms.id 
_pdbx_distant_solvent_atoms.PDB_model_num 
_pdbx_distant_solvent_atoms.auth_atom_id 
_pdbx_distant_solvent_atoms.label_alt_id 
_pdbx_distant_solvent_atoms.auth_asym_id 
_pdbx_distant_solvent_atoms.auth_comp_id 
_pdbx_distant_solvent_atoms.auth_seq_id 
_pdbx_distant_solvent_atoms.PDB_ins_code 
_pdbx_distant_solvent_atoms.neighbor_macromolecule_distance 
_pdbx_distant_solvent_atoms.neighbor_ligand_distance 
1 1 O ? A HOH 489 ? 6.27 . 
2 1 O ? A HOH 506 ? 6.58 . 
3 1 O ? A HOH 508 ? 7.27 . 
# 
_pdbx_unobs_or_zero_occ_residues.id               1 
_pdbx_unobs_or_zero_occ_residues.PDB_model_num    1 
_pdbx_unobs_or_zero_occ_residues.polymer_flag     Y 
_pdbx_unobs_or_zero_occ_residues.occupancy_flag   1 
_pdbx_unobs_or_zero_occ_residues.auth_asym_id     A 
_pdbx_unobs_or_zero_occ_residues.auth_comp_id     GLU 
_pdbx_unobs_or_zero_occ_residues.auth_seq_id      170 
_pdbx_unobs_or_zero_occ_residues.PDB_ins_code     ? 
_pdbx_unobs_or_zero_occ_residues.label_asym_id    A 
_pdbx_unobs_or_zero_occ_residues.label_comp_id    GLU 
_pdbx_unobs_or_zero_occ_residues.label_seq_id     129 
# 
loop_
_chem_comp_atom.comp_id 
_chem_comp_atom.atom_id 
_chem_comp_atom.type_symbol 
_chem_comp_atom.pdbx_aromatic_flag 
_chem_comp_atom.pdbx_stereo_config 
_chem_comp_atom.pdbx_ordinal 
ALA N    N N N 1   
ALA CA   C N S 2   
ALA C    C N N 3   
ALA O    O N N 4   
ALA CB   C N N 5   
ALA OXT  O N N 6   
ALA H    H N N 7   
ALA H2   H N N 8   
ALA HA   H N N 9   
ALA HB1  H N N 10  
ALA HB2  H N N 11  
ALA HB3  H N N 12  
ALA HXT  H N N 13  
ARG N    N N N 14  
ARG CA   C N S 15  
ARG C    C N N 16  
ARG O    O N N 17  
ARG CB   C N N 18  
ARG CG   C N N 19  
ARG CD   C N N 20  
ARG NE   N N N 21  
ARG CZ   C N N 22  
ARG NH1  N N N 23  
ARG NH2  N N N 24  
ARG OXT  O N N 25  
ARG H    H N N 26  
ARG H2   H N N 27  
ARG HA   H N N 28  
ARG HB2  H N N 29  
ARG HB3  H N N 30  
ARG HG2  H N N 31  
ARG HG3  H N N 32  
ARG HD2  H N N 33  
ARG HD3  H N N 34  
ARG HE   H N N 35  
ARG HH11 H N N 36  
ARG HH12 H N N 37  
ARG HH21 H N N 38  
ARG HH22 H N N 39  
ARG HXT  H N N 40  
ASN N    N N N 41  
ASN CA   C N S 42  
ASN C    C N N 43  
ASN O    O N N 44  
ASN CB   C N N 45  
ASN CG   C N N 46  
ASN OD1  O N N 47  
ASN ND2  N N N 48  
ASN OXT  O N N 49  
ASN H    H N N 50  
ASN H2   H N N 51  
ASN HA   H N N 52  
ASN HB2  H N N 53  
ASN HB3  H N N 54  
ASN HD21 H N N 55  
ASN HD22 H N N 56  
ASN HXT  H N N 57  
ASP N    N N N 58  
ASP CA   C N S 59  
ASP C    C N N 60  
ASP O    O N N 61  
ASP CB   C N N 62  
ASP CG   C N N 63  
ASP OD1  O N N 64  
ASP OD2  O N N 65  
ASP OXT  O N N 66  
ASP H    H N N 67  
ASP H2   H N N 68  
ASP HA   H N N 69  
ASP HB2  H N N 70  
ASP HB3  H N N 71  
ASP HD2  H N N 72  
ASP HXT  H N N 73  
CYS N    N N N 74  
CYS CA   C N R 75  
CYS C    C N N 76  
CYS O    O N N 77  
CYS CB   C N N 78  
CYS SG   S N N 79  
CYS OXT  O N N 80  
CYS H    H N N 81  
CYS H2   H N N 82  
CYS HA   H N N 83  
CYS HB2  H N N 84  
CYS HB3  H N N 85  
CYS HG   H N N 86  
CYS HXT  H N N 87  
GLN N    N N N 88  
GLN CA   C N S 89  
GLN C    C N N 90  
GLN O    O N N 91  
GLN CB   C N N 92  
GLN CG   C N N 93  
GLN CD   C N N 94  
GLN OE1  O N N 95  
GLN NE2  N N N 96  
GLN OXT  O N N 97  
GLN H    H N N 98  
GLN H2   H N N 99  
GLN HA   H N N 100 
GLN HB2  H N N 101 
GLN HB3  H N N 102 
GLN HG2  H N N 103 
GLN HG3  H N N 104 
GLN HE21 H N N 105 
GLN HE22 H N N 106 
GLN HXT  H N N 107 
GLU N    N N N 108 
GLU CA   C N S 109 
GLU C    C N N 110 
GLU O    O N N 111 
GLU CB   C N N 112 
GLU CG   C N N 113 
GLU CD   C N N 114 
GLU OE1  O N N 115 
GLU OE2  O N N 116 
GLU OXT  O N N 117 
GLU H    H N N 118 
GLU H2   H N N 119 
GLU HA   H N N 120 
GLU HB2  H N N 121 
GLU HB3  H N N 122 
GLU HG2  H N N 123 
GLU HG3  H N N 124 
GLU HE2  H N N 125 
GLU HXT  H N N 126 
GLY N    N N N 127 
GLY CA   C N N 128 
GLY C    C N N 129 
GLY O    O N N 130 
GLY OXT  O N N 131 
GLY H    H N N 132 
GLY H2   H N N 133 
GLY HA2  H N N 134 
GLY HA3  H N N 135 
GLY HXT  H N N 136 
HIS N    N N N 137 
HIS CA   C N S 138 
HIS C    C N N 139 
HIS O    O N N 140 
HIS CB   C N N 141 
HIS CG   C Y N 142 
HIS ND1  N Y N 143 
HIS CD2  C Y N 144 
HIS CE1  C Y N 145 
HIS NE2  N Y N 146 
HIS OXT  O N N 147 
HIS H    H N N 148 
HIS H2   H N N 149 
HIS HA   H N N 150 
HIS HB2  H N N 151 
HIS HB3  H N N 152 
HIS HD1  H N N 153 
HIS HD2  H N N 154 
HIS HE1  H N N 155 
HIS HE2  H N N 156 
HIS HXT  H N N 157 
HOH O    O N N 158 
HOH H1   H N N 159 
HOH H2   H N N 160 
ILE N    N N N 161 
ILE CA   C N S 162 
ILE C    C N N 163 
ILE O    O N N 164 
ILE CB   C N S 165 
ILE CG1  C N N 166 
ILE CG2  C N N 167 
ILE CD1  C N N 168 
ILE OXT  O N N 169 
ILE H    H N N 170 
ILE H2   H N N 171 
ILE HA   H N N 172 
ILE HB   H N N 173 
ILE HG12 H N N 174 
ILE HG13 H N N 175 
ILE HG21 H N N 176 
ILE HG22 H N N 177 
ILE HG23 H N N 178 
ILE HD11 H N N 179 
ILE HD12 H N N 180 
ILE HD13 H N N 181 
ILE HXT  H N N 182 
LEU N    N N N 183 
LEU CA   C N S 184 
LEU C    C N N 185 
LEU O    O N N 186 
LEU CB   C N N 187 
LEU CG   C N N 188 
LEU CD1  C N N 189 
LEU CD2  C N N 190 
LEU OXT  O N N 191 
LEU H    H N N 192 
LEU H2   H N N 193 
LEU HA   H N N 194 
LEU HB2  H N N 195 
LEU HB3  H N N 196 
LEU HG   H N N 197 
LEU HD11 H N N 198 
LEU HD12 H N N 199 
LEU HD13 H N N 200 
LEU HD21 H N N 201 
LEU HD22 H N N 202 
LEU HD23 H N N 203 
LEU HXT  H N N 204 
LYS N    N N N 205 
LYS CA   C N S 206 
LYS C    C N N 207 
LYS O    O N N 208 
LYS CB   C N N 209 
LYS CG   C N N 210 
LYS CD   C N N 211 
LYS CE   C N N 212 
LYS NZ   N N N 213 
LYS OXT  O N N 214 
LYS H    H N N 215 
LYS H2   H N N 216 
LYS HA   H N N 217 
LYS HB2  H N N 218 
LYS HB3  H N N 219 
LYS HG2  H N N 220 
LYS HG3  H N N 221 
LYS HD2  H N N 222 
LYS HD3  H N N 223 
LYS HE2  H N N 224 
LYS HE3  H N N 225 
LYS HZ1  H N N 226 
LYS HZ2  H N N 227 
LYS HZ3  H N N 228 
LYS HXT  H N N 229 
MET N    N N N 230 
MET CA   C N S 231 
MET C    C N N 232 
MET O    O N N 233 
MET CB   C N N 234 
MET CG   C N N 235 
MET SD   S N N 236 
MET CE   C N N 237 
MET OXT  O N N 238 
MET H    H N N 239 
MET H2   H N N 240 
MET HA   H N N 241 
MET HB2  H N N 242 
MET HB3  H N N 243 
MET HG2  H N N 244 
MET HG3  H N N 245 
MET HE1  H N N 246 
MET HE2  H N N 247 
MET HE3  H N N 248 
MET HXT  H N N 249 
PHE N    N N N 250 
PHE CA   C N S 251 
PHE C    C N N 252 
PHE O    O N N 253 
PHE CB   C N N 254 
PHE CG   C Y N 255 
PHE CD1  C Y N 256 
PHE CD2  C Y N 257 
PHE CE1  C Y N 258 
PHE CE2  C Y N 259 
PHE CZ   C Y N 260 
PHE OXT  O N N 261 
PHE H    H N N 262 
PHE H2   H N N 263 
PHE HA   H N N 264 
PHE HB2  H N N 265 
PHE HB3  H N N 266 
PHE HD1  H N N 267 
PHE HD2  H N N 268 
PHE HE1  H N N 269 
PHE HE2  H N N 270 
PHE HZ   H N N 271 
PHE HXT  H N N 272 
PRO N    N N N 273 
PRO CA   C N S 274 
PRO C    C N N 275 
PRO O    O N N 276 
PRO CB   C N N 277 
PRO CG   C N N 278 
PRO CD   C N N 279 
PRO OXT  O N N 280 
PRO H    H N N 281 
PRO HA   H N N 282 
PRO HB2  H N N 283 
PRO HB3  H N N 284 
PRO HG2  H N N 285 
PRO HG3  H N N 286 
PRO HD2  H N N 287 
PRO HD3  H N N 288 
PRO HXT  H N N 289 
SER N    N N N 290 
SER CA   C N S 291 
SER C    C N N 292 
SER O    O N N 293 
SER CB   C N N 294 
SER OG   O N N 295 
SER OXT  O N N 296 
SER H    H N N 297 
SER H2   H N N 298 
SER HA   H N N 299 
SER HB2  H N N 300 
SER HB3  H N N 301 
SER HG   H N N 302 
SER HXT  H N N 303 
THR N    N N N 304 
THR CA   C N S 305 
THR C    C N N 306 
THR O    O N N 307 
THR CB   C N R 308 
THR OG1  O N N 309 
THR CG2  C N N 310 
THR OXT  O N N 311 
THR H    H N N 312 
THR H2   H N N 313 
THR HA   H N N 314 
THR HB   H N N 315 
THR HG1  H N N 316 
THR HG21 H N N 317 
THR HG22 H N N 318 
THR HG23 H N N 319 
THR HXT  H N N 320 
TRP N    N N N 321 
TRP CA   C N S 322 
TRP C    C N N 323 
TRP O    O N N 324 
TRP CB   C N N 325 
TRP CG   C Y N 326 
TRP CD1  C Y N 327 
TRP CD2  C Y N 328 
TRP NE1  N Y N 329 
TRP CE2  C Y N 330 
TRP CE3  C Y N 331 
TRP CZ2  C Y N 332 
TRP CZ3  C Y N 333 
TRP CH2  C Y N 334 
TRP OXT  O N N 335 
TRP H    H N N 336 
TRP H2   H N N 337 
TRP HA   H N N 338 
TRP HB2  H N N 339 
TRP HB3  H N N 340 
TRP HD1  H N N 341 
TRP HE1  H N N 342 
TRP HE3  H N N 343 
TRP HZ2  H N N 344 
TRP HZ3  H N N 345 
TRP HH2  H N N 346 
TRP HXT  H N N 347 
TYR N    N N N 348 
TYR CA   C N S 349 
TYR C    C N N 350 
TYR O    O N N 351 
TYR CB   C N N 352 
TYR CG   C Y N 353 
TYR CD1  C Y N 354 
TYR CD2  C Y N 355 
TYR CE1  C Y N 356 
TYR CE2  C Y N 357 
TYR CZ   C Y N 358 
TYR OH   O N N 359 
TYR OXT  O N N 360 
TYR H    H N N 361 
TYR H2   H N N 362 
TYR HA   H N N 363 
TYR HB2  H N N 364 
TYR HB3  H N N 365 
TYR HD1  H N N 366 
TYR HD2  H N N 367 
TYR HE1  H N N 368 
TYR HE2  H N N 369 
TYR HH   H N N 370 
TYR HXT  H N N 371 
VAL N    N N N 372 
VAL CA   C N S 373 
VAL C    C N N 374 
VAL O    O N N 375 
VAL CB   C N N 376 
VAL CG1  C N N 377 
VAL CG2  C N N 378 
VAL OXT  O N N 379 
VAL H    H N N 380 
VAL H2   H N N 381 
VAL HA   H N N 382 
VAL HB   H N N 383 
VAL HG11 H N N 384 
VAL HG12 H N N 385 
VAL HG13 H N N 386 
VAL HG21 H N N 387 
VAL HG22 H N N 388 
VAL HG23 H N N 389 
VAL HXT  H N N 390 
Y80 O3   O N N 391 
Y80 C1   C N N 392 
Y80 N2   N N N 393 
Y80 C4   C Y N 394 
Y80 C5   C Y N 395 
Y80 C6   C Y N 396 
Y80 C7   C Y N 397 
Y80 C8   C Y N 398 
Y80 C3   C Y N 399 
Y80 N1   N N N 400 
Y80 C2   C N N 401 
Y80 C9   C N N 402 
Y80 O1   O N N 403 
Y80 C10  C N N 404 
Y80 C19  C Y N 405 
Y80 C24  C Y N 406 
Y80 C23  C Y N 407 
Y80 C22  C Y N 408 
Y80 C21  C Y N 409 
Y80 C20  C Y N 410 
Y80 C11  C N N 411 
Y80 C12  C Y N 412 
Y80 C17  C Y N 413 
Y80 C16  C Y N 414 
Y80 C15  C Y N 415 
Y80 O2   O N N 416 
Y80 C18  C N N 417 
Y80 C14  C Y N 418 
Y80 C13  C Y N 419 
Y80 H1   H N N 420 
Y80 H2   H N N 421 
Y80 H3   H N N 422 
Y80 H4   H N N 423 
Y80 H5   H N N 424 
Y80 H6   H N N 425 
Y80 H7   H N N 426 
Y80 H8   H N N 427 
Y80 H9   H N N 428 
Y80 H10  H N N 429 
Y80 H11  H N N 430 
Y80 H12  H N N 431 
Y80 H13  H N N 432 
Y80 H14  H N N 433 
Y80 H15  H N N 434 
Y80 H16  H N N 435 
Y80 H17  H N N 436 
Y80 H18  H N N 437 
Y80 H19  H N N 438 
Y80 H20  H N N 439 
# 
loop_
_chem_comp_bond.comp_id 
_chem_comp_bond.atom_id_1 
_chem_comp_bond.atom_id_2 
_chem_comp_bond.value_order 
_chem_comp_bond.pdbx_aromatic_flag 
_chem_comp_bond.pdbx_stereo_config 
_chem_comp_bond.pdbx_ordinal 
ALA N   CA   sing N N 1   
ALA N   H    sing N N 2   
ALA N   H2   sing N N 3   
ALA CA  C    sing N N 4   
ALA CA  CB   sing N N 5   
ALA CA  HA   sing N N 6   
ALA C   O    doub N N 7   
ALA C   OXT  sing N N 8   
ALA CB  HB1  sing N N 9   
ALA CB  HB2  sing N N 10  
ALA CB  HB3  sing N N 11  
ALA OXT HXT  sing N N 12  
ARG N   CA   sing N N 13  
ARG N   H    sing N N 14  
ARG N   H2   sing N N 15  
ARG CA  C    sing N N 16  
ARG CA  CB   sing N N 17  
ARG CA  HA   sing N N 18  
ARG C   O    doub N N 19  
ARG C   OXT  sing N N 20  
ARG CB  CG   sing N N 21  
ARG CB  HB2  sing N N 22  
ARG CB  HB3  sing N N 23  
ARG CG  CD   sing N N 24  
ARG CG  HG2  sing N N 25  
ARG CG  HG3  sing N N 26  
ARG CD  NE   sing N N 27  
ARG CD  HD2  sing N N 28  
ARG CD  HD3  sing N N 29  
ARG NE  CZ   sing N N 30  
ARG NE  HE   sing N N 31  
ARG CZ  NH1  sing N N 32  
ARG CZ  NH2  doub N N 33  
ARG NH1 HH11 sing N N 34  
ARG NH1 HH12 sing N N 35  
ARG NH2 HH21 sing N N 36  
ARG NH2 HH22 sing N N 37  
ARG OXT HXT  sing N N 38  
ASN N   CA   sing N N 39  
ASN N   H    sing N N 40  
ASN N   H2   sing N N 41  
ASN CA  C    sing N N 42  
ASN CA  CB   sing N N 43  
ASN CA  HA   sing N N 44  
ASN C   O    doub N N 45  
ASN C   OXT  sing N N 46  
ASN CB  CG   sing N N 47  
ASN CB  HB2  sing N N 48  
ASN CB  HB3  sing N N 49  
ASN CG  OD1  doub N N 50  
ASN CG  ND2  sing N N 51  
ASN ND2 HD21 sing N N 52  
ASN ND2 HD22 sing N N 53  
ASN OXT HXT  sing N N 54  
ASP N   CA   sing N N 55  
ASP N   H    sing N N 56  
ASP N   H2   sing N N 57  
ASP CA  C    sing N N 58  
ASP CA  CB   sing N N 59  
ASP CA  HA   sing N N 60  
ASP C   O    doub N N 61  
ASP C   OXT  sing N N 62  
ASP CB  CG   sing N N 63  
ASP CB  HB2  sing N N 64  
ASP CB  HB3  sing N N 65  
ASP CG  OD1  doub N N 66  
ASP CG  OD2  sing N N 67  
ASP OD2 HD2  sing N N 68  
ASP OXT HXT  sing N N 69  
CYS N   CA   sing N N 70  
CYS N   H    sing N N 71  
CYS N   H2   sing N N 72  
CYS CA  C    sing N N 73  
CYS CA  CB   sing N N 74  
CYS CA  HA   sing N N 75  
CYS C   O    doub N N 76  
CYS C   OXT  sing N N 77  
CYS CB  SG   sing N N 78  
CYS CB  HB2  sing N N 79  
CYS CB  HB3  sing N N 80  
CYS SG  HG   sing N N 81  
CYS OXT HXT  sing N N 82  
GLN N   CA   sing N N 83  
GLN N   H    sing N N 84  
GLN N   H2   sing N N 85  
GLN CA  C    sing N N 86  
GLN CA  CB   sing N N 87  
GLN CA  HA   sing N N 88  
GLN C   O    doub N N 89  
GLN C   OXT  sing N N 90  
GLN CB  CG   sing N N 91  
GLN CB  HB2  sing N N 92  
GLN CB  HB3  sing N N 93  
GLN CG  CD   sing N N 94  
GLN CG  HG2  sing N N 95  
GLN CG  HG3  sing N N 96  
GLN CD  OE1  doub N N 97  
GLN CD  NE2  sing N N 98  
GLN NE2 HE21 sing N N 99  
GLN NE2 HE22 sing N N 100 
GLN OXT HXT  sing N N 101 
GLU N   CA   sing N N 102 
GLU N   H    sing N N 103 
GLU N   H2   sing N N 104 
GLU CA  C    sing N N 105 
GLU CA  CB   sing N N 106 
GLU CA  HA   sing N N 107 
GLU C   O    doub N N 108 
GLU C   OXT  sing N N 109 
GLU CB  CG   sing N N 110 
GLU CB  HB2  sing N N 111 
GLU CB  HB3  sing N N 112 
GLU CG  CD   sing N N 113 
GLU CG  HG2  sing N N 114 
GLU CG  HG3  sing N N 115 
GLU CD  OE1  doub N N 116 
GLU CD  OE2  sing N N 117 
GLU OE2 HE2  sing N N 118 
GLU OXT HXT  sing N N 119 
GLY N   CA   sing N N 120 
GLY N   H    sing N N 121 
GLY N   H2   sing N N 122 
GLY CA  C    sing N N 123 
GLY CA  HA2  sing N N 124 
GLY CA  HA3  sing N N 125 
GLY C   O    doub N N 126 
GLY C   OXT  sing N N 127 
GLY OXT HXT  sing N N 128 
HIS N   CA   sing N N 129 
HIS N   H    sing N N 130 
HIS N   H2   sing N N 131 
HIS CA  C    sing N N 132 
HIS CA  CB   sing N N 133 
HIS CA  HA   sing N N 134 
HIS C   O    doub N N 135 
HIS C   OXT  sing N N 136 
HIS CB  CG   sing N N 137 
HIS CB  HB2  sing N N 138 
HIS CB  HB3  sing N N 139 
HIS CG  ND1  sing Y N 140 
HIS CG  CD2  doub Y N 141 
HIS ND1 CE1  doub Y N 142 
HIS ND1 HD1  sing N N 143 
HIS CD2 NE2  sing Y N 144 
HIS CD2 HD2  sing N N 145 
HIS CE1 NE2  sing Y N 146 
HIS CE1 HE1  sing N N 147 
HIS NE2 HE2  sing N N 148 
HIS OXT HXT  sing N N 149 
HOH O   H1   sing N N 150 
HOH O   H2   sing N N 151 
ILE N   CA   sing N N 152 
ILE N   H    sing N N 153 
ILE N   H2   sing N N 154 
ILE CA  C    sing N N 155 
ILE CA  CB   sing N N 156 
ILE CA  HA   sing N N 157 
ILE C   O    doub N N 158 
ILE C   OXT  sing N N 159 
ILE CB  CG1  sing N N 160 
ILE CB  CG2  sing N N 161 
ILE CB  HB   sing N N 162 
ILE CG1 CD1  sing N N 163 
ILE CG1 HG12 sing N N 164 
ILE CG1 HG13 sing N N 165 
ILE CG2 HG21 sing N N 166 
ILE CG2 HG22 sing N N 167 
ILE CG2 HG23 sing N N 168 
ILE CD1 HD11 sing N N 169 
ILE CD1 HD12 sing N N 170 
ILE CD1 HD13 sing N N 171 
ILE OXT HXT  sing N N 172 
LEU N   CA   sing N N 173 
LEU N   H    sing N N 174 
LEU N   H2   sing N N 175 
LEU CA  C    sing N N 176 
LEU CA  CB   sing N N 177 
LEU CA  HA   sing N N 178 
LEU C   O    doub N N 179 
LEU C   OXT  sing N N 180 
LEU CB  CG   sing N N 181 
LEU CB  HB2  sing N N 182 
LEU CB  HB3  sing N N 183 
LEU CG  CD1  sing N N 184 
LEU CG  CD2  sing N N 185 
LEU CG  HG   sing N N 186 
LEU CD1 HD11 sing N N 187 
LEU CD1 HD12 sing N N 188 
LEU CD1 HD13 sing N N 189 
LEU CD2 HD21 sing N N 190 
LEU CD2 HD22 sing N N 191 
LEU CD2 HD23 sing N N 192 
LEU OXT HXT  sing N N 193 
LYS N   CA   sing N N 194 
LYS N   H    sing N N 195 
LYS N   H2   sing N N 196 
LYS CA  C    sing N N 197 
LYS CA  CB   sing N N 198 
LYS CA  HA   sing N N 199 
LYS C   O    doub N N 200 
LYS C   OXT  sing N N 201 
LYS CB  CG   sing N N 202 
LYS CB  HB2  sing N N 203 
LYS CB  HB3  sing N N 204 
LYS CG  CD   sing N N 205 
LYS CG  HG2  sing N N 206 
LYS CG  HG3  sing N N 207 
LYS CD  CE   sing N N 208 
LYS CD  HD2  sing N N 209 
LYS CD  HD3  sing N N 210 
LYS CE  NZ   sing N N 211 
LYS CE  HE2  sing N N 212 
LYS CE  HE3  sing N N 213 
LYS NZ  HZ1  sing N N 214 
LYS NZ  HZ2  sing N N 215 
LYS NZ  HZ3  sing N N 216 
LYS OXT HXT  sing N N 217 
MET N   CA   sing N N 218 
MET N   H    sing N N 219 
MET N   H2   sing N N 220 
MET CA  C    sing N N 221 
MET CA  CB   sing N N 222 
MET CA  HA   sing N N 223 
MET C   O    doub N N 224 
MET C   OXT  sing N N 225 
MET CB  CG   sing N N 226 
MET CB  HB2  sing N N 227 
MET CB  HB3  sing N N 228 
MET CG  SD   sing N N 229 
MET CG  HG2  sing N N 230 
MET CG  HG3  sing N N 231 
MET SD  CE   sing N N 232 
MET CE  HE1  sing N N 233 
MET CE  HE2  sing N N 234 
MET CE  HE3  sing N N 235 
MET OXT HXT  sing N N 236 
PHE N   CA   sing N N 237 
PHE N   H    sing N N 238 
PHE N   H2   sing N N 239 
PHE CA  C    sing N N 240 
PHE CA  CB   sing N N 241 
PHE CA  HA   sing N N 242 
PHE C   O    doub N N 243 
PHE C   OXT  sing N N 244 
PHE CB  CG   sing N N 245 
PHE CB  HB2  sing N N 246 
PHE CB  HB3  sing N N 247 
PHE CG  CD1  doub Y N 248 
PHE CG  CD2  sing Y N 249 
PHE CD1 CE1  sing Y N 250 
PHE CD1 HD1  sing N N 251 
PHE CD2 CE2  doub Y N 252 
PHE CD2 HD2  sing N N 253 
PHE CE1 CZ   doub Y N 254 
PHE CE1 HE1  sing N N 255 
PHE CE2 CZ   sing Y N 256 
PHE CE2 HE2  sing N N 257 
PHE CZ  HZ   sing N N 258 
PHE OXT HXT  sing N N 259 
PRO N   CA   sing N N 260 
PRO N   CD   sing N N 261 
PRO N   H    sing N N 262 
PRO CA  C    sing N N 263 
PRO CA  CB   sing N N 264 
PRO CA  HA   sing N N 265 
PRO C   O    doub N N 266 
PRO C   OXT  sing N N 267 
PRO CB  CG   sing N N 268 
PRO CB  HB2  sing N N 269 
PRO CB  HB3  sing N N 270 
PRO CG  CD   sing N N 271 
PRO CG  HG2  sing N N 272 
PRO CG  HG3  sing N N 273 
PRO CD  HD2  sing N N 274 
PRO CD  HD3  sing N N 275 
PRO OXT HXT  sing N N 276 
SER N   CA   sing N N 277 
SER N   H    sing N N 278 
SER N   H2   sing N N 279 
SER CA  C    sing N N 280 
SER CA  CB   sing N N 281 
SER CA  HA   sing N N 282 
SER C   O    doub N N 283 
SER C   OXT  sing N N 284 
SER CB  OG   sing N N 285 
SER CB  HB2  sing N N 286 
SER CB  HB3  sing N N 287 
SER OG  HG   sing N N 288 
SER OXT HXT  sing N N 289 
THR N   CA   sing N N 290 
THR N   H    sing N N 291 
THR N   H2   sing N N 292 
THR CA  C    sing N N 293 
THR CA  CB   sing N N 294 
THR CA  HA   sing N N 295 
THR C   O    doub N N 296 
THR C   OXT  sing N N 297 
THR CB  OG1  sing N N 298 
THR CB  CG2  sing N N 299 
THR CB  HB   sing N N 300 
THR OG1 HG1  sing N N 301 
THR CG2 HG21 sing N N 302 
THR CG2 HG22 sing N N 303 
THR CG2 HG23 sing N N 304 
THR OXT HXT  sing N N 305 
TRP N   CA   sing N N 306 
TRP N   H    sing N N 307 
TRP N   H2   sing N N 308 
TRP CA  C    sing N N 309 
TRP CA  CB   sing N N 310 
TRP CA  HA   sing N N 311 
TRP C   O    doub N N 312 
TRP C   OXT  sing N N 313 
TRP CB  CG   sing N N 314 
TRP CB  HB2  sing N N 315 
TRP CB  HB3  sing N N 316 
TRP CG  CD1  doub Y N 317 
TRP CG  CD2  sing Y N 318 
TRP CD1 NE1  sing Y N 319 
TRP CD1 HD1  sing N N 320 
TRP CD2 CE2  doub Y N 321 
TRP CD2 CE3  sing Y N 322 
TRP NE1 CE2  sing Y N 323 
TRP NE1 HE1  sing N N 324 
TRP CE2 CZ2  sing Y N 325 
TRP CE3 CZ3  doub Y N 326 
TRP CE3 HE3  sing N N 327 
TRP CZ2 CH2  doub Y N 328 
TRP CZ2 HZ2  sing N N 329 
TRP CZ3 CH2  sing Y N 330 
TRP CZ3 HZ3  sing N N 331 
TRP CH2 HH2  sing N N 332 
TRP OXT HXT  sing N N 333 
TYR N   CA   sing N N 334 
TYR N   H    sing N N 335 
TYR N   H2   sing N N 336 
TYR CA  C    sing N N 337 
TYR CA  CB   sing N N 338 
TYR CA  HA   sing N N 339 
TYR C   O    doub N N 340 
TYR C   OXT  sing N N 341 
TYR CB  CG   sing N N 342 
TYR CB  HB2  sing N N 343 
TYR CB  HB3  sing N N 344 
TYR CG  CD1  doub Y N 345 
TYR CG  CD2  sing Y N 346 
TYR CD1 CE1  sing Y N 347 
TYR CD1 HD1  sing N N 348 
TYR CD2 CE2  doub Y N 349 
TYR CD2 HD2  sing N N 350 
TYR CE1 CZ   doub Y N 351 
TYR CE1 HE1  sing N N 352 
TYR CE2 CZ   sing Y N 353 
TYR CE2 HE2  sing N N 354 
TYR CZ  OH   sing N N 355 
TYR OH  HH   sing N N 356 
TYR OXT HXT  sing N N 357 
VAL N   CA   sing N N 358 
VAL N   H    sing N N 359 
VAL N   H2   sing N N 360 
VAL CA  C    sing N N 361 
VAL CA  CB   sing N N 362 
VAL CA  HA   sing N N 363 
VAL C   O    doub N N 364 
VAL C   OXT  sing N N 365 
VAL CB  CG1  sing N N 366 
VAL CB  CG2  sing N N 367 
VAL CB  HB   sing N N 368 
VAL CG1 HG11 sing N N 369 
VAL CG1 HG12 sing N N 370 
VAL CG1 HG13 sing N N 371 
VAL CG2 HG21 sing N N 372 
VAL CG2 HG22 sing N N 373 
VAL CG2 HG23 sing N N 374 
VAL OXT HXT  sing N N 375 
Y80 C18 O2   sing N N 376 
Y80 O2  C15  sing N N 377 
Y80 C16 C15  doub Y N 378 
Y80 C16 C17  sing Y N 379 
Y80 C15 C14  sing Y N 380 
Y80 C17 C12  doub Y N 381 
Y80 C14 C13  doub Y N 382 
Y80 C6  C5   doub Y N 383 
Y80 C6  C7   sing Y N 384 
Y80 C5  C4   sing Y N 385 
Y80 C12 C13  sing Y N 386 
Y80 C12 C11  sing N N 387 
Y80 C7  C8   doub Y N 388 
Y80 C4  N2   sing N N 389 
Y80 C4  C3   doub Y N 390 
Y80 C11 C10  doub N E 391 
Y80 C8  C3   sing Y N 392 
Y80 N2  C1   sing N N 393 
Y80 C3  N1   sing N N 394 
Y80 C24 C23  doub Y N 395 
Y80 C24 C19  sing Y N 396 
Y80 C10 C19  sing N N 397 
Y80 C10 C9   sing N N 398 
Y80 C23 C22  sing Y N 399 
Y80 C1  O3   doub N N 400 
Y80 C1  C2   sing N N 401 
Y80 C19 C20  doub Y N 402 
Y80 N1  C9   sing N N 403 
Y80 N1  C2   sing N N 404 
Y80 C9  O1   doub N N 405 
Y80 C22 C21  doub Y N 406 
Y80 C20 C21  sing Y N 407 
Y80 N2  H1   sing N N 408 
Y80 C5  H2   sing N N 409 
Y80 C6  H3   sing N N 410 
Y80 C7  H4   sing N N 411 
Y80 C8  H5   sing N N 412 
Y80 C2  H6   sing N N 413 
Y80 C2  H7   sing N N 414 
Y80 C24 H8   sing N N 415 
Y80 C23 H9   sing N N 416 
Y80 C22 H10  sing N N 417 
Y80 C21 H11  sing N N 418 
Y80 C20 H12  sing N N 419 
Y80 C11 H13  sing N N 420 
Y80 C17 H14  sing N N 421 
Y80 C16 H15  sing N N 422 
Y80 C18 H16  sing N N 423 
Y80 C18 H17  sing N N 424 
Y80 C18 H18  sing N N 425 
Y80 C14 H19  sing N N 426 
Y80 C13 H20  sing N N 427 
# 
_atom_sites.entry_id                    4YH3 
_atom_sites.fract_transf_matrix[1][1]   -0.02386709 
_atom_sites.fract_transf_matrix[1][2]   -0.01116192 
_atom_sites.fract_transf_matrix[1][3]   0.00078940 
_atom_sites.fract_transf_matrix[2][1]   -0.00042371 
_atom_sites.fract_transf_matrix[2][2]   0.00250065 
_atom_sites.fract_transf_matrix[2][3]   0.02254780 
_atom_sites.fract_transf_matrix[3][1]   -0.00542578 
_atom_sites.fract_transf_matrix[3][2]   0.01150430 
_atom_sites.fract_transf_matrix[3][3]   -0.00137784 
_atom_sites.fract_transf_vector[1]      -0.320971 
_atom_sites.fract_transf_vector[2]      -0.083449 
_atom_sites.fract_transf_vector[3]      0.111417 
# 
loop_
_atom_type.symbol 
C 
N 
O 
S 
# 
loop_
_atom_site.group_PDB 
_atom_site.id 
_atom_site.type_symbol 
_atom_site.label_atom_id 
_atom_site.label_alt_id 
_atom_site.label_comp_id 
_atom_site.label_asym_id 
_atom_site.label_entity_id 
_atom_site.label_seq_id 
_atom_site.pdbx_PDB_ins_code 
_atom_site.Cartn_x 
_atom_site.Cartn_y 
_atom_site.Cartn_z 
_atom_site.occupancy 
_atom_site.B_iso_or_equiv 
_atom_site.pdbx_formal_charge 
_atom_site.auth_seq_id 
_atom_site.auth_comp_id 
_atom_site.auth_asym_id 
_atom_site.auth_atom_id 
_atom_site.pdbx_PDB_model_num 
ATOM   1    N N   . SER A 1 1   ? 6.428   2.195   23.509  1.00 49.06 ? 42  SER A N   1 
ATOM   2    C CA  . SER A 1 1   ? 6.431   2.900   22.177  1.00 46.27 ? 42  SER A CA  1 
ATOM   3    C C   . SER A 1 1   ? 5.063   3.033   21.550  1.00 44.64 ? 42  SER A C   1 
ATOM   4    O O   . SER A 1 1   ? 4.492   2.044   21.121  1.00 45.11 ? 42  SER A O   1 
ATOM   5    C CB  . SER A 1 1   ? 7.332   2.197   21.139  1.00 46.60 ? 42  SER A CB  1 
ATOM   6    O OG  . SER A 1 1   ? 8.567   2.841   21.042  1.00 41.57 ? 42  SER A OG  1 
ATOM   7    N N   . MET A 1 2   ? 4.668   4.273   21.330  1.00 36.86 ? 43  MET A N   1 
ATOM   8    C CA  . MET A 1 2   ? 3.331   4.650   20.868  1.00 34.72 ? 43  MET A CA  1 
ATOM   9    C C   . MET A 1 2   ? 3.316   4.524   19.371  1.00 30.96 ? 43  MET A C   1 
ATOM   10   O O   . MET A 1 2   ? 4.368   4.581   18.677  1.00 29.62 ? 43  MET A O   1 
ATOM   11   C CB  . MET A 1 2   ? 3.079   6.125   21.205  1.00 37.51 ? 43  MET A CB  1 
ATOM   12   C CG  . MET A 1 2   ? 3.091   6.436   22.671  1.00 40.05 ? 43  MET A CG  1 
ATOM   13   S SD  . MET A 1 2   ? 3.395   8.192   23.014  1.00 41.86 ? 43  MET A SD  1 
ATOM   14   C CE  . MET A 1 2   ? 2.415   9.024   21.791  1.00 43.99 ? 43  MET A CE  1 
ATOM   15   N N   . ASN A 1 3   ? 2.112   4.437   18.822  1.00 30.53 ? 44  ASN A N   1 
ATOM   16   C CA  . ASN A 1 3   ? 2.002   4.564   17.380  1.00 30.04 ? 44  ASN A CA  1 
ATOM   17   C C   . ASN A 1 3   ? 2.041   6.031   16.956  1.00 26.28 ? 44  ASN A C   1 
ATOM   18   O O   . ASN A 1 3   ? 1.548   6.889   17.699  1.00 27.68 ? 44  ASN A O   1 
ATOM   19   C CB  . ASN A 1 3   ? 0.703   3.929   16.855  1.00 27.86 ? 44  ASN A CB  1 
ATOM   20   C CG  . ASN A 1 3   ? 0.673   2.420   17.050  1.00 27.42 ? 44  ASN A CG  1 
ATOM   21   O OD1 . ASN A 1 3   ? 1.612   1.757   16.694  1.00 28.48 ? 44  ASN A OD1 1 
ATOM   22   N ND2 . ASN A 1 3   ? -0.381  1.903   17.676  1.00 30.20 ? 44  ASN A ND2 1 
ATOM   23   N N   . PRO A 1 4   ? 2.586   6.313   15.761  1.00 25.43 ? 45  PRO A N   1 
ATOM   24   C CA  . PRO A 1 4   ? 2.513   7.663   15.167  1.00 23.87 ? 45  PRO A CA  1 
ATOM   25   C C   . PRO A 1 4   ? 1.107   7.888   14.617  1.00 24.56 ? 45  PRO A C   1 
ATOM   26   O O   . PRO A 1 4   ? 0.331   6.963   14.498  1.00 25.17 ? 45  PRO A O   1 
ATOM   27   C CB  . PRO A 1 4   ? 3.516   7.631   14.039  1.00 25.30 ? 45  PRO A CB  1 
ATOM   28   C CG  . PRO A 1 4   ? 3.515   6.211   13.615  1.00 24.90 ? 45  PRO A CG  1 
ATOM   29   C CD  . PRO A 1 4   ? 3.168   5.355   14.781  1.00 24.03 ? 45  PRO A CD  1 
ATOM   30   N N   . PRO A 1 5   ? 0.784   9.182   14.327  1.00 24.44 ? 46  PRO A N   1 
ATOM   31   C CA  . PRO A 1 5   ? -0.403  9.438   13.539  1.00 27.41 ? 46  PRO A CA  1 
ATOM   32   C C   . PRO A 1 5   ? -0.307  8.588   12.252  1.00 24.79 ? 46  PRO A C   1 
ATOM   33   O O   . PRO A 1 5   ? 0.801   8.404   11.752  1.00 27.14 ? 46  PRO A O   1 
ATOM   34   C CB  . PRO A 1 5   ? -0.308  10.940  13.224  1.00 27.96 ? 46  PRO A CB  1 
ATOM   35   C CG  . PRO A 1 5   ? 0.804   11.478  14.048  1.00 32.69 ? 46  PRO A CG  1 
ATOM   36   C CD  . PRO A 1 5   ? 1.552   10.365  14.712  1.00 30.14 ? 46  PRO A CD  1 
ATOM   37   N N   . PRO A 1 6   ? -1.448  8.183   11.674  1.00 27.23 ? 47  PRO A N   1 
ATOM   38   C CA  . PRO A 1 6   ? -1.393  7.476   10.436  1.00 26.83 ? 47  PRO A CA  1 
ATOM   39   C C   . PRO A 1 6   ? -1.015  8.385   9.264   1.00 25.78 ? 47  PRO A C   1 
ATOM   40   O O   . PRO A 1 6   ? -1.109  9.606   9.355   1.00 27.33 ? 47  PRO A O   1 
ATOM   41   C CB  . PRO A 1 6   ? -2.816  6.956   10.260  1.00 25.87 ? 47  PRO A CB  1 
ATOM   42   C CG  . PRO A 1 6   ? -3.646  7.981   10.983  1.00 27.57 ? 47  PRO A CG  1 
ATOM   43   C CD  . PRO A 1 6   ? -2.808  8.285   12.204  1.00 28.20 ? 47  PRO A CD  1 
ATOM   44   N N   . PRO A 1 7   ? -0.656  7.814   8.133   1.00 23.28 ? 48  PRO A N   1 
ATOM   45   C CA  . PRO A 1 7   ? -0.421  8.683   6.943   1.00 24.16 ? 48  PRO A CA  1 
ATOM   46   C C   . PRO A 1 7   ? -1.737  9.434   6.587   1.00 24.25 ? 48  PRO A C   1 
ATOM   47   O O   . PRO A 1 7   ? -2.834  8.999   6.878   1.00 24.19 ? 48  PRO A O   1 
ATOM   48   C CB  . PRO A 1 7   ? -0.032  7.657   5.853   1.00 24.10 ? 48  PRO A CB  1 
ATOM   49   C CG  . PRO A 1 7   ? 0.394   6.446   6.608   1.00 22.03 ? 48  PRO A CG  1 
ATOM   50   C CD  . PRO A 1 7   ? -0.508  6.385   7.786   1.00 21.65 ? 48  PRO A CD  1 
ATOM   51   N N   . GLU A 1 8   ? -1.564  10.587  5.939   1.00 25.63 ? 49  GLU A N   1 
ATOM   52   C CA  . GLU A 1 8   ? -2.652  11.410  5.518   1.00 26.56 ? 49  GLU A CA  1 
ATOM   53   C C   . GLU A 1 8   ? -3.512  10.632  4.485   1.00 26.40 ? 49  GLU A C   1 
ATOM   54   O O   . GLU A 1 8   ? -2.967  10.067  3.570   1.00 24.64 ? 49  GLU A O   1 
ATOM   55   C CB  . GLU A 1 8   ? -2.020  12.640  4.878   1.00 29.47 ? 49  GLU A CB  1 
ATOM   56   C CG  . GLU A 1 8   ? -2.931  13.787  4.662   1.00 36.34 ? 49  GLU A CG  1 
ATOM   57   C CD  . GLU A 1 8   ? -2.143  14.969  4.101   1.00 33.80 ? 49  GLU A CD  1 
ATOM   58   O OE1 . GLU A 1 8   ? -1.901  15.005  2.873   1.00 33.46 ? 49  GLU A OE1 1 
ATOM   59   O OE2 . GLU A 1 8   ? -1.714  15.829  4.911   1.00 38.18 ? 49  GLU A OE2 1 
ATOM   60   N N   . THR A 1 9   ? -4.803  10.678  4.644   1.00 23.83 ? 50  THR A N   1 
ATOM   61   C CA  . THR A 1 9   ? -5.768  10.201  3.664   1.00 21.67 ? 50  THR A CA  1 
ATOM   62   C C   . THR A 1 9   ? -6.800  11.201  3.101   1.00 23.93 ? 50  THR A C   1 
ATOM   63   O O   . THR A 1 9   ? -7.610  10.901  2.205   1.00 24.90 ? 50  THR A O   1 
ATOM   64   C CB  . THR A 1 9   ? -6.456  9.000   4.261   1.00 25.95 ? 50  THR A CB  1 
ATOM   65   O OG1 . THR A 1 9   ? -6.991  9.379   5.534   1.00 27.09 ? 50  THR A OG1 1 
ATOM   66   C CG2 . THR A 1 9   ? -5.493  7.791   4.419   1.00 26.70 ? 50  THR A CG2 1 
ATOM   67   N N   . SER A 1 10  ? -6.768  12.354  3.701   1.00 22.98 ? 51  SER A N   1 
ATOM   68   C CA  . SER A 1 10  ? -7.663  13.446  3.325   1.00 25.49 ? 51  SER A CA  1 
ATOM   69   C C   . SER A 1 10  ? -6.882  14.721  3.435   1.00 24.21 ? 51  SER A C   1 
ATOM   70   O O   . SER A 1 10  ? -6.197  14.971  4.487   1.00 25.88 ? 51  SER A O   1 
ATOM   71   C CB  . SER A 1 10  ? -8.808  13.500  4.368   1.00 31.14 ? 51  SER A CB  1 
ATOM   72   O OG  . SER A 1 10  ? -9.630  14.581  4.071   1.00 35.75 ? 51  SER A OG  1 
ATOM   73   N N   . ASN A 1 11  ? -6.926  15.559  2.372   1.00 23.25 ? 52  ASN A N   1 
ATOM   74   C CA  . ASN A 1 11  ? -6.264  16.867  2.445   1.00 26.14 ? 52  ASN A CA  1 
ATOM   75   C C   . ASN A 1 11  ? -6.852  17.770  1.366   1.00 23.20 ? 52  ASN A C   1 
ATOM   76   O O   . ASN A 1 11  ? -6.462  17.736  0.232   1.00 24.18 ? 52  ASN A O   1 
ATOM   77   C CB  . ASN A 1 11  ? -4.743  16.767  2.270   1.00 25.99 ? 52  ASN A CB  1 
ATOM   78   C CG  . ASN A 1 11  ? -4.042  18.089  2.426   1.00 31.16 ? 52  ASN A CG  1 
ATOM   79   O OD1 . ASN A 1 11  ? -4.687  19.137  2.449   1.00 28.91 ? 52  ASN A OD1 1 
ATOM   80   N ND2 . ASN A 1 11  ? -2.689  18.046  2.572   1.00 32.07 ? 52  ASN A ND2 1 
ATOM   81   N N   . PRO A 1 12  ? -7.767  18.612  1.734   1.00 22.12 ? 53  PRO A N   1 
ATOM   82   C CA  . PRO A 1 12  ? -8.405  19.420  0.688   1.00 23.03 ? 53  PRO A CA  1 
ATOM   83   C C   . PRO A 1 12  ? -7.453  20.380  -0.019  1.00 23.31 ? 53  PRO A C   1 
ATOM   84   O O   . PRO A 1 12  ? -7.784  20.918  -1.058  1.00 30.17 ? 53  PRO A O   1 
ATOM   85   C CB  . PRO A 1 12  ? -9.447  20.209  1.471   1.00 25.88 ? 53  PRO A CB  1 
ATOM   86   C CG  . PRO A 1 12  ? -9.885  19.213  2.514   1.00 23.36 ? 53  PRO A CG  1 
ATOM   87   C CD  . PRO A 1 12  ? -8.583  18.597  2.992   1.00 24.07 ? 53  PRO A CD  1 
ATOM   88   N N   . ASN A 1 13  ? -6.312  20.682  0.594   1.00 24.88 ? 54  ASN A N   1 
ATOM   89   C CA  . ASN A 1 13  ? -5.274  21.457  -0.065  1.00 27.16 ? 54  ASN A CA  1 
ATOM   90   C C   . ASN A 1 13  ? -4.580  20.750  -1.210  1.00 28.44 ? 54  ASN A C   1 
ATOM   91   O O   . ASN A 1 13  ? -3.920  21.407  -2.002  1.00 28.55 ? 54  ASN A O   1 
ATOM   92   C CB  . ASN A 1 13  ? -4.164  21.855  0.955   1.00 31.55 ? 54  ASN A CB  1 
ATOM   93   C CG  . ASN A 1 13  ? -4.603  22.895  1.943   1.00 36.89 ? 54  ASN A CG  1 
ATOM   94   O OD1 . ASN A 1 13  ? -5.378  23.844  1.611   1.00 40.38 ? 54  ASN A OD1 1 
ATOM   95   N ND2 . ASN A 1 13  ? -4.040  22.787  3.184   1.00 42.75 ? 54  ASN A ND2 1 
ATOM   96   N N   . LYS A 1 14  ? -4.732  19.436  -1.332  1.00 23.49 ? 55  LYS A N   1 
ATOM   97   C CA  . LYS A 1 14  ? -3.987  18.699  -2.371  1.00 23.54 ? 55  LYS A CA  1 
ATOM   98   C C   . LYS A 1 14  ? -4.861  18.455  -3.574  1.00 22.69 ? 55  LYS A C   1 
ATOM   99   O O   . LYS A 1 14  ? -5.963  17.940  -3.476  1.00 26.07 ? 55  LYS A O   1 
ATOM   100  C CB  . LYS A 1 14  ? -3.561  17.339  -1.802  1.00 22.56 ? 55  LYS A CB  1 
ATOM   101  C CG  . LYS A 1 14  ? -2.715  16.483  -2.704  1.00 23.41 ? 55  LYS A CG  1 
ATOM   102  C CD  . LYS A 1 14  ? -2.453  15.097  -2.075  1.00 24.12 ? 55  LYS A CD  1 
ATOM   103  C CE  . LYS A 1 14  ? -1.445  14.307  -2.893  1.00 25.39 ? 55  LYS A CE  1 
ATOM   104  N NZ  . LYS A 1 14  ? -2.092  13.897  -4.112  1.00 26.31 ? 55  LYS A NZ  1 
ATOM   105  N N   . PRO A 1 15  ? -4.401  18.894  -4.758  1.00 23.03 ? 56  PRO A N   1 
ATOM   106  C CA  . PRO A 1 15  ? -5.309  18.714  -5.909  1.00 23.17 ? 56  PRO A CA  1 
ATOM   107  C C   . PRO A 1 15  ? -5.419  17.271  -6.308  1.00 20.43 ? 56  PRO A C   1 
ATOM   108  O O   . PRO A 1 15  ? -4.499  16.487  -6.059  1.00 23.14 ? 56  PRO A O   1 
ATOM   109  C CB  . PRO A 1 15  ? -4.630  19.583  -7.024  1.00 24.11 ? 56  PRO A CB  1 
ATOM   110  C CG  . PRO A 1 15  ? -3.265  19.454  -6.666  1.00 28.49 ? 56  PRO A CG  1 
ATOM   111  C CD  . PRO A 1 15  ? -3.141  19.491  -5.157  1.00 29.58 ? 56  PRO A CD  1 
ATOM   112  N N   . LYS A 1 16  ? -6.562  16.931  -6.892  1.00 24.69 ? 57  LYS A N   1 
ATOM   113  C CA  . LYS A 1 16  ? -6.951  15.547  -7.112  1.00 26.24 ? 57  LYS A CA  1 
ATOM   114  C C   . LYS A 1 16  ? -7.448  15.326  -8.490  1.00 27.00 ? 57  LYS A C   1 
ATOM   115  O O   . LYS A 1 16  ? -8.075  16.248  -9.072  1.00 25.36 ? 57  LYS A O   1 
ATOM   116  C CB  . LYS A 1 16  ? -8.136  15.184  -6.123  1.00 26.01 ? 57  LYS A CB  1 
ATOM   117  C CG  . LYS A 1 16  ? -8.068  15.774  -4.686  1.00 31.70 ? 57  LYS A CG  1 
ATOM   118  C CD  . LYS A 1 16  ? -6.854  15.140  -3.980  1.00 35.51 ? 57  LYS A CD  1 
ATOM   119  C CE  . LYS A 1 16  ? -6.823  15.210  -2.463  1.00 31.34 ? 57  LYS A CE  1 
ATOM   120  N NZ  . LYS A 1 16  ? -7.551  16.446  -1.860  1.00 30.30 ? 57  LYS A NZ  1 
ATOM   121  N N   . ARG A 1 17  ? -7.307  14.067  -8.967  1.00 24.26 ? 58  ARG A N   1 
ATOM   122  C CA  . ARG A 1 17  ? -8.021  13.638  -10.187 1.00 24.23 ? 58  ARG A CA  1 
ATOM   123  C C   . ARG A 1 17  ? -8.633  12.275  -10.053 1.00 29.04 ? 58  ARG A C   1 
ATOM   124  O O   . ARG A 1 17  ? -8.189  11.443  -9.243  1.00 33.84 ? 58  ARG A O   1 
ATOM   125  C CB  . ARG A 1 17  ? -7.095  13.606  -11.426 1.00 29.79 ? 58  ARG A CB  1 
ATOM   126  C CG  . ARG A 1 17  ? -6.541  14.903  -11.793 1.00 29.50 ? 58  ARG A CG  1 
ATOM   127  C CD  . ARG A 1 17  ? -5.633  14.897  -13.046 1.00 26.16 ? 58  ARG A CD  1 
ATOM   128  N NE  . ARG A 1 17  ? -4.566  13.948  -12.984 1.00 24.89 ? 58  ARG A NE  1 
ATOM   129  C CZ  . ARG A 1 17  ? -3.733  13.664  -13.971 1.00 27.71 ? 58  ARG A CZ  1 
ATOM   130  N NH1 . ARG A 1 17  ? -3.822  14.255  -15.165 1.00 29.63 ? 58  ARG A NH1 1 
ATOM   131  N NH2 . ARG A 1 17  ? -2.818  12.706  -13.776 1.00 29.38 ? 58  ARG A NH2 1 
ATOM   132  N N   . GLN A 1 18  ? -9.609  12.031  -10.907 1.00 30.57 ? 59  GLN A N   1 
ATOM   133  C CA  . GLN A 1 18  ? -10.234 10.693  -11.048 1.00 36.45 ? 59  GLN A CA  1 
ATOM   134  C C   . GLN A 1 18  ? -9.980  10.264  -12.473 1.00 39.03 ? 59  GLN A C   1 
ATOM   135  O O   . GLN A 1 18  ? -10.483 10.907  -13.388 1.00 42.65 ? 59  GLN A O   1 
ATOM   136  C CB  . GLN A 1 18  ? -11.740 10.717  -10.772 1.00 41.40 ? 59  GLN A CB  1 
ATOM   137  C CG  . GLN A 1 18  ? -12.054 10.935  -9.300  1.00 44.53 ? 59  GLN A CG  1 
ATOM   138  C CD  . GLN A 1 18  ? -13.534 10.831  -8.937  1.00 55.94 ? 59  GLN A CD  1 
ATOM   139  O OE1 . GLN A 1 18  ? -14.245 11.842  -8.913  1.00 59.97 ? 59  GLN A OE1 1 
ATOM   140  N NE2 . GLN A 1 18  ? -13.998 9.611   -8.633  1.00 55.85 ? 59  GLN A NE2 1 
ATOM   141  N N   . THR A 1 19  ? -9.182  9.214   -12.650 1.00 33.23 ? 60  THR A N   1 
ATOM   142  C CA  . THR A 1 19  ? -8.623  8.845   -13.945 1.00 34.14 ? 60  THR A CA  1 
ATOM   143  C C   . THR A 1 19  ? -8.746  7.358   -14.168 1.00 31.22 ? 60  THR A C   1 
ATOM   144  O O   . THR A 1 19  ? -8.963  6.599   -13.216 1.00 28.44 ? 60  THR A O   1 
ATOM   145  C CB  . THR A 1 19  ? -7.154  9.205   -14.082 1.00 33.18 ? 60  THR A CB  1 
ATOM   146  O OG1 . THR A 1 19  ? -6.300  8.276   -13.380 1.00 33.37 ? 60  THR A OG1 1 
ATOM   147  C CG2 . THR A 1 19  ? -6.886  10.585  -13.559 1.00 41.85 ? 60  THR A CG2 1 
ATOM   148  N N   . ASN A 1 20  ? -8.718  6.956   -15.443 1.00 30.91 ? 61  ASN A N   1 
ATOM   149  C CA  . ASN A 1 20  ? -8.886  5.533   -15.672 1.00 27.77 ? 61  ASN A CA  1 
ATOM   150  C C   . ASN A 1 20  ? -7.762  4.715   -15.051 1.00 26.53 ? 61  ASN A C   1 
ATOM   151  O O   . ASN A 1 20  ? -8.036  3.602   -14.585 1.00 24.90 ? 61  ASN A O   1 
ATOM   152  C CB  . ASN A 1 20  ? -9.115  5.167   -17.124 1.00 31.66 ? 61  ASN A CB  1 
ATOM   153  C CG  . ASN A 1 20  ? -7.906  5.430   -17.969 1.00 29.63 ? 61  ASN A CG  1 
ATOM   154  O OD1 . ASN A 1 20  ? -7.452  6.560   -18.110 1.00 35.62 ? 61  ASN A OD1 1 
ATOM   155  N ND2 . ASN A 1 20  ? -7.349  4.354   -18.555 1.00 34.00 ? 61  ASN A ND2 1 
ATOM   156  N N   . GLN A 1 21  ? -6.545  5.242   -14.990 1.00 28.60 ? 62  GLN A N   1 
ATOM   157  C CA  . GLN A 1 21  ? -5.434  4.477   -14.329 1.00 25.44 ? 62  GLN A CA  1 
ATOM   158  C C   . GLN A 1 21  ? -5.702  4.330   -12.830 1.00 25.14 ? 62  GLN A C   1 
ATOM   159  O O   . GLN A 1 21  ? -5.512  3.227   -12.248 1.00 23.04 ? 62  GLN A O   1 
ATOM   160  C CB  . GLN A 1 21  ? -4.069  5.078   -14.595 1.00 29.85 ? 62  GLN A CB  1 
ATOM   161  C CG  . GLN A 1 21  ? -3.666  4.882   -16.029 1.00 29.91 ? 62  GLN A CG  1 
ATOM   162  C CD  . GLN A 1 21  ? -2.299  5.353   -16.283 1.00 29.43 ? 62  GLN A CD  1 
ATOM   163  O OE1 . GLN A 1 21  ? -1.718  6.172   -15.512 1.00 30.43 ? 62  GLN A OE1 1 
ATOM   164  N NE2 . GLN A 1 21  ? -1.710  4.824   -17.361 1.00 31.72 ? 62  GLN A NE2 1 
ATOM   165  N N   . LEU A 1 22  ? -6.070  5.443   -12.188 1.00 24.43 ? 63  LEU A N   1 
ATOM   166  C CA  . LEU A 1 22  ? -6.453  5.349   -10.771 1.00 22.98 ? 63  LEU A CA  1 
ATOM   167  C C   . LEU A 1 22  ? -7.676  4.437   -10.500 1.00 21.72 ? 63  LEU A C   1 
ATOM   168  O O   . LEU A 1 22  ? -7.728  3.686   -9.478  1.00 24.37 ? 63  LEU A O   1 
ATOM   169  C CB  . LEU A 1 22  ? -6.636  6.758   -10.196 1.00 22.17 ? 63  LEU A CB  1 
ATOM   170  C CG  . LEU A 1 22  ? -5.298  7.471   -9.906  1.00 24.86 ? 63  LEU A CG  1 
ATOM   171  C CD1 . LEU A 1 22  ? -5.626  8.937   -9.900  1.00 26.63 ? 63  LEU A CD1 1 
ATOM   172  C CD2 . LEU A 1 22  ? -4.598  6.962   -8.626  1.00 25.59 ? 63  LEU A CD2 1 
ATOM   173  N N   A GLN A 1 23  ? -8.638  4.414   -11.430 0.50 22.79 ? 64  GLN A N   1 
ATOM   174  N N   B GLN A 1 23  ? -8.645  4.410   -11.417 0.50 23.12 ? 64  GLN A N   1 
ATOM   175  C CA  A GLN A 1 23  ? -9.766  3.503   -11.298 0.50 24.26 ? 64  GLN A CA  1 
ATOM   176  C CA  B GLN A 1 23  ? -9.756  3.490   -11.251 0.50 25.05 ? 64  GLN A CA  1 
ATOM   177  C C   A GLN A 1 23  ? -9.326  2.062   -11.352 0.50 21.99 ? 64  GLN A C   1 
ATOM   178  C C   B GLN A 1 23  ? -9.308  2.055   -11.326 0.50 22.55 ? 64  GLN A C   1 
ATOM   179  O O   A GLN A 1 23  ? -9.785  1.242   -10.566 0.50 23.74 ? 64  GLN A O   1 
ATOM   180  O O   B GLN A 1 23  ? -9.754  1.229   -10.539 0.50 24.11 ? 64  GLN A O   1 
ATOM   181  C CB  A GLN A 1 23  ? -10.842 3.822   -12.353 0.50 26.68 ? 64  GLN A CB  1 
ATOM   182  C CB  B GLN A 1 23  ? -10.839 3.755   -12.289 0.50 28.45 ? 64  GLN A CB  1 
ATOM   183  C CG  A GLN A 1 23  ? -11.459 5.203   -12.124 0.50 28.21 ? 64  GLN A CG  1 
ATOM   184  C CG  B GLN A 1 23  ? -12.034 2.847   -12.175 0.50 31.36 ? 64  GLN A CG  1 
ATOM   185  C CD  A GLN A 1 23  ? -12.078 5.904   -13.348 0.50 34.59 ? 64  GLN A CD  1 
ATOM   186  C CD  B GLN A 1 23  ? -13.057 3.088   -13.281 0.50 37.39 ? 64  GLN A CD  1 
ATOM   187  O OE1 A GLN A 1 23  ? -11.949 5.480   -14.503 0.50 35.52 ? 64  GLN A OE1 1 
ATOM   188  O OE1 B GLN A 1 23  ? -13.652 2.157   -13.810 0.50 43.77 ? 64  GLN A OE1 1 
ATOM   189  N NE2 A GLN A 1 23  ? -12.734 7.025   -13.073 0.50 38.02 ? 64  GLN A NE2 1 
ATOM   190  N NE2 B GLN A 1 23  ? -13.257 4.348   -13.625 0.50 43.26 ? 64  GLN A NE2 1 
ATOM   191  N N   . TYR A 1 24  ? -8.367  1.785   -12.215 1.00 21.94 ? 65  TYR A N   1 
ATOM   192  C CA  . TYR A 1 24  ? -7.764  0.433   -12.311 1.00 22.80 ? 65  TYR A CA  1 
ATOM   193  C C   . TYR A 1 24  ? -6.977  0.045   -11.080 1.00 20.68 ? 65  TYR A C   1 
ATOM   194  O O   . TYR A 1 24  ? -7.045  -1.099  -10.617 1.00 22.54 ? 65  TYR A O   1 
ATOM   195  C CB  . TYR A 1 24  ? -6.814  0.430   -13.515 1.00 23.54 ? 65  TYR A CB  1 
ATOM   196  C CG  . TYR A 1 24  ? -6.067  -0.906  -13.769 1.00 23.21 ? 65  TYR A CG  1 
ATOM   197  C CD1 . TYR A 1 24  ? -6.625  -1.908  -14.524 1.00 25.36 ? 65  TYR A CD1 1 
ATOM   198  C CD2 . TYR A 1 24  ? -4.792  -1.122  -13.281 1.00 22.39 ? 65  TYR A CD2 1 
ATOM   199  C CE1 . TYR A 1 24  ? -5.924  -3.076  -14.819 1.00 24.35 ? 65  TYR A CE1 1 
ATOM   200  C CE2 . TYR A 1 24  ? -4.108  -2.301  -13.505 1.00 22.91 ? 65  TYR A CE2 1 
ATOM   201  C CZ  . TYR A 1 24  ? -4.678  -3.283  -14.313 1.00 25.07 ? 65  TYR A CZ  1 
ATOM   202  O OH  . TYR A 1 24  ? -4.002  -4.479  -14.589 1.00 24.34 ? 65  TYR A OH  1 
ATOM   203  N N   . LEU A 1 25  ? -6.257  1.023   -10.483 1.00 22.09 ? 66  LEU A N   1 
ATOM   204  C CA  . LEU A 1 25  ? -5.561  0.746   -9.245  1.00 20.51 ? 66  LEU A CA  1 
ATOM   205  C C   . LEU A 1 25  ? -6.526  0.289   -8.169  1.00 20.81 ? 66  LEU A C   1 
ATOM   206  O O   . LEU A 1 25  ? -6.134  -0.500  -7.290  1.00 21.98 ? 66  LEU A O   1 
ATOM   207  C CB  . LEU A 1 25  ? -4.677  1.938   -8.865  1.00 20.51 ? 66  LEU A CB  1 
ATOM   208  C CG  . LEU A 1 25  ? -3.390  1.998   -9.727  1.00 25.22 ? 66  LEU A CG  1 
ATOM   209  C CD1 . LEU A 1 25  ? -2.749  3.339   -9.645  1.00 30.79 ? 66  LEU A CD1 1 
ATOM   210  C CD2 . LEU A 1 25  ? -2.421  1.014   -9.086  1.00 30.19 ? 66  LEU A CD2 1 
ATOM   211  N N   . LEU A 1 26  ? -7.727  0.871   -8.113  1.00 21.25 ? 67  LEU A N   1 
ATOM   212  C CA  . LEU A 1 26  ? -8.729  0.431   -7.143  1.00 21.09 ? 67  LEU A CA  1 
ATOM   213  C C   . LEU A 1 26  ? -9.400  -0.882  -7.488  1.00 23.26 ? 67  LEU A C   1 
ATOM   214  O O   . LEU A 1 26  ? -9.418  -1.833  -6.689  1.00 25.12 ? 67  LEU A O   1 
ATOM   215  C CB  . LEU A 1 26  ? -9.772  1.516   -6.916  1.00 21.99 ? 67  LEU A CB  1 
ATOM   216  C CG  . LEU A 1 26  ? -10.865 1.239   -5.849  1.00 25.71 ? 67  LEU A CG  1 
ATOM   217  C CD1 . LEU A 1 26  ? -10.293 0.883   -4.508  1.00 27.39 ? 67  LEU A CD1 1 
ATOM   218  C CD2 . LEU A 1 26  ? -11.741 2.501   -5.732  1.00 27.98 ? 67  LEU A CD2 1 
ATOM   219  N N   . ARG A 1 27  ? -9.973  -0.897  -8.686  1.00 23.70 ? 68  ARG A N   1 
ATOM   220  C CA  . ARG A 1 27  ? -10.870 -1.972  -9.060  1.00 27.07 ? 68  ARG A CA  1 
ATOM   221  C C   . ARG A 1 27  ? -10.141 -3.292  -9.364  1.00 25.74 ? 68  ARG A C   1 
ATOM   222  O O   . ARG A 1 27  ? -10.679 -4.377  -9.078  1.00 27.59 ? 68  ARG A O   1 
ATOM   223  C CB  . ARG A 1 27  ? -11.688 -1.558  -10.260 1.00 29.88 ? 68  ARG A CB  1 
ATOM   224  C CG  . ARG A 1 27  ? -12.797 -0.591  -9.902  1.00 35.58 ? 68  ARG A CG  1 
ATOM   225  C CD  . ARG A 1 27  ? -13.631 -0.342  -11.147 1.00 50.94 ? 68  ARG A CD  1 
ATOM   226  N NE  . ARG A 1 27  ? -14.389 0.902   -11.073 1.00 60.96 ? 68  ARG A NE  1 
ATOM   227  C CZ  . ARG A 1 27  ? -15.534 1.110   -11.724 1.00 76.77 ? 68  ARG A CZ  1 
ATOM   228  N NH1 . ARG A 1 27  ? -16.164 2.280   -11.590 1.00 84.12 ? 68  ARG A NH1 1 
ATOM   229  N NH2 . ARG A 1 27  ? -16.061 0.155   -12.509 1.00 75.12 ? 68  ARG A NH2 1 
ATOM   230  N N   . VAL A 1 28  ? -8.933  -3.171  -9.915  1.00 22.64 ? 69  VAL A N   1 
ATOM   231  C CA  . VAL A 1 28  ? -8.127  -4.360  -10.201 1.00 22.43 ? 69  VAL A CA  1 
ATOM   232  C C   . VAL A 1 28  ? -7.030  -4.582  -9.159  1.00 21.77 ? 69  VAL A C   1 
ATOM   233  O O   . VAL A 1 28  ? -6.936  -5.622  -8.507  1.00 23.00 ? 69  VAL A O   1 
ATOM   234  C CB  . VAL A 1 28  ? -7.541  -4.256  -11.603 1.00 23.56 ? 69  VAL A CB  1 
ATOM   235  C CG1 . VAL A 1 28  ? -6.597  -5.425  -11.949 1.00 27.11 ? 69  VAL A CG1 1 
ATOM   236  C CG2 . VAL A 1 28  ? -8.681  -4.223  -12.630 1.00 25.12 ? 69  VAL A CG2 1 
ATOM   237  N N   . VAL A 1 29  ? -6.166  -3.567  -8.961  1.00 20.86 ? 70  VAL A N   1 
ATOM   238  C CA  . VAL A 1 29  ? -4.928  -3.870  -8.182  1.00 23.00 ? 70  VAL A CA  1 
ATOM   239  C C   . VAL A 1 29  ? -5.281  -4.047  -6.722  1.00 23.14 ? 70  VAL A C   1 
ATOM   240  O O   . VAL A 1 29  ? -4.948  -5.023  -6.108  1.00 22.49 ? 70  VAL A O   1 
ATOM   241  C CB  . VAL A 1 29  ? -3.789  -2.827  -8.398  1.00 21.84 ? 70  VAL A CB  1 
ATOM   242  C CG1 . VAL A 1 29  ? -2.470  -3.040  -7.563  1.00 22.52 ? 70  VAL A CG1 1 
ATOM   243  C CG2 . VAL A 1 29  ? -3.451  -2.699  -9.870  1.00 24.13 ? 70  VAL A CG2 1 
ATOM   244  N N   . LEU A 1 30  ? -5.823  -3.012  -6.107  1.00 21.29 ? 71  LEU A N   1 
ATOM   245  C CA  . LEU A 1 30  ? -6.161  -3.070  -4.719  1.00 23.80 ? 71  LEU A CA  1 
ATOM   246  C C   . LEU A 1 30  ? -7.106  -4.192  -4.377  1.00 23.00 ? 71  LEU A C   1 
ATOM   247  O O   . LEU A 1 30  ? -6.844  -4.999  -3.465  1.00 23.15 ? 71  LEU A O   1 
ATOM   248  C CB  . LEU A 1 30  ? -6.712  -1.707  -4.239  1.00 23.60 ? 71  LEU A CB  1 
ATOM   249  C CG  . LEU A 1 30  ? -6.996  -1.543  -2.720  1.00 26.92 ? 71  LEU A CG  1 
ATOM   250  C CD1 . LEU A 1 30  ? -8.276  -2.190  -2.192  1.00 31.14 ? 71  LEU A CD1 1 
ATOM   251  C CD2 . LEU A 1 30  ? -5.871  -1.927  -1.815  1.00 24.97 ? 71  LEU A CD2 1 
ATOM   252  N N   . LYS A 1 31  ? -8.128  -4.393  -5.170  1.00 24.60 ? 72  LYS A N   1 
ATOM   253  C CA  A LYS A 1 31  ? -9.096  -5.456  -4.860  0.50 24.54 ? 72  LYS A CA  1 
ATOM   254  C CA  B LYS A 1 31  ? -9.094  -5.447  -4.832  0.50 24.54 ? 72  LYS A CA  1 
ATOM   255  C C   . LYS A 1 31  ? -8.485  -6.839  -4.956  1.00 22.95 ? 72  LYS A C   1 
ATOM   256  O O   . LYS A 1 31  ? -8.779  -7.711  -4.124  1.00 24.61 ? 72  LYS A O   1 
ATOM   257  C CB  A LYS A 1 31  ? -10.274 -5.366  -5.818  0.50 28.52 ? 72  LYS A CB  1 
ATOM   258  C CB  B LYS A 1 31  ? -10.319 -5.325  -5.726  0.50 28.66 ? 72  LYS A CB  1 
ATOM   259  C CG  A LYS A 1 31  ? -11.215 -4.245  -5.387  0.50 34.20 ? 72  LYS A CG  1 
ATOM   260  C CG  B LYS A 1 31  ? -11.243 -4.182  -5.274  0.50 33.50 ? 72  LYS A CG  1 
ATOM   261  C CD  A LYS A 1 31  ? -12.695 -4.548  -5.592  0.50 37.72 ? 72  LYS A CD  1 
ATOM   262  C CD  B LYS A 1 31  ? -11.987 -4.445  -3.957  0.50 35.74 ? 72  LYS A CD  1 
ATOM   263  C CE  A LYS A 1 31  ? -13.564 -3.426  -5.014  0.50 39.51 ? 72  LYS A CE  1 
ATOM   264  C CE  B LYS A 1 31  ? -12.697 -3.200  -3.404  0.50 39.74 ? 72  LYS A CE  1 
ATOM   265  N NZ  A LYS A 1 31  ? -13.480 -2.145  -5.767  0.50 38.78 ? 72  LYS A NZ  1 
ATOM   266  N NZ  B LYS A 1 31  ? -11.789 -2.126  -2.914  0.50 41.93 ? 72  LYS A NZ  1 
ATOM   267  N N   . THR A 1 32  ? -7.560  -7.016  -5.885  1.00 20.50 ? 73  THR A N   1 
ATOM   268  C CA  . THR A 1 32  ? -6.893  -8.338  -6.050  1.00 19.86 ? 73  THR A CA  1 
ATOM   269  C C   . THR A 1 32  ? -6.067  -8.637  -4.836  1.00 21.42 ? 73  THR A C   1 
ATOM   270  O O   . THR A 1 32  ? -6.093  -9.778  -4.299  1.00 22.27 ? 73  THR A O   1 
ATOM   271  C CB  . THR A 1 32  ? -6.014  -8.391  -7.307  1.00 21.14 ? 73  THR A CB  1 
ATOM   272  O OG1 . THR A 1 32  ? -6.861  -8.322  -8.496  1.00 22.94 ? 73  THR A OG1 1 
ATOM   273  C CG2 . THR A 1 32  ? -5.144  -9.624  -7.392  1.00 24.01 ? 73  THR A CG2 1 
ATOM   274  N N   . LEU A 1 33  ? -5.277  -7.639  -4.385  1.00 20.37 ? 74  LEU A N   1 
ATOM   275  C CA  . LEU A 1 33  ? -4.405  -7.897  -3.223  1.00 20.37 ? 74  LEU A CA  1 
ATOM   276  C C   . LEU A 1 33  ? -5.231  -8.067  -1.929  1.00 21.41 ? 74  LEU A C   1 
ATOM   277  O O   . LEU A 1 33  ? -4.898  -8.869  -1.050  1.00 21.02 ? 74  LEU A O   1 
ATOM   278  C CB  . LEU A 1 33  ? -3.378  -6.799  -3.069  1.00 23.75 ? 74  LEU A CB  1 
ATOM   279  C CG  . LEU A 1 33  ? -2.058  -6.959  -3.899  1.00 25.64 ? 74  LEU A CG  1 
ATOM   280  C CD1 . LEU A 1 33  ? -2.210  -7.095  -5.366  1.00 29.26 ? 74  LEU A CD1 1 
ATOM   281  C CD2 . LEU A 1 33  ? -1.080  -5.849  -3.610  1.00 24.87 ? 74  LEU A CD2 1 
ATOM   282  N N   . TRP A 1 34  ? -6.218  -7.227  -1.811  1.00 21.23 ? 75  TRP A N   1 
ATOM   283  C CA  . TRP A 1 34  ? -7.076  -7.183  -0.610  1.00 22.71 ? 75  TRP A CA  1 
ATOM   284  C C   . TRP A 1 34  ? -7.732  -8.522  -0.275  1.00 21.77 ? 75  TRP A C   1 
ATOM   285  O O   . TRP A 1 34  ? -7.845  -8.879  0.896   1.00 23.77 ? 75  TRP A O   1 
ATOM   286  C CB  . TRP A 1 34  ? -8.136  -6.090  -0.717  1.00 23.29 ? 75  TRP A CB  1 
ATOM   287  C CG  . TRP A 1 34  ? -8.812  -5.745  0.571   1.00 24.86 ? 75  TRP A CG  1 
ATOM   288  C CD1 . TRP A 1 34  ? -9.947  -6.353  1.129   1.00 27.52 ? 75  TRP A CD1 1 
ATOM   289  C CD2 . TRP A 1 34  ? -8.406  -4.715  1.525   1.00 20.54 ? 75  TRP A CD2 1 
ATOM   290  N NE1 . TRP A 1 34  ? -10.290 -5.710  2.269   1.00 27.08 ? 75  TRP A NE1 1 
ATOM   291  C CE2 . TRP A 1 34  ? -9.340  -4.752  2.588   1.00 25.37 ? 75  TRP A CE2 1 
ATOM   292  C CE3 . TRP A 1 34  ? -7.345  -3.822  1.599   1.00 21.08 ? 75  TRP A CE3 1 
ATOM   293  C CZ2 . TRP A 1 34  ? -9.272  -3.867  3.663   1.00 26.44 ? 75  TRP A CZ2 1 
ATOM   294  C CZ3 . TRP A 1 34  ? -7.287  -2.946  2.634   1.00 21.67 ? 75  TRP A CZ3 1 
ATOM   295  C CH2 . TRP A 1 34  ? -8.229  -3.003  3.701   1.00 22.55 ? 75  TRP A CH2 1 
ATOM   296  N N   . LYS A 1 35  ? -8.214  -9.227  -1.306  1.00 21.67 ? 76  LYS A N   1 
ATOM   297  C CA  . LYS A 1 35  ? -8.931  -10.434 -1.111  1.00 24.13 ? 76  LYS A CA  1 
ATOM   298  C C   . LYS A 1 35  ? -8.034  -11.647 -0.903  1.00 25.58 ? 76  LYS A C   1 
ATOM   299  O O   . LYS A 1 35  ? -8.527  -12.731 -0.564  1.00 26.88 ? 76  LYS A O   1 
ATOM   300  C CB  . LYS A 1 35  ? -9.856  -10.676 -2.314  1.00 22.95 ? 76  LYS A CB  1 
ATOM   301  C CG  . LYS A 1 35  ? -9.165  -11.101 -3.558  1.00 23.88 ? 76  LYS A CG  1 
ATOM   302  C CD  . LYS A 1 35  ? -10.104 -11.171 -4.770  1.00 27.06 ? 76  LYS A CD  1 
ATOM   303  C CE  . LYS A 1 35  ? -9.484  -11.775 -5.984  1.00 29.19 ? 76  LYS A CE  1 
ATOM   304  N NZ  . LYS A 1 35  ? -10.377 -11.572 -7.200  1.00 29.76 ? 76  LYS A NZ  1 
ATOM   305  N N   . HIS A 1 36  ? -6.712  -11.469 -1.050  1.00 22.81 ? 77  HIS A N   1 
ATOM   306  C CA  . HIS A 1 36  ? -5.716  -12.580 -0.989  1.00 24.00 ? 77  HIS A CA  1 
ATOM   307  C C   . HIS A 1 36  ? -5.625  -13.113 0.451   1.00 22.37 ? 77  HIS A C   1 
ATOM   308  O O   . HIS A 1 36  ? -5.803  -12.322 1.448   1.00 22.13 ? 77  HIS A O   1 
ATOM   309  C CB  . HIS A 1 36  ? -4.382  -12.064 -1.542  1.00 23.21 ? 77  HIS A CB  1 
ATOM   310  C CG  . HIS A 1 36  ? -3.373  -13.102 -1.765  1.00 22.44 ? 77  HIS A CG  1 
ATOM   311  N ND1 . HIS A 1 36  ? -2.645  -13.670 -0.739  1.00 25.96 ? 77  HIS A ND1 1 
ATOM   312  C CD2 . HIS A 1 36  ? -2.983  -13.734 -2.907  1.00 26.00 ? 77  HIS A CD2 1 
ATOM   313  C CE1 . HIS A 1 36  ? -1.830  -14.578 -1.251  1.00 26.20 ? 77  HIS A CE1 1 
ATOM   314  N NE2 . HIS A 1 36  ? -1.993  -14.601 -2.561  1.00 26.69 ? 77  HIS A NE2 1 
ATOM   315  N N   . GLN A 1 37  ? -5.407  -14.433 0.604   1.00 23.01 ? 78  GLN A N   1 
ATOM   316  C CA  . GLN A 1 37  ? -5.280  -15.031 1.927   1.00 22.19 ? 78  GLN A CA  1 
ATOM   317  C C   . GLN A 1 37  ? -4.180  -14.365 2.801   1.00 23.13 ? 78  GLN A C   1 
ATOM   318  O O   . GLN A 1 37  ? -4.190  -14.497 4.028   1.00 25.84 ? 78  GLN A O   1 
ATOM   319  C CB  . GLN A 1 37  ? -5.049  -16.540 1.869   1.00 24.82 ? 78  GLN A CB  1 
ATOM   320  C CG  . GLN A 1 37  ? -3.800  -16.950 1.166   1.00 29.42 ? 78  GLN A CG  1 
ATOM   321  C CD  . GLN A 1 37  ? -3.679  -18.474 1.066   1.00 39.85 ? 78  GLN A CD  1 
ATOM   322  O OE1 . GLN A 1 37  ? -4.652  -19.214 1.305   1.00 43.02 ? 78  GLN A OE1 1 
ATOM   323  N NE2 . GLN A 1 37  ? -2.488  -18.939 0.741   1.00 47.28 ? 78  GLN A NE2 1 
ATOM   324  N N   . PHE A 1 38  ? -3.206  -13.749 2.148   1.00 21.23 ? 79  PHE A N   1 
ATOM   325  C CA  . PHE A 1 38  ? -2.056  -13.185 2.869   1.00 21.23 ? 79  PHE A CA  1 
ATOM   326  C C   . PHE A 1 38  ? -2.170  -11.672 3.052   1.00 23.29 ? 79  PHE A C   1 
ATOM   327  O O   . PHE A 1 38  ? -1.214  -11.007 3.548   1.00 23.08 ? 79  PHE A O   1 
ATOM   328  C CB  . PHE A 1 38  ? -0.724  -13.469 2.150   1.00 22.78 ? 79  PHE A CB  1 
ATOM   329  C CG  . PHE A 1 38  ? -0.337  -14.952 2.077   1.00 21.69 ? 79  PHE A CG  1 
ATOM   330  C CD1 . PHE A 1 38  ? -0.821  -15.883 2.951   1.00 24.18 ? 79  PHE A CD1 1 
ATOM   331  C CD2 . PHE A 1 38  ? 0.662   -15.323 1.202   1.00 25.54 ? 79  PHE A CD2 1 
ATOM   332  C CE1 . PHE A 1 38  ? -0.390  -17.203 2.904   1.00 23.93 ? 79  PHE A CE1 1 
ATOM   333  C CE2 . PHE A 1 38  ? 1.072   -16.631 1.129   1.00 26.13 ? 79  PHE A CE2 1 
ATOM   334  C CZ  . PHE A 1 38  ? 0.490   -17.575 1.943   1.00 25.57 ? 79  PHE A CZ  1 
ATOM   335  N N   . ALA A 1 39  ? -3.311  -11.101 2.738   1.00 22.02 ? 80  ALA A N   1 
ATOM   336  C CA  . ALA A 1 39  ? -3.502  -9.624  2.858   1.00 25.43 ? 80  ALA A CA  1 
ATOM   337  C C   . ALA A 1 39  ? -3.529  -9.090  4.240   1.00 23.62 ? 80  ALA A C   1 
ATOM   338  O O   . ALA A 1 39  ? -3.204  -7.916  4.463   1.00 22.06 ? 80  ALA A O   1 
ATOM   339  C CB  . ALA A 1 39  ? -4.855  -9.206  2.219   1.00 24.22 ? 80  ALA A CB  1 
ATOM   340  N N   . TRP A 1 40  ? -4.081  -9.884  5.193   1.00 23.00 ? 81  TRP A N   1 
ATOM   341  C CA  . TRP A 1 40  ? -4.458  -9.276  6.509   1.00 22.10 ? 81  TRP A CA  1 
ATOM   342  C C   . TRP A 1 40  ? -3.347  -8.515  7.267   1.00 20.81 ? 81  TRP A C   1 
ATOM   343  O O   . TRP A 1 40  ? -3.669  -7.477  7.818   1.00 21.76 ? 81  TRP A O   1 
ATOM   344  C CB  . TRP A 1 40  ? -5.111  -10.376 7.385   1.00 21.16 ? 81  TRP A CB  1 
ATOM   345  C CG  . TRP A 1 40  ? -4.223  -11.543 7.707   1.00 21.67 ? 81  TRP A CG  1 
ATOM   346  C CD1 . TRP A 1 40  ? -4.163  -12.738 7.040   1.00 22.63 ? 81  TRP A CD1 1 
ATOM   347  C CD2 . TRP A 1 40  ? -3.391  -11.719 8.855   1.00 22.41 ? 81  TRP A CD2 1 
ATOM   348  N NE1 . TRP A 1 40  ? -3.240  -13.563 7.604   1.00 23.99 ? 81  TRP A NE1 1 
ATOM   349  C CE2 . TRP A 1 40  ? -2.736  -12.955 8.714   1.00 23.85 ? 81  TRP A CE2 1 
ATOM   350  C CE3 . TRP A 1 40  ? -2.987  -10.878 9.909   1.00 23.48 ? 81  TRP A CE3 1 
ATOM   351  C CZ2 . TRP A 1 40  ? -1.847  -13.466 9.685   1.00 25.09 ? 81  TRP A CZ2 1 
ATOM   352  C CZ3 . TRP A 1 40  ? -2.053  -11.362 10.788  1.00 24.22 ? 81  TRP A CZ3 1 
ATOM   353  C CH2 . TRP A 1 40  ? -1.489  -12.601 10.676  1.00 23.13 ? 81  TRP A CH2 1 
ATOM   354  N N   . PRO A 1 41  ? -2.079  -8.916  7.174   1.00 20.96 ? 82  PRO A N   1 
ATOM   355  C CA  . PRO A 1 41  ? -1.108  -8.062  7.901   1.00 21.00 ? 82  PRO A CA  1 
ATOM   356  C C   . PRO A 1 41  ? -0.934  -6.635  7.309   1.00 20.99 ? 82  PRO A C   1 
ATOM   357  O O   . PRO A 1 41  ? -0.378  -5.733  8.023   1.00 21.33 ? 82  PRO A O   1 
ATOM   358  C CB  . PRO A 1 41  ? 0.201   -8.837  7.796   1.00 21.47 ? 82  PRO A CB  1 
ATOM   359  C CG  . PRO A 1 41  ? -0.219  -10.192 7.470   1.00 20.95 ? 82  PRO A CG  1 
ATOM   360  C CD  . PRO A 1 41  ? -1.387  -10.072 6.582   1.00 19.27 ? 82  PRO A CD  1 
ATOM   361  N N   . PHE A 1 42  ? -1.441  -6.458  6.103   1.00 21.90 ? 83  PHE A N   1 
ATOM   362  C CA  . PHE A 1 42  ? -1.192  -5.260  5.335   1.00 22.23 ? 83  PHE A CA  1 
ATOM   363  C C   . PHE A 1 42  ? -2.447  -4.432  5.188   1.00 22.03 ? 83  PHE A C   1 
ATOM   364  O O   . PHE A 1 42  ? -2.436  -3.419  4.479   1.00 21.30 ? 83  PHE A O   1 
ATOM   365  C CB  . PHE A 1 42  ? -0.625  -5.641  3.939   1.00 21.73 ? 83  PHE A CB  1 
ATOM   366  C CG  . PHE A 1 42  ? 0.634   -6.433  4.012   1.00 23.41 ? 83  PHE A CG  1 
ATOM   367  C CD1 . PHE A 1 42  ? 1.855   -5.828  4.347   1.00 24.66 ? 83  PHE A CD1 1 
ATOM   368  C CD2 . PHE A 1 42  ? 0.637   -7.826  3.858   1.00 24.77 ? 83  PHE A CD2 1 
ATOM   369  C CE1 . PHE A 1 42  ? 2.989   -6.554  4.509   1.00 25.41 ? 83  PHE A CE1 1 
ATOM   370  C CE2 . PHE A 1 42  ? 1.814   -8.543  3.982   1.00 23.42 ? 83  PHE A CE2 1 
ATOM   371  C CZ  . PHE A 1 42  ? 2.979   -7.917  4.350   1.00 24.48 ? 83  PHE A CZ  1 
ATOM   372  N N   . GLN A 1 43  ? -3.560  -4.816  5.843   1.00 21.34 ? 84  GLN A N   1 
ATOM   373  C CA  . GLN A 1 43  ? -4.805  -4.123  5.626   1.00 21.45 ? 84  GLN A CA  1 
ATOM   374  C C   . GLN A 1 43  ? -5.065  -2.936  6.518   1.00 20.67 ? 84  GLN A C   1 
ATOM   375  O O   . GLN A 1 43  ? -6.120  -2.313  6.453   1.00 22.95 ? 84  GLN A O   1 
ATOM   376  C CB  . GLN A 1 43  ? -5.986  -5.095  5.799   1.00 22.40 ? 84  GLN A CB  1 
ATOM   377  C CG  . GLN A 1 43  ? -6.120  -6.085  4.638   1.00 21.94 ? 84  GLN A CG  1 
ATOM   378  C CD  . GLN A 1 43  ? -7.219  -7.100  4.834   1.00 24.89 ? 84  GLN A CD  1 
ATOM   379  O OE1 . GLN A 1 43  ? -7.551  -7.483  5.970   1.00 26.98 ? 84  GLN A OE1 1 
ATOM   380  N NE2 . GLN A 1 43  ? -7.835  -7.566  3.695   1.00 25.66 ? 84  GLN A NE2 1 
ATOM   381  N N   . GLN A 1 44  ? -4.071  -2.591  7.349   1.00 20.38 ? 85  GLN A N   1 
ATOM   382  C CA  . GLN A 1 44  ? -4.144  -1.418  8.264   1.00 20.76 ? 85  GLN A CA  1 
ATOM   383  C C   . GLN A 1 44  ? -2.730  -1.064  8.670   1.00 22.42 ? 85  GLN A C   1 
ATOM   384  O O   . GLN A 1 44  ? -1.807  -1.872  8.518   1.00 22.41 ? 85  GLN A O   1 
ATOM   385  C CB  . GLN A 1 44  ? -4.933  -1.774  9.551   1.00 22.78 ? 85  GLN A CB  1 
ATOM   386  C CG  . GLN A 1 44  ? -4.384  -2.984  10.342  1.00 24.62 ? 85  GLN A CG  1 
ATOM   387  C CD  . GLN A 1 44  ? -4.625  -4.336  9.667   1.00 24.09 ? 85  GLN A CD  1 
ATOM   388  O OE1 . GLN A 1 44  ? -5.741  -4.676  9.243   1.00 25.69 ? 85  GLN A OE1 1 
ATOM   389  N NE2 . GLN A 1 44  ? -3.567  -5.101  9.542   1.00 26.21 ? 85  GLN A NE2 1 
ATOM   390  N N   . PRO A 1 45  ? -2.560  0.146   9.214   1.00 21.29 ? 86  PRO A N   1 
ATOM   391  C CA  . PRO A 1 45  ? -1.254  0.505   9.701   1.00 22.09 ? 86  PRO A CA  1 
ATOM   392  C C   . PRO A 1 45  ? -0.706  -0.476  10.715  1.00 21.20 ? 86  PRO A C   1 
ATOM   393  O O   . PRO A 1 45  ? -1.476  -1.027  11.529  1.00 22.30 ? 86  PRO A O   1 
ATOM   394  C CB  . PRO A 1 45  ? -1.478  1.863   10.301  1.00 21.14 ? 86  PRO A CB  1 
ATOM   395  C CG  . PRO A 1 45  ? -2.563  2.446   9.539   1.00 22.47 ? 86  PRO A CG  1 
ATOM   396  C CD  . PRO A 1 45  ? -3.467  1.280   9.221   1.00 21.42 ? 86  PRO A CD  1 
ATOM   397  N N   . VAL A 1 46  ? 0.604   -0.573  10.738  1.00 23.05 ? 87  VAL A N   1 
ATOM   398  C CA  . VAL A 1 46  ? 1.279   -1.460  11.719  1.00 23.53 ? 87  VAL A CA  1 
ATOM   399  C C   . VAL A 1 46  ? 0.985   -0.923  13.120  1.00 25.76 ? 87  VAL A C   1 
ATOM   400  O O   . VAL A 1 46  ? 1.323   0.238   13.437  1.00 25.80 ? 87  VAL A O   1 
ATOM   401  C CB  . VAL A 1 46  ? 2.740   -1.584  11.450  1.00 25.60 ? 87  VAL A CB  1 
ATOM   402  C CG1 . VAL A 1 46  ? 3.393   -2.388  12.594  1.00 27.50 ? 87  VAL A CG1 1 
ATOM   403  C CG2 . VAL A 1 46  ? 3.002   -2.379  10.168  1.00 26.85 ? 87  VAL A CG2 1 
ATOM   404  N N   . ASP A 1 47  ? 0.336   -1.740  13.928  1.00 24.84 ? 88  ASP A N   1 
ATOM   405  C CA  . ASP A 1 47  ? 0.031   -1.382  15.330  1.00 29.07 ? 88  ASP A CA  1 
ATOM   406  C C   . ASP A 1 47  ? 1.150   -1.884  16.229  1.00 25.34 ? 88  ASP A C   1 
ATOM   407  O O   . ASP A 1 47  ? 1.149   -3.056  16.642  1.00 23.74 ? 88  ASP A O   1 
ATOM   408  C CB  . ASP A 1 47  ? -1.288  -1.954  15.776  1.00 28.65 ? 88  ASP A CB  1 
ATOM   409  C CG  . ASP A 1 47  ? -1.692  -1.509  17.137  1.00 31.56 ? 88  ASP A CG  1 
ATOM   410  O OD1 . ASP A 1 47  ? -0.837  -1.040  17.969  1.00 26.55 ? 88  ASP A OD1 1 
ATOM   411  O OD2 . ASP A 1 47  ? -2.906  -1.662  17.387  1.00 37.36 ? 88  ASP A OD2 1 
ATOM   412  N N   . ALA A 1 48  ? 2.141   -1.009  16.423  1.00 25.60 ? 89  ALA A N   1 
ATOM   413  C CA  . ALA A 1 48  ? 3.375   -1.331  17.132  1.00 27.24 ? 89  ALA A CA  1 
ATOM   414  C C   . ALA A 1 48  ? 3.122   -1.667  18.583  1.00 25.88 ? 89  ALA A C   1 
ATOM   415  O O   . ALA A 1 48  ? 3.953   -2.340  19.215  1.00 25.92 ? 89  ALA A O   1 
ATOM   416  C CB  . ALA A 1 48  ? 4.395   -0.198  16.988  1.00 30.92 ? 89  ALA A CB  1 
ATOM   417  N N   . VAL A 1 49  ? 2.089   -1.103  19.169  1.00 22.79 ? 90  VAL A N   1 
ATOM   418  C CA  . VAL A 1 49  ? 1.648   -1.486  20.523  1.00 27.05 ? 90  VAL A CA  1 
ATOM   419  C C   . VAL A 1 49  ? 1.100   -2.912  20.638  1.00 26.92 ? 90  VAL A C   1 
ATOM   420  O O   . VAL A 1 49  ? 1.650   -3.770  21.367  1.00 27.63 ? 90  VAL A O   1 
ATOM   421  C CB  . VAL A 1 49  ? 0.710   -0.420  21.103  1.00 29.92 ? 90  VAL A CB  1 
ATOM   422  C CG1 . VAL A 1 49  ? 0.306   -0.837  22.514  1.00 31.62 ? 90  VAL A CG1 1 
ATOM   423  C CG2 . VAL A 1 49  ? 1.363   0.977   21.095  1.00 30.11 ? 90  VAL A CG2 1 
ATOM   424  N N   . LYS A 1 50  ? 0.106   -3.225  19.839  1.00 25.12 ? 91  LYS A N   1 
ATOM   425  C CA  . LYS A 1 50  ? -0.474  -4.534  19.903  1.00 28.94 ? 91  LYS A CA  1 
ATOM   426  C C   . LYS A 1 50  ? 0.460   -5.640  19.520  1.00 26.40 ? 91  LYS A C   1 
ATOM   427  O O   . LYS A 1 50  ? 0.456   -6.731  20.107  1.00 28.44 ? 91  LYS A O   1 
ATOM   428  C CB  . LYS A 1 50  ? -1.684  -4.608  18.978  1.00 32.37 ? 91  LYS A CB  1 
ATOM   429  C CG  . LYS A 1 50  ? -2.866  -5.198  19.673  1.00 46.35 ? 91  LYS A CG  1 
ATOM   430  C CD  . LYS A 1 50  ? -3.435  -4.146  20.622  1.00 47.00 ? 91  LYS A CD  1 
ATOM   431  C CE  . LYS A 1 50  ? -4.916  -4.299  20.859  1.00 47.28 ? 91  LYS A CE  1 
ATOM   432  N NZ  . LYS A 1 50  ? -5.179  -4.273  22.329  1.00 46.26 ? 91  LYS A NZ  1 
ATOM   433  N N   . LEU A 1 51  ? 1.258   -5.364  18.507  1.00 27.09 ? 92  LEU A N   1 
ATOM   434  C CA  . LEU A 1 51  ? 2.218   -6.336  17.954  1.00 27.18 ? 92  LEU A CA  1 
ATOM   435  C C   . LEU A 1 51  ? 3.547   -6.424  18.720  1.00 25.34 ? 92  LEU A C   1 
ATOM   436  O O   . LEU A 1 51  ? 4.462   -7.171  18.310  1.00 27.92 ? 92  LEU A O   1 
ATOM   437  C CB  . LEU A 1 51  ? 2.494   -6.061  16.503  1.00 27.87 ? 92  LEU A CB  1 
ATOM   438  C CG  . LEU A 1 51  ? 1.436   -6.393  15.475  1.00 31.59 ? 92  LEU A CG  1 
ATOM   439  C CD1 . LEU A 1 51  ? 0.045   -6.313  16.023  1.00 38.36 ? 92  LEU A CD1 1 
ATOM   440  C CD2 . LEU A 1 51  ? 1.590   -5.558  14.215  1.00 32.57 ? 92  LEU A CD2 1 
ATOM   441  N N   . ASN A 1 52  ? 3.705   -5.586  19.707  1.00 24.33 ? 93  ASN A N   1 
ATOM   442  C CA  . ASN A 1 52  ? 4.909   -5.576  20.533  1.00 27.59 ? 93  ASN A CA  1 
ATOM   443  C C   . ASN A 1 52  ? 6.161   -5.362  19.710  1.00 29.85 ? 93  ASN A C   1 
ATOM   444  O O   . ASN A 1 52  ? 7.097   -6.171  19.720  1.00 30.17 ? 93  ASN A O   1 
ATOM   445  C CB  . ASN A 1 52  ? 5.033   -6.881  21.340  1.00 27.81 ? 93  ASN A CB  1 
ATOM   446  C CG  . ASN A 1 52  ? 6.189   -6.837  22.312  1.00 36.94 ? 93  ASN A CG  1 
ATOM   447  O OD1 . ASN A 1 52  ? 6.522   -5.775  22.791  1.00 37.17 ? 93  ASN A OD1 1 
ATOM   448  N ND2 . ASN A 1 52  ? 6.808   -7.986  22.577  1.00 38.88 ? 93  ASN A ND2 1 
ATOM   449  N N   . LEU A 1 53  ? 6.151   -4.276  18.945  1.00 26.53 ? 94  LEU A N   1 
ATOM   450  C CA  . LEU A 1 53  ? 7.242   -3.886  18.036  1.00 25.39 ? 94  LEU A CA  1 
ATOM   451  C C   . LEU A 1 53  ? 7.622   -2.485  18.401  1.00 26.74 ? 94  LEU A C   1 
ATOM   452  O O   . LEU A 1 53  ? 7.476   -1.553  17.649  1.00 24.02 ? 94  LEU A O   1 
ATOM   453  C CB  . LEU A 1 53  ? 6.830   -3.956  16.576  1.00 28.52 ? 94  LEU A CB  1 
ATOM   454  C CG  . LEU A 1 53  ? 6.263   -5.247  16.052  1.00 33.20 ? 94  LEU A CG  1 
ATOM   455  C CD1 . LEU A 1 53  ? 5.761   -4.931  14.648  1.00 33.98 ? 94  LEU A CD1 1 
ATOM   456  C CD2 . LEU A 1 53  ? 7.402   -6.256  16.134  1.00 35.68 ? 94  LEU A CD2 1 
ATOM   457  N N   . PRO A 1 54  ? 8.219   -2.296  19.592  1.00 25.65 ? 95  PRO A N   1 
ATOM   458  C CA  . PRO A 1 54  ? 8.517   -0.935  19.987  1.00 26.31 ? 95  PRO A CA  1 
ATOM   459  C C   . PRO A 1 54  ? 9.525   -0.240  19.083  1.00 23.34 ? 95  PRO A C   1 
ATOM   460  O O   . PRO A 1 54  ? 9.677   0.971   19.194  1.00 27.52 ? 95  PRO A O   1 
ATOM   461  C CB  . PRO A 1 54  ? 9.082   -1.087  21.428  1.00 29.00 ? 95  PRO A CB  1 
ATOM   462  C CG  . PRO A 1 54  ? 9.582   -2.441  21.470  1.00 28.17 ? 95  PRO A CG  1 
ATOM   463  C CD  . PRO A 1 54  ? 8.638   -3.270  20.607  1.00 27.83 ? 95  PRO A CD  1 
ATOM   464  N N   . ASP A 1 55  ? 10.336  -0.959  18.355  1.00 21.75 ? 96  ASP A N   1 
ATOM   465  C CA  . ASP A 1 55  ? 11.277  -0.333  17.430  1.00 21.95 ? 96  ASP A CA  1 
ATOM   466  C C   . ASP A 1 55  ? 10.813  -0.081  15.977  1.00 23.62 ? 96  ASP A C   1 
ATOM   467  O O   . ASP A 1 55  ? 11.572  0.426   15.127  1.00 23.94 ? 96  ASP A O   1 
ATOM   468  C CB  . ASP A 1 55  ? 12.517  -1.212  17.339  1.00 24.52 ? 96  ASP A CB  1 
ATOM   469  C CG  . ASP A 1 55  ? 12.300  -2.541  16.644  1.00 29.08 ? 96  ASP A CG  1 
ATOM   470  O OD1 . ASP A 1 55  ? 11.175  -2.972  16.461  1.00 29.47 ? 96  ASP A OD1 1 
ATOM   471  O OD2 . ASP A 1 55  ? 13.341  -3.151  16.269  1.00 38.29 ? 96  ASP A OD2 1 
ATOM   472  N N   . TYR A 1 56  ? 9.581   -0.482  15.655  1.00 23.32 ? 97  TYR A N   1 
ATOM   473  C CA  . TYR A 1 56  ? 9.098   -0.413  14.253  1.00 23.44 ? 97  TYR A CA  1 
ATOM   474  C C   . TYR A 1 56  ? 9.212   0.979   13.646  1.00 21.41 ? 97  TYR A C   1 
ATOM   475  O O   . TYR A 1 56  ? 9.806   1.169   12.557  1.00 22.21 ? 97  TYR A O   1 
ATOM   476  C CB  . TYR A 1 56  ? 7.678   -0.986  14.129  1.00 24.41 ? 97  TYR A CB  1 
ATOM   477  C CG  . TYR A 1 56  ? 7.209   -1.095  12.713  1.00 22.69 ? 97  TYR A CG  1 
ATOM   478  C CD1 . TYR A 1 56  ? 7.626   -2.137  11.883  1.00 25.01 ? 97  TYR A CD1 1 
ATOM   479  C CD2 . TYR A 1 56  ? 6.534   -0.044  12.100  1.00 22.92 ? 97  TYR A CD2 1 
ATOM   480  C CE1 . TYR A 1 56  ? 7.259   -2.186  10.536  1.00 24.62 ? 97  TYR A CE1 1 
ATOM   481  C CE2 . TYR A 1 56  ? 6.156   -0.089  10.760  1.00 23.29 ? 97  TYR A CE2 1 
ATOM   482  C CZ  . TYR A 1 56  ? 6.563   -1.149  9.946   1.00 23.91 ? 97  TYR A CZ  1 
ATOM   483  O OH  . TYR A 1 56  ? 6.214   -1.201  8.573   1.00 24.42 ? 97  TYR A OH  1 
ATOM   484  N N   . TYR A 1 57  ? 8.697   1.963   14.393  1.00 22.28 ? 98  TYR A N   1 
ATOM   485  C CA  . TYR A 1 57  ? 8.647   3.267   13.795  1.00 21.03 ? 98  TYR A CA  1 
ATOM   486  C C   . TYR A 1 57  ? 9.903   4.074   14.061  1.00 26.19 ? 98  TYR A C   1 
ATOM   487  O O   . TYR A 1 57  ? 10.072  5.183   13.569  1.00 26.26 ? 98  TYR A O   1 
ATOM   488  C CB  . TYR A 1 57  ? 7.431   4.006   14.298  1.00 22.20 ? 98  TYR A CB  1 
ATOM   489  C CG  . TYR A 1 57  ? 6.154   3.458   13.677  1.00 21.83 ? 98  TYR A CG  1 
ATOM   490  C CD1 . TYR A 1 57  ? 5.876   3.691   12.368  1.00 22.65 ? 98  TYR A CD1 1 
ATOM   491  C CD2 . TYR A 1 57  ? 5.226   2.726   14.464  1.00 20.06 ? 98  TYR A CD2 1 
ATOM   492  C CE1 . TYR A 1 57  ? 4.733   3.170   11.801  1.00 22.03 ? 98  TYR A CE1 1 
ATOM   493  C CE2 . TYR A 1 57  ? 4.059   2.187   13.921  1.00 24.75 ? 98  TYR A CE2 1 
ATOM   494  C CZ  . TYR A 1 57  ? 3.782   2.471   12.591  1.00 22.40 ? 98  TYR A CZ  1 
ATOM   495  O OH  . TYR A 1 57  ? 2.593   1.969   11.995  1.00 23.33 ? 98  TYR A OH  1 
ATOM   496  N N   . LYS A 1 58  ? 10.822  3.503   14.805  1.00 24.47 ? 99  LYS A N   1 
ATOM   497  C CA  . LYS A 1 58  ? 12.153  3.985   14.805  1.00 24.82 ? 99  LYS A CA  1 
ATOM   498  C C   . LYS A 1 58  ? 12.945  3.609   13.562  1.00 26.16 ? 99  LYS A C   1 
ATOM   499  O O   . LYS A 1 58  ? 13.788  4.386   13.102  1.00 27.47 ? 99  LYS A O   1 
ATOM   500  C CB  . LYS A 1 58  ? 12.847  3.479   16.099  1.00 25.98 ? 99  LYS A CB  1 
ATOM   501  C CG  . LYS A 1 58  ? 14.304  3.872   16.225  1.00 29.25 ? 99  LYS A CG  1 
ATOM   502  C CD  . LYS A 1 58  ? 14.450  5.382   16.325  1.00 33.49 ? 99  LYS A CD  1 
ATOM   503  C CE  . LYS A 1 58  ? 15.920  5.761   16.515  1.00 33.75 ? 99  LYS A CE  1 
ATOM   504  N NZ  . LYS A 1 58  ? 16.110  7.246   16.322  1.00 34.37 ? 99  LYS A NZ  1 
ATOM   505  N N   . ILE A 1 59  ? 12.646  2.453   12.973  1.00 22.95 ? 100 ILE A N   1 
ATOM   506  C CA  . ILE A 1 59  ? 13.276  1.951   11.733  1.00 26.31 ? 100 ILE A CA  1 
ATOM   507  C C   . ILE A 1 59  ? 12.534  2.402   10.463  1.00 23.67 ? 100 ILE A C   1 
ATOM   508  O O   . ILE A 1 59  ? 13.173  2.736   9.465   1.00 27.70 ? 100 ILE A O   1 
ATOM   509  C CB  . ILE A 1 59  ? 13.363  0.418   11.823  1.00 23.89 ? 100 ILE A CB  1 
ATOM   510  C CG1 . ILE A 1 59  ? 14.255  0.097   13.061  1.00 27.67 ? 100 ILE A CG1 1 
ATOM   511  C CG2 . ILE A 1 59  ? 13.923  -0.233  10.535  1.00 25.90 ? 100 ILE A CG2 1 
ATOM   512  C CD1 . ILE A 1 59  ? 14.468  -1.350  13.259  1.00 31.46 ? 100 ILE A CD1 1 
ATOM   513  N N   . ILE A 1 60  ? 11.210  2.377   10.521  1.00 22.03 ? 101 ILE A N   1 
ATOM   514  C CA  . ILE A 1 60  ? 10.348  2.696   9.373   1.00 22.49 ? 101 ILE A CA  1 
ATOM   515  C C   . ILE A 1 60  ? 9.797   4.098   9.465   1.00 23.56 ? 101 ILE A C   1 
ATOM   516  O O   . ILE A 1 60  ? 8.924   4.336   10.326  1.00 25.04 ? 101 ILE A O   1 
ATOM   517  C CB  . ILE A 1 60  ? 9.248   1.670   9.279   1.00 23.67 ? 101 ILE A CB  1 
ATOM   518  C CG1 . ILE A 1 60  ? 9.809   0.273   9.063   1.00 24.33 ? 101 ILE A CG1 1 
ATOM   519  C CG2 . ILE A 1 60  ? 8.242   2.042   8.149   1.00 25.41 ? 101 ILE A CG2 1 
ATOM   520  C CD1 . ILE A 1 60  ? 10.711  0.141   7.902   1.00 23.29 ? 101 ILE A CD1 1 
ATOM   521  N N   . LYS A 1 61  ? 10.329  4.985   8.626   1.00 20.81 ? 102 LYS A N   1 
ATOM   522  C CA  . LYS A 1 61  ? 10.014  6.413   8.711   1.00 22.93 ? 102 LYS A CA  1 
ATOM   523  C C   . LYS A 1 61  ? 8.987   6.843   7.683   1.00 24.99 ? 102 LYS A C   1 
ATOM   524  O O   . LYS A 1 61  ? 8.447   7.962   7.776   1.00 26.11 ? 102 LYS A O   1 
ATOM   525  C CB  . LYS A 1 61  ? 11.277  7.268   8.625   1.00 28.13 ? 102 LYS A CB  1 
ATOM   526  C CG  . LYS A 1 61  ? 12.278  7.046   9.804   1.00 30.79 ? 102 LYS A CG  1 
ATOM   527  C CD  . LYS A 1 61  ? 11.597  7.144   11.165  1.00 33.53 ? 102 LYS A CD  1 
ATOM   528  C CE  . LYS A 1 61  ? 12.480  7.512   12.375  1.00 36.45 ? 102 LYS A CE  1 
ATOM   529  N NZ  . LYS A 1 61  ? 11.715  7.330   13.654  1.00 29.69 ? 102 LYS A NZ  1 
ATOM   530  N N   . THR A 1 62  ? 8.612   5.950   6.756   1.00 22.87 ? 103 THR A N   1 
ATOM   531  C CA  . THR A 1 62  ? 7.578   6.262   5.778   1.00 25.57 ? 103 THR A CA  1 
ATOM   532  C C   . THR A 1 62  ? 6.653   5.094   5.757   1.00 21.39 ? 103 THR A C   1 
ATOM   533  O O   . THR A 1 62  ? 6.652   4.255   4.815   1.00 23.33 ? 103 THR A O   1 
ATOM   534  C CB  . THR A 1 62  ? 8.104   6.564   4.347   1.00 29.77 ? 103 THR A CB  1 
ATOM   535  O OG1 . THR A 1 62  ? 9.108   7.596   4.406   1.00 34.98 ? 103 THR A OG1 1 
ATOM   536  C CG2 . THR A 1 62  ? 6.922   7.075   3.441   1.00 30.20 ? 103 THR A CG2 1 
ATOM   537  N N   . PRO A 1 63  ? 5.813   4.942   6.807   1.00 22.74 ? 104 PRO A N   1 
ATOM   538  C CA  . PRO A 1 63  ? 4.933   3.767   6.913   1.00 21.93 ? 104 PRO A CA  1 
ATOM   539  C C   . PRO A 1 63  ? 3.906   3.801   5.833   1.00 20.43 ? 104 PRO A C   1 
ATOM   540  O O   . PRO A 1 63  ? 3.484   4.907   5.439   1.00 22.18 ? 104 PRO A O   1 
ATOM   541  C CB  . PRO A 1 63  ? 4.173   3.995   8.191   1.00 26.10 ? 104 PRO A CB  1 
ATOM   542  C CG  . PRO A 1 63  ? 4.731   5.222   8.834   1.00 26.04 ? 104 PRO A CG  1 
ATOM   543  C CD  . PRO A 1 63  ? 5.682   5.878   7.951   1.00 23.84 ? 104 PRO A CD  1 
ATOM   544  N N   . MET A 1 64  ? 3.459   2.651   5.375   1.00 20.10 ? 105 MET A N   1 
ATOM   545  C CA  . MET A 1 64  ? 2.352   2.633   4.352   1.00 19.40 ? 105 MET A CA  1 
ATOM   546  C C   . MET A 1 64  ? 1.717   1.277   4.396   1.00 22.14 ? 105 MET A C   1 
ATOM   547  O O   . MET A 1 64  ? 2.379   0.276   4.651   1.00 24.28 ? 105 MET A O   1 
ATOM   548  C CB  . MET A 1 64  ? 2.873   2.989   2.943   1.00 20.61 ? 105 MET A CB  1 
ATOM   549  C CG  . MET A 1 64  ? 1.784   3.096   1.825   1.00 20.59 ? 105 MET A CG  1 
ATOM   550  S SD  . MET A 1 64  ? 0.443   4.253   2.302   1.00 22.91 ? 105 MET A SD  1 
ATOM   551  C CE  . MET A 1 64  ? 1.312   5.706   2.788   1.00 24.18 ? 105 MET A CE  1 
ATOM   552  N N   . ASP A 1 65  ? 0.406   1.218   4.184   1.00 22.76 ? 106 ASP A N   1 
ATOM   553  C CA  . ASP A 1 65  ? -0.358  -0.011  4.248   1.00 20.87 ? 106 ASP A CA  1 
ATOM   554  C C   . ASP A 1 65  ? -1.519  0.031   3.306   1.00 20.74 ? 106 ASP A C   1 
ATOM   555  O O   . ASP A 1 65  ? -1.861  1.139   2.791   1.00 22.03 ? 106 ASP A O   1 
ATOM   556  C CB  . ASP A 1 65  ? -0.837  -0.205  5.630   1.00 21.57 ? 106 ASP A CB  1 
ATOM   557  C CG  . ASP A 1 65  ? -1.814  0.872   6.026   1.00 23.35 ? 106 ASP A CG  1 
ATOM   558  O OD1 . ASP A 1 65  ? -1.309  1.975   6.451   1.00 24.27 ? 106 ASP A OD1 1 
ATOM   559  O OD2 . ASP A 1 65  ? -3.050  0.596   5.894   1.00 22.46 ? 106 ASP A OD2 1 
ATOM   560  N N   . MET A 1 66  ? -2.122  -1.128  2.999   1.00 19.87 ? 107 MET A N   1 
ATOM   561  C CA  . MET A 1 66  ? -3.217  -1.112  2.049   1.00 19.79 ? 107 MET A CA  1 
ATOM   562  C C   . MET A 1 66  ? -4.513  -0.465  2.593   1.00 21.44 ? 107 MET A C   1 
ATOM   563  O O   . MET A 1 66  ? -5.407  -0.112  1.803   1.00 20.42 ? 107 MET A O   1 
ATOM   564  C CB  . MET A 1 66  ? -3.568  -2.501  1.508   1.00 20.97 ? 107 MET A CB  1 
ATOM   565  C CG  . MET A 1 66  ? -2.427  -3.209  0.835   1.00 22.26 ? 107 MET A CG  1 
ATOM   566  S SD  . MET A 1 66  ? -2.964  -4.556  -0.237  1.00 23.66 ? 107 MET A SD  1 
ATOM   567  C CE  . MET A 1 66  ? -3.635  -5.712  0.960   1.00 22.32 ? 107 MET A CE  1 
ATOM   568  N N   . GLY A 1 67  ? -4.689  -0.446  3.900   1.00 23.78 ? 108 GLY A N   1 
ATOM   569  C CA  . GLY A 1 67  ? -5.847  0.249   4.463   1.00 22.26 ? 108 GLY A CA  1 
ATOM   570  C C   . GLY A 1 67  ? -5.785  1.696   4.091   1.00 23.08 ? 108 GLY A C   1 
ATOM   571  O O   . GLY A 1 67  ? -6.761  2.288   3.600   1.00 23.78 ? 108 GLY A O   1 
ATOM   572  N N   . THR A 1 68  ? -4.609  2.306   4.326   1.00 20.92 ? 109 THR A N   1 
ATOM   573  C CA  . THR A 1 68  ? -4.339  3.686   3.900   1.00 19.91 ? 109 THR A CA  1 
ATOM   574  C C   . THR A 1 68  ? -4.529  3.880   2.354   1.00 20.49 ? 109 THR A C   1 
ATOM   575  O O   . THR A 1 68  ? -5.213  4.800   1.902   1.00 21.29 ? 109 THR A O   1 
ATOM   576  C CB  . THR A 1 68  ? -2.942  4.118   4.346   1.00 23.34 ? 109 THR A CB  1 
ATOM   577  O OG1 . THR A 1 68  ? -2.889  4.077   5.765   1.00 25.87 ? 109 THR A OG1 1 
ATOM   578  C CG2 . THR A 1 68  ? -2.655  5.505   3.821   1.00 24.38 ? 109 THR A CG2 1 
ATOM   579  N N   . ILE A 1 69  ? -4.001  2.934   1.555   1.00 19.96 ? 110 ILE A N   1 
ATOM   580  C CA  . ILE A 1 69  ? -4.093  3.064   0.104   1.00 21.02 ? 110 ILE A CA  1 
ATOM   581  C C   . ILE A 1 69  ? -5.509  2.972   -0.326  1.00 22.07 ? 110 ILE A C   1 
ATOM   582  O O   . ILE A 1 69  ? -5.959  3.756   -1.161  1.00 20.95 ? 110 ILE A O   1 
ATOM   583  C CB  . ILE A 1 69  ? -3.243  1.971   -0.599  1.00 20.81 ? 110 ILE A CB  1 
ATOM   584  C CG1 . ILE A 1 69  ? -1.765  2.279   -0.274  1.00 22.44 ? 110 ILE A CG1 1 
ATOM   585  C CG2 . ILE A 1 69  ? -3.534  1.998   -2.076  1.00 23.74 ? 110 ILE A CG2 1 
ATOM   586  C CD1 . ILE A 1 69  ? -0.851  1.157   -0.601  1.00 24.00 ? 110 ILE A CD1 1 
ATOM   587  N N   . LYS A 1 70  ? -6.266  2.044   0.273   1.00 21.40 ? 111 LYS A N   1 
ATOM   588  C CA  . LYS A 1 70  ? -7.701  1.884   -0.047  1.00 22.14 ? 111 LYS A CA  1 
ATOM   589  C C   . LYS A 1 70  ? -8.486  3.212   0.246   1.00 23.27 ? 111 LYS A C   1 
ATOM   590  O O   . LYS A 1 70  ? -9.302  3.658   -0.572  1.00 25.39 ? 111 LYS A O   1 
ATOM   591  C CB  . LYS A 1 70  ? -8.269  0.760   0.822   1.00 23.58 ? 111 LYS A CB  1 
ATOM   592  C CG  . LYS A 1 70  ? -9.693  0.415   0.495   1.00 27.06 ? 111 LYS A CG  1 
ATOM   593  C CD  . LYS A 1 70  ? -10.125 -0.828  1.291   1.00 32.03 ? 111 LYS A CD  1 
ATOM   594  C CE  . LYS A 1 70  ? -11.369 -1.491  0.723   1.00 42.73 ? 111 LYS A CE  1 
ATOM   595  N NZ  . LYS A 1 70  ? -12.478 -0.688  1.273   1.00 44.02 ? 111 LYS A NZ  1 
ATOM   596  N N   . LYS A 1 71  ? -8.174  3.848   1.399   1.00 21.41 ? 112 LYS A N   1 
ATOM   597  C CA  . LYS A 1 71  ? -8.769  5.176   1.770   1.00 24.33 ? 112 LYS A CA  1 
ATOM   598  C C   . LYS A 1 71  ? -8.383  6.226   0.773   1.00 23.09 ? 112 LYS A C   1 
ATOM   599  O O   . LYS A 1 71  ? -9.215  7.000   0.329   1.00 25.30 ? 112 LYS A O   1 
ATOM   600  C CB  . LYS A 1 71  ? -8.390  5.631   3.168   1.00 26.23 ? 112 LYS A CB  1 
ATOM   601  C CG  . LYS A 1 71  ? -9.068  4.785   4.291   1.00 28.98 ? 112 LYS A CG  1 
ATOM   602  C CD  . LYS A 1 71  ? -8.675  5.233   5.678   1.00 30.89 ? 112 LYS A CD  1 
ATOM   603  C CE  . LYS A 1 71  ? -8.944  4.197   6.744   1.00 36.82 ? 112 LYS A CE  1 
ATOM   604  N NZ  . LYS A 1 71  ? -8.742  4.888   8.052   1.00 46.15 ? 112 LYS A NZ  1 
ATOM   605  N N   . ARG A 1 72  ? -7.126  6.235   0.399   1.00 19.74 ? 113 ARG A N   1 
ATOM   606  C CA  . ARG A 1 72  ? -6.659  7.207   -0.569  1.00 20.37 ? 113 ARG A CA  1 
ATOM   607  C C   . ARG A 1 72  ? -7.421  7.038   -1.926  1.00 22.56 ? 113 ARG A C   1 
ATOM   608  O O   . ARG A 1 72  ? -7.811  8.038   -2.556  1.00 24.17 ? 113 ARG A O   1 
ATOM   609  C CB  . ARG A 1 72  ? -5.155  7.125   -0.698  1.00 21.17 ? 113 ARG A CB  1 
ATOM   610  C CG  . ARG A 1 72  ? -4.377  7.765   0.466   1.00 19.57 ? 113 ARG A CG  1 
ATOM   611  C CD  . ARG A 1 72  ? -2.888  7.678   0.319   1.00 20.65 ? 113 ARG A CD  1 
ATOM   612  N NE  . ARG A 1 72  ? -2.190  8.439   1.365   1.00 20.46 ? 113 ARG A NE  1 
ATOM   613  C CZ  . ARG A 1 72  ? -0.910  8.728   1.388   1.00 21.54 ? 113 ARG A CZ  1 
ATOM   614  N NH1 . ARG A 1 72  ? -0.056  8.314   0.470   1.00 23.33 ? 113 ARG A NH1 1 
ATOM   615  N NH2 . ARG A 1 72  ? -0.467  9.491   2.400   1.00 22.35 ? 113 ARG A NH2 1 
ATOM   616  N N   . LEU A 1 73  ? -7.563  5.824   -2.414  1.00 19.80 ? 114 LEU A N   1 
ATOM   617  C CA  . LEU A 1 73  ? -8.255  5.590   -3.636  1.00 22.20 ? 114 LEU A CA  1 
ATOM   618  C C   . LEU A 1 73  ? -9.724  5.933   -3.533  1.00 22.76 ? 114 LEU A C   1 
ATOM   619  O O   . LEU A 1 73  ? -10.311 6.571   -4.423  1.00 26.38 ? 114 LEU A O   1 
ATOM   620  C CB  . LEU A 1 73  ? -8.019  4.148   -4.099  1.00 22.89 ? 114 LEU A CB  1 
ATOM   621  C CG  . LEU A 1 73  ? -6.661  3.837   -4.642  1.00 22.04 ? 114 LEU A CG  1 
ATOM   622  C CD1 . LEU A 1 73  ? -6.392  2.353   -4.681  1.00 23.45 ? 114 LEU A CD1 1 
ATOM   623  C CD2 . LEU A 1 73  ? -6.392  4.502   -5.975  1.00 23.52 ? 114 LEU A CD2 1 
ATOM   624  N N   . GLU A 1 74  ? -10.371 5.405   -2.500  1.00 23.52 ? 115 GLU A N   1 
ATOM   625  C CA  . GLU A 1 74  ? -11.811 5.637   -2.316  1.00 25.76 ? 115 GLU A CA  1 
ATOM   626  C C   . GLU A 1 74  ? -12.194 7.089   -2.088  1.00 28.62 ? 115 GLU A C   1 
ATOM   627  O O   . GLU A 1 74  ? -13.280 7.516   -2.530  1.00 29.96 ? 115 GLU A O   1 
ATOM   628  C CB  . GLU A 1 74  ? -12.411 4.729   -1.218  1.00 27.32 ? 115 GLU A CB  1 
ATOM   629  C CG  . GLU A 1 74  ? -12.337 3.253   -1.523  1.00 28.82 ? 115 GLU A CG  1 
ATOM   630  C CD  . GLU A 1 74  ? -12.838 2.311   -0.394  1.00 34.99 ? 115 GLU A CD  1 
ATOM   631  O OE1 . GLU A 1 74  ? -12.938 2.732   0.768   1.00 39.23 ? 115 GLU A OE1 1 
ATOM   632  O OE2 . GLU A 1 74  ? -13.098 1.134   -0.746  1.00 45.27 ? 115 GLU A OE2 1 
ATOM   633  N N   . ASN A 1 75  ? -11.307 7.835   -1.468  1.00 24.79 ? 116 ASN A N   1 
ATOM   634  C CA  . ASN A 1 75  ? -11.517 9.229   -1.194  1.00 29.09 ? 116 ASN A CA  1 
ATOM   635  C C   . ASN A 1 75  ? -10.795 10.139  -2.178  1.00 28.50 ? 116 ASN A C   1 
ATOM   636  O O   . ASN A 1 75  ? -10.660 11.327  -1.919  1.00 32.15 ? 116 ASN A O   1 
ATOM   637  C CB  . ASN A 1 75  ? -11.148 9.472   0.264   1.00 35.18 ? 116 ASN A CB  1 
ATOM   638  C CG  . ASN A 1 75  ? -12.200 8.858   1.194   1.00 37.88 ? 116 ASN A CG  1 
ATOM   639  O OD1 . ASN A 1 75  ? -13.365 9.277   1.161   1.00 63.01 ? 116 ASN A OD1 1 
ATOM   640  N ND2 . ASN A 1 75  ? -11.856 7.789   1.889   1.00 39.37 ? 116 ASN A ND2 1 
ATOM   641  N N   . ASN A 1 76  ? -10.422 9.620   -3.344  1.00 26.43 ? 117 ASN A N   1 
ATOM   642  C CA  . ASN A 1 76  ? -9.711  10.332  -4.444  1.00 26.51 ? 117 ASN A CA  1 
ATOM   643  C C   . ASN A 1 76  ? -8.663  11.331  -3.945  1.00 27.70 ? 117 ASN A C   1 
ATOM   644  O O   . ASN A 1 76  ? -8.772  12.536  -4.190  1.00 34.14 ? 117 ASN A O   1 
ATOM   645  C CB  . ASN A 1 76  ? -10.797 11.015  -5.338  1.00 32.04 ? 117 ASN A CB  1 
ATOM   646  C CG  . ASN A 1 76  ? -11.827 10.000  -5.871  1.00 33.80 ? 117 ASN A CG  1 
ATOM   647  O OD1 . ASN A 1 76  ? -11.466 9.087   -6.629  1.00 38.52 ? 117 ASN A OD1 1 
ATOM   648  N ND2 . ASN A 1 76  ? -13.093 10.058  -5.351  1.00 37.60 ? 117 ASN A ND2 1 
ATOM   649  N N   . TYR A 1 77  ? -7.609  10.809  -3.307  1.00 22.98 ? 118 TYR A N   1 
ATOM   650  C CA  . TYR A 1 77  ? -6.516  11.576  -2.714  1.00 21.46 ? 118 TYR A CA  1 
ATOM   651  C C   . TYR A 1 77  ? -5.425  11.916  -3.761  1.00 20.94 ? 118 TYR A C   1 
ATOM   652  O O   . TYR A 1 77  ? -4.671  12.801  -3.573  1.00 23.54 ? 118 TYR A O   1 
ATOM   653  C CB  . TYR A 1 77  ? -5.932  10.776  -1.581  1.00 22.77 ? 118 TYR A CB  1 
ATOM   654  C CG  . TYR A 1 77  ? -4.765  11.410  -0.848  1.00 23.02 ? 118 TYR A CG  1 
ATOM   655  C CD1 . TYR A 1 77  ? -4.955  12.387  0.073   1.00 22.78 ? 118 TYR A CD1 1 
ATOM   656  C CD2 . TYR A 1 77  ? -3.464  10.993  -1.094  1.00 21.93 ? 118 TYR A CD2 1 
ATOM   657  C CE1 . TYR A 1 77  ? -3.882  12.939  0.780   1.00 21.86 ? 118 TYR A CE1 1 
ATOM   658  C CE2 . TYR A 1 77  ? -2.426  11.476  -0.442  1.00 24.08 ? 118 TYR A CE2 1 
ATOM   659  C CZ  . TYR A 1 77  ? -2.577  12.458  0.499   1.00 23.49 ? 118 TYR A CZ  1 
ATOM   660  O OH  . TYR A 1 77  ? -1.484  13.022  1.182   1.00 27.84 ? 118 TYR A OH  1 
ATOM   661  N N   . TYR A 1 78  ? -5.327  11.106  -4.771  1.00 19.68 ? 119 TYR A N   1 
ATOM   662  C CA  . TYR A 1 78  ? -4.187  11.171  -5.659  1.00 19.76 ? 119 TYR A CA  1 
ATOM   663  C C   . TYR A 1 78  ? -4.405  12.104  -6.847  1.00 21.05 ? 119 TYR A C   1 
ATOM   664  O O   . TYR A 1 78  ? -5.552  12.248  -7.297  1.00 23.03 ? 119 TYR A O   1 
ATOM   665  C CB  . TYR A 1 78  ? -3.917  9.758   -6.205  1.00 19.98 ? 119 TYR A CB  1 
ATOM   666  C CG  . TYR A 1 78  ? -3.507  8.730   -5.184  1.00 20.15 ? 119 TYR A CG  1 
ATOM   667  C CD1 . TYR A 1 78  ? -2.314  8.814   -4.486  1.00 19.31 ? 119 TYR A CD1 1 
ATOM   668  C CD2 . TYR A 1 78  ? -4.354  7.653   -4.850  1.00 20.87 ? 119 TYR A CD2 1 
ATOM   669  C CE1 . TYR A 1 78  ? -1.906  7.821   -3.594  1.00 20.14 ? 119 TYR A CE1 1 
ATOM   670  C CE2 . TYR A 1 78  ? -3.935  6.625   -4.027  1.00 21.85 ? 119 TYR A CE2 1 
ATOM   671  C CZ  . TYR A 1 78  ? -2.753  6.770   -3.324  1.00 21.75 ? 119 TYR A CZ  1 
ATOM   672  O OH  . TYR A 1 78  ? -2.349  5.744   -2.506  1.00 22.13 ? 119 TYR A OH  1 
ATOM   673  N N   . TRP A 1 79  ? -3.307  12.592  -7.413  1.00 23.34 ? 120 TRP A N   1 
ATOM   674  C CA  . TRP A 1 79  ? -3.248  13.244  -8.724  1.00 23.01 ? 120 TRP A CA  1 
ATOM   675  C C   . TRP A 1 79  ? -2.963  12.254  -9.872  1.00 23.33 ? 120 TRP A C   1 
ATOM   676  O O   . TRP A 1 79  ? -3.605  12.319  -10.937 1.00 24.60 ? 120 TRP A O   1 
ATOM   677  C CB  . TRP A 1 79  ? -2.194  14.338  -8.745  1.00 24.40 ? 120 TRP A CB  1 
ATOM   678  C CG  . TRP A 1 79  ? -2.208  15.137  -9.980  1.00 22.35 ? 120 TRP A CG  1 
ATOM   679  C CD1 . TRP A 1 79  ? -1.356  14.995  -11.034 1.00 25.90 ? 120 TRP A CD1 1 
ATOM   680  C CD2 . TRP A 1 79  ? -3.104  16.184  -10.316 1.00 20.97 ? 120 TRP A CD2 1 
ATOM   681  N NE1 . TRP A 1 79  ? -1.676  15.911  -12.044 1.00 25.65 ? 120 TRP A NE1 1 
ATOM   682  C CE2 . TRP A 1 79  ? -2.773  16.636  -11.618 1.00 23.63 ? 120 TRP A CE2 1 
ATOM   683  C CE3 . TRP A 1 79  ? -4.204  16.761  -9.660  1.00 22.46 ? 120 TRP A CE3 1 
ATOM   684  C CZ2 . TRP A 1 79  ? -3.494  17.627  -12.250 1.00 23.49 ? 120 TRP A CZ2 1 
ATOM   685  C CZ3 . TRP A 1 79  ? -4.895  17.775  -10.300 1.00 23.97 ? 120 TRP A CZ3 1 
ATOM   686  C CH2 . TRP A 1 79  ? -4.507  18.227  -11.558 1.00 26.04 ? 120 TRP A CH2 1 
ATOM   687  N N   . ASN A 1 80  ? -2.114  11.274  -9.626  1.00 20.78 ? 121 ASN A N   1 
ATOM   688  C CA  . ASN A 1 80  ? -1.771  10.321  -10.658 1.00 23.24 ? 121 ASN A CA  1 
ATOM   689  C C   . ASN A 1 80  ? -1.489  8.936   -10.144 1.00 24.48 ? 121 ASN A C   1 
ATOM   690  O O   . ASN A 1 80  ? -1.411  8.706   -8.942  1.00 23.00 ? 121 ASN A O   1 
ATOM   691  C CB  . ASN A 1 80  ? -0.601  10.839  -11.523 1.00 22.84 ? 121 ASN A CB  1 
ATOM   692  C CG  . ASN A 1 80  ? 0.698   10.963  -10.759 1.00 25.51 ? 121 ASN A CG  1 
ATOM   693  O OD1 . ASN A 1 80  ? 1.003   10.119  -9.938  1.00 25.30 ? 121 ASN A OD1 1 
ATOM   694  N ND2 . ASN A 1 80  ? 1.497   11.990  -11.063 1.00 25.61 ? 121 ASN A ND2 1 
ATOM   695  N N   . ALA A 1 81  ? -1.491  7.993   -11.082 1.00 23.86 ? 122 ALA A N   1 
ATOM   696  C CA  . ALA A 1 81  ? -1.243  6.573   -10.710 1.00 22.71 ? 122 ALA A CA  1 
ATOM   697  C C   . ALA A 1 81  ? 0.087   6.326   -10.083 1.00 24.09 ? 122 ALA A C   1 
ATOM   698  O O   . ALA A 1 81  ? 0.205   5.447   -9.176  1.00 21.93 ? 122 ALA A O   1 
ATOM   699  C CB  . ALA A 1 81  ? -1.407  5.693   -11.913 1.00 24.85 ? 122 ALA A CB  1 
ATOM   700  N N   A GLN A 1 82  ? 1.136   7.030   -10.538 0.50 22.00 ? 123 GLN A N   1 
ATOM   701  N N   B GLN A 1 82  ? 1.107   7.033   -10.553 0.50 22.77 ? 123 GLN A N   1 
ATOM   702  C CA  A GLN A 1 82  ? 2.471   6.788   -9.981  0.50 24.03 ? 123 GLN A CA  1 
ATOM   703  C CA  B GLN A 1 82  ? 2.437   6.787   -10.067 0.50 25.12 ? 123 GLN A CA  1 
ATOM   704  C C   A GLN A 1 82  ? 2.554   7.065   -8.495  0.50 22.42 ? 123 GLN A C   1 
ATOM   705  C C   B GLN A 1 82  ? 2.571   7.089   -8.544  0.50 22.96 ? 123 GLN A C   1 
ATOM   706  O O   A GLN A 1 82  ? 3.267   6.351   -7.759  0.50 21.31 ? 123 GLN A O   1 
ATOM   707  O O   B GLN A 1 82  ? 3.308   6.378   -7.824  0.50 23.35 ? 123 GLN A O   1 
ATOM   708  C CB  A GLN A 1 82  ? 3.625   7.508   -10.723 0.50 27.22 ? 123 GLN A CB  1 
ATOM   709  C CB  B GLN A 1 82  ? 3.489   7.480   -10.976 0.50 28.22 ? 123 GLN A CB  1 
ATOM   710  C CG  A GLN A 1 82  ? 5.010   7.200   -10.078 0.50 29.69 ? 123 GLN A CG  1 
ATOM   711  C CG  B GLN A 1 82  ? 3.670   6.912   -12.416 0.50 32.03 ? 123 GLN A CG  1 
ATOM   712  C CD  A GLN A 1 82  ? 5.368   5.675   -9.959  0.50 30.31 ? 123 GLN A CD  1 
ATOM   713  C CD  B GLN A 1 82  ? 3.801   5.395   -12.579 0.50 34.68 ? 123 GLN A CD  1 
ATOM   714  O OE1 A GLN A 1 82  ? 5.649   5.134   -8.849  0.50 20.94 ? 123 GLN A OE1 1 
ATOM   715  O OE1 B GLN A 1 82  ? 3.218   4.806   -13.514 0.50 34.38 ? 123 GLN A OE1 1 
ATOM   716  N NE2 A GLN A 1 82  ? 5.341   4.980   -11.105 0.50 32.18 ? 123 GLN A NE2 1 
ATOM   717  N NE2 B GLN A 1 82  ? 4.604   4.765   -11.732 0.50 33.34 ? 123 GLN A NE2 1 
ATOM   718  N N   . GLU A 1 83  ? 1.805   8.045   -7.993  1.00 23.95 ? 124 GLU A N   1 
ATOM   719  C CA  . GLU A 1 83  ? 1.747   8.229   -6.546  1.00 22.40 ? 124 GLU A CA  1 
ATOM   720  C C   . GLU A 1 83  ? 1.247   7.014   -5.792  1.00 20.01 ? 124 GLU A C   1 
ATOM   721  O O   . GLU A 1 83  ? 1.725   6.651   -4.726  1.00 21.45 ? 124 GLU A O   1 
ATOM   722  C CB  . GLU A 1 83  ? 0.813   9.363   -6.176  1.00 24.35 ? 124 GLU A CB  1 
ATOM   723  C CG  . GLU A 1 83  ? 1.179   10.734  -6.612  1.00 25.93 ? 124 GLU A CG  1 
ATOM   724  C CD  . GLU A 1 83  ? 0.044   11.687  -6.136  1.00 28.56 ? 124 GLU A CD  1 
ATOM   725  O OE1 . GLU A 1 83  ? -0.841  11.801  -6.895  1.00 28.07 ? 124 GLU A OE1 1 
ATOM   726  O OE2 . GLU A 1 83  ? 0.016   12.171  -4.991  1.00 32.05 ? 124 GLU A OE2 1 
ATOM   727  N N   . CYS A 1 84  ? 0.250   6.380   -6.364  1.00 19.20 ? 125 CYS A N   1 
ATOM   728  C CA  . CYS A 1 84  ? -0.414  5.230   -5.699  1.00 19.67 ? 125 CYS A CA  1 
ATOM   729  C C   . CYS A 1 84  ? 0.514   4.001   -5.814  1.00 20.46 ? 125 CYS A C   1 
ATOM   730  O O   . CYS A 1 84  ? 0.797   3.238   -4.844  1.00 21.17 ? 125 CYS A O   1 
ATOM   731  C CB  . CYS A 1 84  ? -1.730  4.898   -6.435  1.00 21.90 ? 125 CYS A CB  1 
ATOM   732  S SG  . CYS A 1 84  ? -2.561  3.515   -5.625  1.00 23.49 ? 125 CYS A SG  1 
ATOM   733  N N   . ILE A 1 85  ? 1.108   3.829   -7.010  1.00 21.19 ? 126 ILE A N   1 
ATOM   734  C CA  . ILE A 1 85  ? 2.071   2.758   -7.221  1.00 20.73 ? 126 ILE A CA  1 
ATOM   735  C C   . ILE A 1 85  ? 3.259   2.899   -6.241  1.00 19.07 ? 126 ILE A C   1 
ATOM   736  O O   . ILE A 1 85  ? 3.664   1.852   -5.633  1.00 20.98 ? 126 ILE A O   1 
ATOM   737  C CB  . ILE A 1 85  ? 2.577   2.801   -8.689  1.00 20.93 ? 126 ILE A CB  1 
ATOM   738  C CG1 . ILE A 1 85  ? 1.424   2.321   -9.570  1.00 22.97 ? 126 ILE A CG1 1 
ATOM   739  C CG2 . ILE A 1 85  ? 3.801   1.920   -8.844  1.00 23.50 ? 126 ILE A CG2 1 
ATOM   740  C CD1 . ILE A 1 85  ? 1.620   2.657   -11.026 1.00 27.00 ? 126 ILE A CD1 1 
ATOM   741  N N   . GLN A 1 86  ? 3.723   4.115   -5.994  1.00 19.14 ? 127 GLN A N   1 
ATOM   742  C CA  . GLN A 1 86  ? 4.757   4.393   -5.015  1.00 20.21 ? 127 GLN A CA  1 
ATOM   743  C C   . GLN A 1 86  ? 4.331   3.938   -3.638  1.00 19.47 ? 127 GLN A C   1 
ATOM   744  O O   . GLN A 1 86  ? 5.156   3.346   -2.878  1.00 21.05 ? 127 GLN A O   1 
ATOM   745  C CB  . GLN A 1 86  ? 5.217   5.845   -4.998  1.00 23.36 ? 127 GLN A CB  1 
ATOM   746  C CG  . GLN A 1 86  ? 6.352   6.127   -3.997  1.00 25.38 ? 127 GLN A CG  1 
ATOM   747  C CD  . GLN A 1 86  ? 7.565   5.183   -4.234  1.00 28.92 ? 127 GLN A CD  1 
ATOM   748  O OE1 . GLN A 1 86  ? 7.904   4.270   -3.432  1.00 31.59 ? 127 GLN A OE1 1 
ATOM   749  N NE2 . GLN A 1 86  ? 8.141   5.334   -5.398  1.00 30.94 ? 127 GLN A NE2 1 
ATOM   750  N N   . ASP A 1 87  ? 3.100   4.251   -3.245  1.00 19.17 ? 128 ASP A N   1 
ATOM   751  C CA  . ASP A 1 87  ? 2.581   3.751   -1.959  1.00 18.83 ? 128 ASP A CA  1 
ATOM   752  C C   . ASP A 1 87  ? 2.734   2.241   -1.780  1.00 18.33 ? 128 ASP A C   1 
ATOM   753  O O   . ASP A 1 87  ? 3.161   1.738   -0.734  1.00 19.88 ? 128 ASP A O   1 
ATOM   754  C CB  . ASP A 1 87  ? 1.162   4.224   -1.663  1.00 21.04 ? 128 ASP A CB  1 
ATOM   755  C CG  . ASP A 1 87  ? 1.036   5.732   -1.400  1.00 22.62 ? 128 ASP A CG  1 
ATOM   756  O OD1 . ASP A 1 87  ? 2.065   6.387   -1.012  1.00 22.14 ? 128 ASP A OD1 1 
ATOM   757  O OD2 . ASP A 1 87  ? -0.119  6.253   -1.452  1.00 22.96 ? 128 ASP A OD2 1 
ATOM   758  N N   . PHE A 1 88  ? 2.253   1.504   -2.766  1.00 18.88 ? 129 PHE A N   1 
ATOM   759  C CA  . PHE A 1 88  ? 2.446   0.047   -2.736  1.00 19.79 ? 129 PHE A CA  1 
ATOM   760  C C   . PHE A 1 88  ? 3.870   -0.364  -2.554  1.00 19.40 ? 129 PHE A C   1 
ATOM   761  O O   . PHE A 1 88  ? 4.254   -1.177  -1.712  1.00 19.39 ? 129 PHE A O   1 
ATOM   762  C CB  . PHE A 1 88  ? 1.816   -0.658  -3.935  1.00 19.35 ? 129 PHE A CB  1 
ATOM   763  C CG  . PHE A 1 88  ? 0.327   -0.830  -3.896  1.00 20.06 ? 129 PHE A CG  1 
ATOM   764  C CD1 . PHE A 1 88  ? -0.292  -1.872  -3.181  1.00 24.74 ? 129 PHE A CD1 1 
ATOM   765  C CD2 . PHE A 1 88  ? -0.496  0.028   -4.677  1.00 22.34 ? 129 PHE A CD2 1 
ATOM   766  C CE1 . PHE A 1 88  ? -1.662  -2.054  -3.253  1.00 22.67 ? 129 PHE A CE1 1 
ATOM   767  C CE2 . PHE A 1 88  ? -1.873  -0.173  -4.741  1.00 22.36 ? 129 PHE A CE2 1 
ATOM   768  C CZ  . PHE A 1 88  ? -2.457  -1.202  -3.985  1.00 22.11 ? 129 PHE A CZ  1 
ATOM   769  N N   . ASN A 1 89  ? 4.737   0.196   -3.368  1.00 19.08 ? 130 ASN A N   1 
ATOM   770  C CA  . ASN A 1 89  ? 6.104   -0.120  -3.279  1.00 20.27 ? 130 ASN A CA  1 
ATOM   771  C C   . ASN A 1 89  ? 6.810   0.269   -1.986  1.00 19.50 ? 130 ASN A C   1 
ATOM   772  O O   . ASN A 1 89  ? 7.612   -0.499  -1.427  1.00 20.86 ? 130 ASN A O   1 
ATOM   773  C CB  . ASN A 1 89  ? 6.879   0.419   -4.429  1.00 20.64 ? 130 ASN A CB  1 
ATOM   774  C CG  . ASN A 1 89  ? 6.695   -0.448  -5.682  1.00 25.24 ? 130 ASN A CG  1 
ATOM   775  O OD1 . ASN A 1 89  ? 6.759   -1.670  -5.614  1.00 29.47 ? 130 ASN A OD1 1 
ATOM   776  N ND2 . ASN A 1 89  ? 6.417   0.173   -6.780  1.00 25.13 ? 130 ASN A ND2 1 
ATOM   777  N N   . THR A 1 90  ? 6.350   1.367   -1.401  1.00 19.92 ? 131 THR A N   1 
ATOM   778  C CA  . THR A 1 90  ? 6.820   1.726   -0.037  1.00 19.52 ? 131 THR A CA  1 
ATOM   779  C C   . THR A 1 90  ? 6.412   0.678   0.983   1.00 20.90 ? 131 THR A C   1 
ATOM   780  O O   . THR A 1 90  ? 7.186   0.268   1.858   1.00 20.73 ? 131 THR A O   1 
ATOM   781  C CB  . THR A 1 90  ? 6.235   3.118   0.378   1.00 23.74 ? 131 THR A CB  1 
ATOM   782  O OG1 . THR A 1 90  ? 6.813   4.115   -0.506  1.00 23.92 ? 131 THR A OG1 1 
ATOM   783  C CG2 . THR A 1 90  ? 6.650   3.486   1.795   1.00 22.23 ? 131 THR A CG2 1 
ATOM   784  N N   . MET A 1 91  ? 5.163   0.229   0.900   1.00 20.19 ? 132 MET A N   1 
ATOM   785  C CA  . MET A 1 91  ? 4.687   -0.787  1.848   1.00 19.83 ? 132 MET A CA  1 
ATOM   786  C C   . MET A 1 91  ? 5.520   -2.084  1.702   1.00 19.88 ? 132 MET A C   1 
ATOM   787  O O   . MET A 1 91  ? 5.940   -2.662  2.746   1.00 19.69 ? 132 MET A O   1 
ATOM   788  C CB  . MET A 1 91  ? 3.242   -1.117  1.543   1.00 20.32 ? 132 MET A CB  1 
ATOM   789  C CG  . MET A 1 91  ? 2.572   -2.210  2.408   1.00 21.01 ? 132 MET A CG  1 
ATOM   790  S SD  . MET A 1 91  ? 0.938   -2.633  1.796   1.00 21.93 ? 132 MET A SD  1 
ATOM   791  C CE  . MET A 1 91  ? 1.280   -3.690  0.436   1.00 26.84 ? 132 MET A CE  1 
ATOM   792  N N   . PHE A 1 92  ? 5.757   -2.558  0.468   1.00 18.55 ? 133 PHE A N   1 
ATOM   793  C CA  . PHE A 1 92  ? 6.603   -3.753  0.281   1.00 21.85 ? 133 PHE A CA  1 
ATOM   794  C C   . PHE A 1 92  ? 8.008   -3.501  0.853   1.00 20.49 ? 133 PHE A C   1 
ATOM   795  O O   . PHE A 1 92  ? 8.518   -4.356  1.556   1.00 20.96 ? 133 PHE A O   1 
ATOM   796  C CB  . PHE A 1 92  ? 6.655   -4.230  -1.180  1.00 22.20 ? 133 PHE A CB  1 
ATOM   797  C CG  . PHE A 1 92  ? 5.311   -4.640  -1.757  1.00 22.43 ? 133 PHE A CG  1 
ATOM   798  C CD1 . PHE A 1 92  ? 4.495   -5.521  -1.087  1.00 25.12 ? 133 PHE A CD1 1 
ATOM   799  C CD2 . PHE A 1 92  ? 4.846   -4.056  -2.892  1.00 22.67 ? 133 PHE A CD2 1 
ATOM   800  C CE1 . PHE A 1 92  ? 3.256   -5.887  -1.625  1.00 24.14 ? 133 PHE A CE1 1 
ATOM   801  C CE2 . PHE A 1 92  ? 3.622   -4.405  -3.424  1.00 21.61 ? 133 PHE A CE2 1 
ATOM   802  C CZ  . PHE A 1 92  ? 2.835   -5.312  -2.766  1.00 23.71 ? 133 PHE A CZ  1 
ATOM   803  N N   . THR A 1 93  ? 8.656   -2.414  0.423   1.00 20.51 ? 134 THR A N   1 
ATOM   804  C CA  . THR A 1 93  ? 9.991   -2.057  0.885   1.00 22.65 ? 134 THR A CA  1 
ATOM   805  C C   . THR A 1 93  ? 10.124  -2.015  2.369   1.00 23.12 ? 134 THR A C   1 
ATOM   806  O O   . THR A 1 93  ? 11.049  -2.610  2.956   1.00 21.61 ? 134 THR A O   1 
ATOM   807  C CB  . THR A 1 93  ? 10.455  -0.761  0.212   1.00 24.98 ? 134 THR A CB  1 
ATOM   808  O OG1 . THR A 1 93  ? 10.471  -0.956  -1.186  1.00 28.39 ? 134 THR A OG1 1 
ATOM   809  C CG2 . THR A 1 93  ? 11.889  -0.387  0.698   1.00 27.06 ? 134 THR A CG2 1 
ATOM   810  N N   . ASN A 1 94  ? 9.125   -1.398  3.072   1.00 21.74 ? 135 ASN A N   1 
ATOM   811  C CA  . ASN A 1 94  ? 9.146   -1.376  4.509   1.00 20.09 ? 135 ASN A CA  1 
ATOM   812  C C   . ASN A 1 94  ? 9.189   -2.792  5.107   1.00 22.06 ? 135 ASN A C   1 
ATOM   813  O O   . ASN A 1 94  ? 9.893   -3.083  6.055   1.00 21.43 ? 135 ASN A O   1 
ATOM   814  C CB  . ASN A 1 94  ? 7.930   -0.676  5.105   1.00 21.42 ? 135 ASN A CB  1 
ATOM   815  C CG  . ASN A 1 94  ? 7.880   0.817   4.809   1.00 23.01 ? 135 ASN A CG  1 
ATOM   816  O OD1 . ASN A 1 94  ? 8.889   1.446   4.447   1.00 23.21 ? 135 ASN A OD1 1 
ATOM   817  N ND2 . ASN A 1 94  ? 6.713   1.363   4.927   1.00 22.32 ? 135 ASN A ND2 1 
ATOM   818  N N   . CYS A 1 95  ? 8.397   -3.700  4.547   1.00 19.78 ? 136 CYS A N   1 
ATOM   819  C CA  . CYS A 1 95  ? 8.400   -5.076  5.022   1.00 19.94 ? 136 CYS A CA  1 
ATOM   820  C C   . CYS A 1 95  ? 9.759   -5.756  4.915   1.00 21.76 ? 136 CYS A C   1 
ATOM   821  O O   . CYS A 1 95  ? 10.302  -6.385  5.883   1.00 22.61 ? 136 CYS A O   1 
ATOM   822  C CB  . CYS A 1 95  ? 7.328   -5.829  4.217   1.00 20.33 ? 136 CYS A CB  1 
ATOM   823  S SG  . CYS A 1 95  ? 7.094   -7.500  4.871   1.00 24.57 ? 136 CYS A SG  1 
ATOM   824  N N   . TYR A 1 96  ? 10.369  -5.543  3.758   1.00 22.19 ? 137 TYR A N   1 
ATOM   825  C CA  . TYR A 1 96  ? 11.638  -6.181  3.464   1.00 21.40 ? 137 TYR A CA  1 
ATOM   826  C C   . TYR A 1 96  ? 12.780  -5.571  4.312   1.00 21.96 ? 137 TYR A C   1 
ATOM   827  O O   . TYR A 1 96  ? 13.754  -6.313  4.679   1.00 26.42 ? 137 TYR A O   1 
ATOM   828  C CB  . TYR A 1 96  ? 11.942  -6.111  1.983   1.00 20.99 ? 137 TYR A CB  1 
ATOM   829  C CG  . TYR A 1 96  ? 10.876  -6.705  1.042   1.00 20.45 ? 137 TYR A CG  1 
ATOM   830  C CD1 . TYR A 1 96  ? 10.102  -7.768  1.435   1.00 23.81 ? 137 TYR A CD1 1 
ATOM   831  C CD2 . TYR A 1 96  ? 10.630  -6.177  -0.170  1.00 20.46 ? 137 TYR A CD2 1 
ATOM   832  C CE1 . TYR A 1 96  ? 9.154   -8.316  0.604   1.00 22.87 ? 137 TYR A CE1 1 
ATOM   833  C CE2 . TYR A 1 96  ? 9.677   -6.735  -1.048  1.00 22.05 ? 137 TYR A CE2 1 
ATOM   834  C CZ  . TYR A 1 96  ? 8.933   -7.808  -0.594  1.00 23.04 ? 137 TYR A CZ  1 
ATOM   835  O OH  . TYR A 1 96  ? 7.934   -8.381  -1.408  1.00 25.64 ? 137 TYR A OH  1 
ATOM   836  N N   . ILE A 1 97  ? 12.720  -4.282  4.563   1.00 22.47 ? 138 ILE A N   1 
ATOM   837  C CA  . ILE A 1 97  ? 13.708  -3.565  5.425   1.00 24.40 ? 138 ILE A CA  1 
ATOM   838  C C   . ILE A 1 97  ? 13.561  -3.998  6.877   1.00 28.28 ? 138 ILE A C   1 
ATOM   839  O O   . ILE A 1 97  ? 14.585  -4.228  7.571   1.00 30.07 ? 138 ILE A O   1 
ATOM   840  C CB  . ILE A 1 97  ? 13.565  -2.027  5.236   1.00 29.20 ? 138 ILE A CB  1 
ATOM   841  C CG1 . ILE A 1 97  ? 14.115  -1.679  3.836   1.00 33.23 ? 138 ILE A CG1 1 
ATOM   842  C CG2 . ILE A 1 97  ? 14.131  -1.228  6.416   1.00 33.09 ? 138 ILE A CG2 1 
ATOM   843  C CD1 . ILE A 1 97  ? 15.626  -1.650  3.740   1.00 41.65 ? 138 ILE A CD1 1 
ATOM   844  N N   . TYR A 1 98  ? 12.355  -4.083  7.379   1.00 24.86 ? 139 TYR A N   1 
ATOM   845  C CA  . TYR A 1 98  ? 12.168  -4.329  8.778   1.00 23.78 ? 139 TYR A CA  1 
ATOM   846  C C   . TYR A 1 98  ? 12.444  -5.773  9.191   1.00 26.27 ? 139 TYR A C   1 
ATOM   847  O O   . TYR A 1 98  ? 13.017  -5.994  10.290  1.00 25.35 ? 139 TYR A O   1 
ATOM   848  C CB  . TYR A 1 98  ? 10.827  -3.890  9.256   1.00 24.81 ? 139 TYR A CB  1 
ATOM   849  C CG  . TYR A 1 98  ? 10.633  -4.072  10.719  1.00 21.76 ? 139 TYR A CG  1 
ATOM   850  C CD1 . TYR A 1 98  ? 11.268  -3.212  11.641  1.00 23.12 ? 139 TYR A CD1 1 
ATOM   851  C CD2 . TYR A 1 98  ? 9.880   -5.088  11.236  1.00 24.26 ? 139 TYR A CD2 1 
ATOM   852  C CE1 . TYR A 1 98  ? 11.116  -3.417  12.961  1.00 23.65 ? 139 TYR A CE1 1 
ATOM   853  C CE2 . TYR A 1 98  ? 9.757   -5.314  12.572  1.00 24.80 ? 139 TYR A CE2 1 
ATOM   854  C CZ  . TYR A 1 98  ? 10.339  -4.412  13.458  1.00 25.14 ? 139 TYR A CZ  1 
ATOM   855  O OH  . TYR A 1 98  ? 10.231  -4.682  14.819  1.00 28.46 ? 139 TYR A OH  1 
ATOM   856  N N   . ASN A 1 99  ? 11.993  -6.721  8.384   1.00 23.87 ? 140 ASN A N   1 
ATOM   857  C CA  . ASN A 1 99  ? 12.083  -8.140  8.750   1.00 25.69 ? 140 ASN A CA  1 
ATOM   858  C C   . ASN A 1 99  ? 13.285  -8.890  8.151   1.00 32.19 ? 140 ASN A C   1 
ATOM   859  O O   . ASN A 1 99  ? 14.081  -8.282  7.512   1.00 30.52 ? 140 ASN A O   1 
ATOM   860  C CB  . ASN A 1 99  ? 10.762  -8.753  8.246   1.00 24.77 ? 140 ASN A CB  1 
ATOM   861  C CG  . ASN A 1 99  ? 9.554   -8.100  8.863   1.00 22.28 ? 140 ASN A CG  1 
ATOM   862  O OD1 . ASN A 1 99  ? 9.226   -8.369  10.041  1.00 23.50 ? 140 ASN A OD1 1 
ATOM   863  N ND2 . ASN A 1 99  ? 8.863   -7.212  8.111   1.00 22.29 ? 140 ASN A ND2 1 
ATOM   864  N N   A LYS A 1 100 ? 13.378  -10.221 8.351   0.50 38.01 ? 141 LYS A N   1 
ATOM   865  N N   B LYS A 1 100 ? 13.365  -10.224 8.339   0.50 36.97 ? 141 LYS A N   1 
ATOM   866  C CA  A LYS A 1 100 ? 14.478  -11.068 7.795   0.50 35.67 ? 141 LYS A CA  1 
ATOM   867  C CA  B LYS A 1 100 ? 14.452  -11.081 7.778   0.50 33.77 ? 141 LYS A CA  1 
ATOM   868  C C   A LYS A 1 100 ? 14.031  -11.919 6.625   0.50 37.52 ? 141 LYS A C   1 
ATOM   869  C C   B LYS A 1 100 ? 14.016  -11.916 6.599   0.50 36.52 ? 141 LYS A C   1 
ATOM   870  O O   A LYS A 1 100 ? 12.844  -12.254 6.524   0.50 32.07 ? 141 LYS A O   1 
ATOM   871  O O   B LYS A 1 100 ? 12.834  -12.251 6.475   0.50 30.45 ? 141 LYS A O   1 
ATOM   872  C CB  A LYS A 1 100 ? 15.052  -11.985 8.890   0.50 43.72 ? 141 LYS A CB  1 
ATOM   873  C CB  B LYS A 1 100 ? 14.989  -12.033 8.856   0.50 40.48 ? 141 LYS A CB  1 
ATOM   874  C CG  A LYS A 1 100 ? 15.139  -11.347 10.282  0.50 46.70 ? 141 LYS A CG  1 
ATOM   875  C CG  B LYS A 1 100 ? 15.049  -11.442 10.267  0.50 42.15 ? 141 LYS A CG  1 
ATOM   876  C CD  A LYS A 1 100 ? 15.963  -12.164 11.290  0.50 51.64 ? 141 LYS A CD  1 
ATOM   877  C CD  B LYS A 1 100 ? 15.520  -12.463 11.308  0.50 46.01 ? 141 LYS A CD  1 
ATOM   878  C CE  A LYS A 1 100 ? 15.178  -13.289 11.974  0.50 55.22 ? 141 LYS A CE  1 
ATOM   879  C CE  B LYS A 1 100 ? 14.443  -13.501 11.641  0.50 46.53 ? 141 LYS A CE  1 
ATOM   880  N NZ  A LYS A 1 100 ? 15.165  -14.570 11.204  0.50 54.86 ? 141 LYS A NZ  1 
ATOM   881  N NZ  B LYS A 1 100 ? 13.232  -12.875 12.247  0.50 44.13 ? 141 LYS A NZ  1 
ATOM   882  N N   . PRO A 1 101 ? 14.956  -12.311 5.729   1.00 31.80 ? 142 PRO A N   1 
ATOM   883  C CA  . PRO A 1 101 ? 14.445  -13.165 4.647   1.00 35.68 ? 142 PRO A CA  1 
ATOM   884  C C   . PRO A 1 101 ? 13.801  -14.454 5.105   1.00 35.74 ? 142 PRO A C   1 
ATOM   885  O O   . PRO A 1 101 ? 14.262  -15.079 6.061   1.00 36.77 ? 142 PRO A O   1 
ATOM   886  C CB  . PRO A 1 101 ? 15.704  -13.460 3.791   1.00 40.63 ? 142 PRO A CB  1 
ATOM   887  C CG  . PRO A 1 101 ? 16.612  -12.314 4.120   1.00 39.98 ? 142 PRO A CG  1 
ATOM   888  C CD  . PRO A 1 101 ? 16.381  -11.999 5.568   1.00 38.04 ? 142 PRO A CD  1 
ATOM   889  N N   . GLY A 1 102 ? 12.765  -14.896 4.391   1.00 42.40 ? 143 GLY A N   1 
ATOM   890  C CA  . GLY A 1 102 ? 12.135  -16.155 4.800   1.00 42.56 ? 143 GLY A CA  1 
ATOM   891  C C   . GLY A 1 102 ? 11.275  -16.076 6.052   1.00 41.31 ? 143 GLY A C   1 
ATOM   892  O O   . GLY A 1 102 ? 10.651  -17.069 6.431   1.00 44.34 ? 143 GLY A O   1 
ATOM   893  N N   . ASP A 1 103 ? 11.228  -14.913 6.716   1.00 33.22 ? 144 ASP A N   1 
ATOM   894  C CA  . ASP A 1 103 ? 10.140  -14.673 7.666   1.00 29.23 ? 144 ASP A CA  1 
ATOM   895  C C   . ASP A 1 103 ? 8.827   -14.824 6.948   1.00 28.00 ? 144 ASP A C   1 
ATOM   896  O O   . ASP A 1 103 ? 8.676   -14.458 5.798   1.00 26.83 ? 144 ASP A O   1 
ATOM   897  C CB  . ASP A 1 103 ? 10.218  -13.288 8.291   1.00 27.93 ? 144 ASP A CB  1 
ATOM   898  C CG  . ASP A 1 103 ? 11.282  -13.173 9.330   1.00 35.70 ? 144 ASP A CG  1 
ATOM   899  O OD1 . ASP A 1 103 ? 11.945  -14.201 9.698   1.00 39.45 ? 144 ASP A OD1 1 
ATOM   900  O OD2 . ASP A 1 103 ? 11.453  -12.018 9.814   1.00 38.43 ? 144 ASP A OD2 1 
ATOM   901  N N   . ASP A 1 104 ? 7.851   -15.405 7.635   1.00 26.82 ? 145 ASP A N   1 
ATOM   902  C CA  . ASP A 1 104 ? 6.503   -15.521 7.048   1.00 26.62 ? 145 ASP A CA  1 
ATOM   903  C C   . ASP A 1 104 ? 6.026   -14.197 6.479   1.00 24.63 ? 145 ASP A C   1 
ATOM   904  O O   . ASP A 1 104 ? 5.475   -14.192 5.376   1.00 26.33 ? 145 ASP A O   1 
ATOM   905  C CB  . ASP A 1 104 ? 5.456   -15.963 8.104   1.00 27.70 ? 145 ASP A CB  1 
ATOM   906  C CG  . ASP A 1 104 ? 5.385   -17.477 8.313   1.00 34.30 ? 145 ASP A CG  1 
ATOM   907  O OD1 . ASP A 1 104 ? 5.921   -18.236 7.498   1.00 33.53 ? 145 ASP A OD1 1 
ATOM   908  O OD2 . ASP A 1 104 ? 4.762   -17.871 9.343   1.00 36.06 ? 145 ASP A OD2 1 
ATOM   909  N N   . ILE A 1 105 ? 6.174   -13.077 7.187   1.00 24.38 ? 146 ILE A N   1 
ATOM   910  C CA  . ILE A 1 105 ? 5.557   -11.829 6.699   1.00 22.97 ? 146 ILE A CA  1 
ATOM   911  C C   . ILE A 1 105 ? 6.218   -11.407 5.374   1.00 22.18 ? 146 ILE A C   1 
ATOM   912  O O   . ILE A 1 105 ? 5.568   -10.764 4.532   1.00 23.42 ? 146 ILE A O   1 
ATOM   913  C CB  . ILE A 1 105 ? 5.709   -10.676 7.732   1.00 24.86 ? 146 ILE A CB  1 
ATOM   914  C CG1 . ILE A 1 105 ? 4.943   -9.492  7.303   1.00 27.21 ? 146 ILE A CG1 1 
ATOM   915  C CG2 . ILE A 1 105 ? 7.199   -10.329 8.064   1.00 29.54 ? 146 ILE A CG2 1 
ATOM   916  C CD1 . ILE A 1 105 ? 3.441   -9.606  7.319   1.00 30.60 ? 146 ILE A CD1 1 
ATOM   917  N N   . VAL A 1 106 ? 7.499   -11.741 5.219   1.00 20.60 ? 147 VAL A N   1 
ATOM   918  C CA  . VAL A 1 106 ? 8.285   -11.417 3.952   1.00 20.75 ? 147 VAL A CA  1 
ATOM   919  C C   . VAL A 1 106 ? 7.729   -12.307 2.821   1.00 21.81 ? 147 VAL A C   1 
ATOM   920  O O   . VAL A 1 106 ? 7.470   -11.854 1.743   1.00 23.63 ? 147 VAL A O   1 
ATOM   921  C CB  . VAL A 1 106 ? 9.742   -11.627 4.134   1.00 22.35 ? 147 VAL A CB  1 
ATOM   922  C CG1 . VAL A 1 106 ? 10.553  -11.485 2.833   1.00 25.24 ? 147 VAL A CG1 1 
ATOM   923  C CG2 . VAL A 1 106 ? 10.297  -10.563 5.081   1.00 23.18 ? 147 VAL A CG2 1 
ATOM   924  N N   . LEU A 1 107 ? 7.491   -13.565 3.102   1.00 21.12 ? 148 LEU A N   1 
ATOM   925  C CA  . LEU A 1 107 ? 6.801   -14.424 2.124   1.00 23.69 ? 148 LEU A CA  1 
ATOM   926  C C   . LEU A 1 107 ? 5.404   -13.938 1.726   1.00 23.24 ? 148 LEU A C   1 
ATOM   927  O O   . LEU A 1 107 ? 5.003   -14.080 0.546   1.00 23.91 ? 148 LEU A O   1 
ATOM   928  C CB  . LEU A 1 107 ? 6.724   -15.869 2.604   1.00 28.15 ? 148 LEU A CB  1 
ATOM   929  C CG  . LEU A 1 107 ? 8.050   -16.551 2.906   1.00 29.50 ? 148 LEU A CG  1 
ATOM   930  C CD1 . LEU A 1 107 ? 7.776   -17.951 3.531   1.00 32.50 ? 148 LEU A CD1 1 
ATOM   931  C CD2 . LEU A 1 107 ? 8.974   -16.532 1.693   1.00 32.51 ? 148 LEU A CD2 1 
ATOM   932  N N   . MET A 1 108 ? 4.628   -13.436 2.724   1.00 20.88 ? 149 MET A N   1 
ATOM   933  C CA  . MET A 1 108 ? 3.346   -12.877 2.438   1.00 21.65 ? 149 MET A CA  1 
ATOM   934  C C   . MET A 1 108 ? 3.469   -11.664 1.497   1.00 20.90 ? 149 MET A C   1 
ATOM   935  O O   . MET A 1 108 ? 2.760   -11.572 0.518   1.00 20.93 ? 149 MET A O   1 
ATOM   936  C CB  . MET A 1 108 ? 2.651   -12.517 3.697   1.00 22.19 ? 149 MET A CB  1 
ATOM   937  C CG  . MET A 1 108 ? 2.434   -13.752 4.541   1.00 23.95 ? 149 MET A CG  1 
ATOM   938  S SD  . MET A 1 108 ? 1.900   -13.456 6.260   1.00 23.71 ? 149 MET A SD  1 
ATOM   939  C CE  . MET A 1 108 ? 0.100   -13.403 6.071   1.00 26.77 ? 149 MET A CE  1 
ATOM   940  N N   . ALA A 1 109 ? 4.342   -10.755 1.858   1.00 20.24 ? 150 ALA A N   1 
ATOM   941  C CA  . ALA A 1 109 ? 4.564   -9.552  1.007   1.00 19.95 ? 150 ALA A CA  1 
ATOM   942  C C   . ALA A 1 109 ? 5.042   -9.953  -0.398  1.00 21.42 ? 150 ALA A C   1 
ATOM   943  O O   . ALA A 1 109 ? 4.549   -9.413  -1.401  1.00 21.02 ? 150 ALA A O   1 
ATOM   944  C CB  . ALA A 1 109 ? 5.546   -8.637  1.711   1.00 19.05 ? 150 ALA A CB  1 
ATOM   945  N N   . GLU A 1 110 ? 5.912   -10.963 -0.522  1.00 21.90 ? 151 GLU A N   1 
ATOM   946  C CA  . GLU A 1 110 ? 6.433   -11.335 -1.826  1.00 23.66 ? 151 GLU A CA  1 
ATOM   947  C C   . GLU A 1 110 ? 5.278   -11.877 -2.698  1.00 21.84 ? 151 GLU A C   1 
ATOM   948  O O   . GLU A 1 110 ? 5.248   -11.664 -3.898  1.00 24.53 ? 151 GLU A O   1 
ATOM   949  C CB  . GLU A 1 110 ? 7.554   -12.368 -1.755  1.00 24.42 ? 151 GLU A CB  1 
ATOM   950  C CG  . GLU A 1 110 ? 8.825   -11.779 -1.172  1.00 25.77 ? 151 GLU A CG  1 
ATOM   951  C CD  . GLU A 1 110 ? 9.947   -12.812 -1.037  1.00 36.59 ? 151 GLU A CD  1 
ATOM   952  O OE1 . GLU A 1 110 ? 9.646   -14.032 -1.169  1.00 38.67 ? 151 GLU A OE1 1 
ATOM   953  O OE2 . GLU A 1 110 ? 11.125  -12.380 -0.759  1.00 37.65 ? 151 GLU A OE2 1 
ATOM   954  N N   . ALA A 1 111 ? 4.355   -12.620 -2.069  1.00 20.95 ? 152 ALA A N   1 
ATOM   955  C CA  . ALA A 1 111 ? 3.223   -13.131 -2.850  1.00 21.59 ? 152 ALA A CA  1 
ATOM   956  C C   . ALA A 1 111 ? 2.314   -12.030 -3.324  1.00 22.98 ? 152 ALA A C   1 
ATOM   957  O O   . ALA A 1 111 ? 1.831   -12.058 -4.501  1.00 21.98 ? 152 ALA A O   1 
ATOM   958  C CB  . ALA A 1 111 ? 2.442   -14.145 -2.036  1.00 24.53 ? 152 ALA A CB  1 
ATOM   959  N N   . LEU A 1 112 ? 2.022   -11.077 -2.466  1.00 21.75 ? 153 LEU A N   1 
ATOM   960  C CA  . LEU A 1 112 ? 1.265   -9.954  -2.872  1.00 22.51 ? 153 LEU A CA  1 
ATOM   961  C C   . LEU A 1 112 ? 1.971   -9.114  -3.947  1.00 21.56 ? 153 LEU A C   1 
ATOM   962  O O   . LEU A 1 112 ? 1.326   -8.641  -4.915  1.00 21.42 ? 153 LEU A O   1 
ATOM   963  C CB  . LEU A 1 112 ? 0.874   -9.084  -1.674  1.00 23.73 ? 153 LEU A CB  1 
ATOM   964  C CG  . LEU A 1 112 ? -0.030  -9.707  -0.567  1.00 24.74 ? 153 LEU A CG  1 
ATOM   965  C CD1 . LEU A 1 112 ? -0.075  -8.685  0.526   1.00 25.28 ? 153 LEU A CD1 1 
ATOM   966  C CD2 . LEU A 1 112 ? -1.398  -10.080 -1.058  1.00 27.58 ? 153 LEU A CD2 1 
ATOM   967  N N   . GLU A 1 113 ? 3.241   -8.898  -3.753  1.00 20.84 ? 154 GLU A N   1 
ATOM   968  C CA  . GLU A 1 113 ? 4.051   -8.154  -4.763  1.00 20.31 ? 154 GLU A CA  1 
ATOM   969  C C   . GLU A 1 113 ? 4.067   -8.826  -6.124  1.00 21.72 ? 154 GLU A C   1 
ATOM   970  O O   . GLU A 1 113 ? 4.039   -8.132  -7.149  1.00 20.46 ? 154 GLU A O   1 
ATOM   971  C CB  . GLU A 1 113 ? 5.464   -7.869  -4.232  1.00 21.39 ? 154 GLU A CB  1 
ATOM   972  C CG  . GLU A 1 113 ? 6.298   -6.983  -5.132  1.00 22.35 ? 154 GLU A CG  1 
ATOM   973  C CD  . GLU A 1 113 ? 7.699   -6.734  -4.580  1.00 24.62 ? 154 GLU A CD  1 
ATOM   974  O OE1 . GLU A 1 113 ? 8.253   -7.610  -3.903  1.00 26.32 ? 154 GLU A OE1 1 
ATOM   975  O OE2 . GLU A 1 113 ? 8.281   -5.742  -5.087  1.00 28.50 ? 154 GLU A OE2 1 
ATOM   976  N N   . LYS A 1 114 ? 4.116   -10.154 -6.167  1.00 21.00 ? 155 LYS A N   1 
ATOM   977  C CA  . LYS A 1 114 ? 4.055   -10.847 -7.473  1.00 24.24 ? 155 LYS A CA  1 
ATOM   978  C C   . LYS A 1 114 ? 2.781   -10.506 -8.199  1.00 23.55 ? 155 LYS A C   1 
ATOM   979  O O   . LYS A 1 114 ? 2.825   -10.137 -9.350  1.00 24.01 ? 155 LYS A O   1 
ATOM   980  C CB  . LYS A 1 114 ? 4.186   -12.345 -7.342  1.00 24.70 ? 155 LYS A CB  1 
ATOM   981  C CG  . LYS A 1 114 ? 4.063   -13.155 -8.639  1.00 28.10 ? 155 LYS A CG  1 
ATOM   982  C CD  . LYS A 1 114 ? 4.252   -14.665 -8.381  1.00 29.85 ? 155 LYS A CD  1 
ATOM   983  C CE  . LYS A 1 114 ? 4.258   -15.403 -9.707  1.00 38.20 ? 155 LYS A CE  1 
ATOM   984  N NZ  . LYS A 1 114 ? 4.435   -16.867 -9.537  1.00 43.01 ? 155 LYS A NZ  1 
ATOM   985  N N   . LEU A 1 115 ? 1.674   -10.502 -7.469  1.00 21.93 ? 156 LEU A N   1 
ATOM   986  C CA  . LEU A 1 115 ? 0.413   -10.154 -8.053  1.00 21.69 ? 156 LEU A CA  1 
ATOM   987  C C   . LEU A 1 115 ? 0.358   -8.672  -8.457  1.00 20.67 ? 156 LEU A C   1 
ATOM   988  O O   . LEU A 1 115 ? -0.132  -8.315  -9.527  1.00 22.62 ? 156 LEU A O   1 
ATOM   989  C CB  . LEU A 1 115 ? -0.726  -10.513 -7.112  1.00 24.14 ? 156 LEU A CB  1 
ATOM   990  C CG  . LEU A 1 115 ? -0.910  -11.985 -6.989  1.00 30.18 ? 156 LEU A CG  1 
ATOM   991  C CD1 . LEU A 1 115 ? -1.925  -12.203 -5.852  1.00 31.07 ? 156 LEU A CD1 1 
ATOM   992  C CD2 . LEU A 1 115 ? -1.428  -12.559 -8.303  1.00 36.61 ? 156 LEU A CD2 1 
ATOM   993  N N   . PHE A 1 116 ? 0.894   -7.826  -7.616  1.00 21.21 ? 157 PHE A N   1 
ATOM   994  C CA  . PHE A 1 116 ? 0.970   -6.464  -7.895  1.00 21.49 ? 157 PHE A CA  1 
ATOM   995  C C   . PHE A 1 116 ? 1.750   -6.169  -9.186  1.00 19.73 ? 157 PHE A C   1 
ATOM   996  O O   . PHE A 1 116 ? 1.283   -5.418  -10.052 1.00 21.56 ? 157 PHE A O   1 
ATOM   997  C CB  . PHE A 1 116 ? 1.696   -5.784  -6.722  1.00 19.68 ? 157 PHE A CB  1 
ATOM   998  C CG  . PHE A 1 116 ? 1.986   -4.300  -6.950  1.00 24.24 ? 157 PHE A CG  1 
ATOM   999  C CD1 . PHE A 1 116 ? 0.976   -3.319  -6.881  1.00 21.74 ? 157 PHE A CD1 1 
ATOM   1000 C CD2 . PHE A 1 116 ? 3.280   -3.880  -7.293  1.00 25.25 ? 157 PHE A CD2 1 
ATOM   1001 C CE1 . PHE A 1 116 ? 1.272   -1.988  -7.013  1.00 25.71 ? 157 PHE A CE1 1 
ATOM   1002 C CE2 . PHE A 1 116 ? 3.566   -2.544  -7.498  1.00 27.77 ? 157 PHE A CE2 1 
ATOM   1003 C CZ  . PHE A 1 116 ? 2.567   -1.595  -7.370  1.00 25.40 ? 157 PHE A CZ  1 
ATOM   1004 N N   . LEU A 1 117 ? 2.860   -6.781  -9.360  1.00 20.25 ? 158 LEU A N   1 
ATOM   1005 C CA  . LEU A 1 117 ? 3.708   -6.536  -10.553 1.00 20.91 ? 158 LEU A CA  1 
ATOM   1006 C C   . LEU A 1 117 ? 2.964   -7.009  -11.793 1.00 22.50 ? 158 LEU A C   1 
ATOM   1007 O O   . LEU A 1 117 ? 3.068   -6.355  -12.814 1.00 23.70 ? 158 LEU A O   1 
ATOM   1008 C CB  . LEU A 1 117 ? 5.014   -7.284  -10.440 1.00 23.25 ? 158 LEU A CB  1 
ATOM   1009 C CG  . LEU A 1 117 ? 5.972   -6.667  -9.387  1.00 24.68 ? 158 LEU A CG  1 
ATOM   1010 C CD1 . LEU A 1 117 ? 7.067   -7.652  -9.066  1.00 25.44 ? 158 LEU A CD1 1 
ATOM   1011 C CD2 . LEU A 1 117 ? 6.578   -5.325  -9.810  1.00 29.58 ? 158 LEU A CD2 1 
ATOM   1012 N N   A GLN A 1 118 ? 2.267   -8.118  -11.725 0.50 21.93 ? 159 GLN A N   1 
ATOM   1013 N N   B GLN A 1 118 ? 2.309   -8.174  -11.700 0.50 22.41 ? 159 GLN A N   1 
ATOM   1014 C CA  A GLN A 1 118 ? 1.535   -8.581  -12.900 0.50 23.76 ? 159 GLN A CA  1 
ATOM   1015 C CA  B GLN A 1 118 ? 1.398   -8.746  -12.754 0.50 24.70 ? 159 GLN A CA  1 
ATOM   1016 C C   A GLN A 1 118 ? 0.398   -7.624  -13.256 0.50 23.75 ? 159 GLN A C   1 
ATOM   1017 C C   B GLN A 1 118 ? 0.408   -7.678  -13.212 0.50 24.23 ? 159 GLN A C   1 
ATOM   1018 O O   A GLN A 1 118 ? 0.218   -7.295  -14.454 0.50 26.66 ? 159 GLN A O   1 
ATOM   1019 O O   B GLN A 1 118 ? 0.333   -7.344  -14.416 0.50 27.66 ? 159 GLN A O   1 
ATOM   1020 C CB  A GLN A 1 118 ? 1.071   -10.021 -12.710 0.50 24.64 ? 159 GLN A CB  1 
ATOM   1021 C CB  B GLN A 1 118 ? 0.638   -10.023 -12.231 0.50 26.69 ? 159 GLN A CB  1 
ATOM   1022 C CG  A GLN A 1 118 ? 0.435   -10.584 -13.983 0.50 27.47 ? 159 GLN A CG  1 
ATOM   1023 C CG  B GLN A 1 118 ? -0.085  -10.886 -13.304 0.50 30.02 ? 159 GLN A CG  1 
ATOM   1024 C CD  A GLN A 1 118 ? -1.048  -10.261 -14.061 0.50 23.64 ? 159 GLN A CD  1 
ATOM   1025 C CD  B GLN A 1 118 ? -1.279  -11.723 -12.806 0.50 30.06 ? 159 GLN A CD  1 
ATOM   1026 O OE1 A GLN A 1 118 ? -1.787  -10.534 -13.110 0.50 29.60 ? 159 GLN A OE1 1 
ATOM   1027 O OE1 B GLN A 1 118 ? -2.422  -11.487 -13.200 0.50 40.22 ? 159 GLN A OE1 1 
ATOM   1028 N NE2 A GLN A 1 118 ? -1.495  -9.677  -15.198 0.50 26.37 ? 159 GLN A NE2 1 
ATOM   1029 N NE2 B GLN A 1 118 ? -1.013  -12.695 -11.976 0.50 32.73 ? 159 GLN A NE2 1 
ATOM   1030 N N   . LYS A 1 119 ? -0.354  -7.131  -12.255 1.00 20.73 ? 160 LYS A N   1 
ATOM   1031 C CA  . LYS A 1 119 ? -1.353  -6.125  -12.587 1.00 21.81 ? 160 LYS A CA  1 
ATOM   1032 C C   . LYS A 1 119 ? -0.786  -4.861  -13.111 1.00 20.25 ? 160 LYS A C   1 
ATOM   1033 O O   . LYS A 1 119 ? -1.358  -4.278  -14.026 1.00 24.82 ? 160 LYS A O   1 
ATOM   1034 C CB  . LYS A 1 119 ? -2.331  -5.841  -11.441 1.00 22.91 ? 160 LYS A CB  1 
ATOM   1035 C CG  . LYS A 1 119 ? -2.961  -7.046  -10.863 1.00 23.22 ? 160 LYS A CG  1 
ATOM   1036 C CD  . LYS A 1 119 ? -3.768  -7.902  -11.862 1.00 26.35 ? 160 LYS A CD  1 
ATOM   1037 C CE  . LYS A 1 119 ? -4.482  -8.984  -11.126 1.00 28.46 ? 160 LYS A CE  1 
ATOM   1038 N NZ  . LYS A 1 119 ? -4.899  -10.048 -12.091 1.00 30.73 ? 160 LYS A NZ  1 
ATOM   1039 N N   . ILE A 1 120 ? 0.326   -4.336  -12.532 1.00 21.78 ? 161 ILE A N   1 
ATOM   1040 C CA  . ILE A 1 120 ? 0.889   -3.081  -13.012 1.00 22.87 ? 161 ILE A CA  1 
ATOM   1041 C C   . ILE A 1 120 ? 1.485   -3.169  -14.420 1.00 23.98 ? 161 ILE A C   1 
ATOM   1042 O O   . ILE A 1 120 ? 1.441   -2.220  -15.167 1.00 24.89 ? 161 ILE A O   1 
ATOM   1043 C CB  . ILE A 1 120 ? 1.938   -2.551  -11.968 1.00 24.75 ? 161 ILE A CB  1 
ATOM   1044 C CG1 . ILE A 1 120 ? 1.179   -2.182  -10.702 1.00 28.44 ? 161 ILE A CG1 1 
ATOM   1045 C CG2 . ILE A 1 120 ? 2.826   -1.424  -12.547 1.00 29.47 ? 161 ILE A CG2 1 
ATOM   1046 C CD1 . ILE A 1 120 ? 0.121   -1.128  -10.863 1.00 29.03 ? 161 ILE A CD1 1 
ATOM   1047 N N   . ASN A 1 121 ? 1.943   -4.352  -14.784 1.00 25.12 ? 162 ASN A N   1 
ATOM   1048 C CA  . ASN A 1 121 ? 2.384   -4.584  -16.129 1.00 25.75 ? 162 ASN A CA  1 
ATOM   1049 C C   . ASN A 1 121 ? 1.243   -4.349  -17.148 1.00 28.37 ? 162 ASN A C   1 
ATOM   1050 O O   . ASN A 1 121 ? 1.528   -3.892  -18.220 1.00 27.44 ? 162 ASN A O   1 
ATOM   1051 C CB  . ASN A 1 121 ? 2.837   -6.016  -16.201 1.00 25.85 ? 162 ASN A CB  1 
ATOM   1052 C CG  . ASN A 1 121 ? 3.430   -6.343  -17.509 1.00 30.86 ? 162 ASN A CG  1 
ATOM   1053 O OD1 . ASN A 1 121 ? 4.387   -5.685  -17.915 1.00 33.59 ? 162 ASN A OD1 1 
ATOM   1054 N ND2 . ASN A 1 121 ? 2.869   -7.351  -18.193 1.00 31.98 ? 162 ASN A ND2 1 
ATOM   1055 N N   . GLU A 1 122 ? -0.007  -4.536  -16.763 1.00 24.84 ? 163 GLU A N   1 
ATOM   1056 C CA  . GLU A 1 122 ? -1.210  -4.259  -17.626 1.00 27.81 ? 163 GLU A CA  1 
ATOM   1057 C C   . GLU A 1 122 ? -1.974  -2.969  -17.257 1.00 26.23 ? 163 GLU A C   1 
ATOM   1058 O O   . GLU A 1 122 ? -3.133  -2.794  -17.608 1.00 27.12 ? 163 GLU A O   1 
ATOM   1059 C CB  . GLU A 1 122 ? -2.206  -5.380  -17.557 1.00 32.55 ? 163 GLU A CB  1 
ATOM   1060 C CG  . GLU A 1 122 ? -1.707  -6.774  -17.408 1.00 39.58 ? 163 GLU A CG  1 
ATOM   1061 C CD  . GLU A 1 122 ? -1.731  -7.599  -18.662 1.00 44.44 ? 163 GLU A CD  1 
ATOM   1062 O OE1 . GLU A 1 122 ? -1.536  -8.824  -18.485 1.00 50.74 ? 163 GLU A OE1 1 
ATOM   1063 O OE2 . GLU A 1 122 ? -1.943  -7.070  -19.783 1.00 51.59 ? 163 GLU A OE2 1 
ATOM   1064 N N   . LEU A 1 123 ? -1.299  -2.010  -16.625 1.00 24.57 ? 164 LEU A N   1 
ATOM   1065 C CA  . LEU A 1 123 ? -1.879  -0.704  -16.366 1.00 25.06 ? 164 LEU A CA  1 
ATOM   1066 C C   . LEU A 1 123 ? -2.363  -0.151  -17.692 1.00 27.63 ? 164 LEU A C   1 
ATOM   1067 O O   . LEU A 1 123 ? -1.599  -0.070  -18.627 1.00 28.05 ? 164 LEU A O   1 
ATOM   1068 C CB  . LEU A 1 123 ? -0.776  0.184   -15.738 1.00 23.88 ? 164 LEU A CB  1 
ATOM   1069 C CG  . LEU A 1 123 ? -1.209  1.557   -15.299 1.00 26.51 ? 164 LEU A CG  1 
ATOM   1070 C CD1 . LEU A 1 123 ? -2.123  1.485   -14.087 1.00 28.59 ? 164 LEU A CD1 1 
ATOM   1071 C CD2 . LEU A 1 123 ? 0.041   2.372   -15.014 1.00 29.42 ? 164 LEU A CD2 1 
ATOM   1072 N N   . PRO A 1 124 ? -3.620  0.261   -17.744 1.00 30.01 ? 165 PRO A N   1 
ATOM   1073 C CA  . PRO A 1 124 ? -4.163  0.731   -18.998 1.00 36.68 ? 165 PRO A CA  1 
ATOM   1074 C C   . PRO A 1 124 ? -3.580  2.023   -19.427 1.00 37.22 ? 165 PRO A C   1 
ATOM   1075 O O   . PRO A 1 124 ? -3.030  2.806   -18.622 1.00 33.71 ? 165 PRO A O   1 
ATOM   1076 C CB  . PRO A 1 124 ? -5.635  0.899   -18.677 1.00 35.20 ? 165 PRO A CB  1 
ATOM   1077 C CG  . PRO A 1 124 ? -5.656  1.221   -17.271 1.00 40.47 ? 165 PRO A CG  1 
ATOM   1078 C CD  . PRO A 1 124 ? -4.668  0.195   -16.729 1.00 32.29 ? 165 PRO A CD  1 
ATOM   1079 N N   . THR A 1 125 ? -3.694  2.252   -20.720 1.00 37.03 ? 166 THR A N   1 
ATOM   1080 C CA  . THR A 1 125 ? -3.312  3.503   -21.349 1.00 41.44 ? 166 THR A CA  1 
ATOM   1081 C C   . THR A 1 125 ? -4.160  4.631   -20.779 1.00 36.80 ? 166 THR A C   1 
ATOM   1082 O O   . THR A 1 125 ? -5.360  4.406   -20.565 1.00 40.16 ? 166 THR A O   1 
ATOM   1083 C CB  . THR A 1 125 ? -3.609  3.400   -22.860 1.00 46.69 ? 166 THR A CB  1 
ATOM   1084 O OG1 . THR A 1 125 ? -2.915  2.250   -23.393 1.00 53.91 ? 166 THR A OG1 1 
ATOM   1085 C CG2 . THR A 1 125 ? -3.193  4.664   -23.601 1.00 50.86 ? 166 THR A CG2 1 
ATOM   1086 N N   . GLU A 1 126 ? -3.565  5.791   -20.487 1.00 37.42 ? 167 GLU A N   1 
ATOM   1087 C CA  . GLU A 1 126 ? -4.342  6.942   -20.090 1.00 40.23 ? 167 GLU A CA  1 
ATOM   1088 C C   . GLU A 1 126 ? -5.340  7.391   -21.128 1.00 46.97 ? 167 GLU A C   1 
ATOM   1089 O O   . GLU A 1 126 ? -4.973  7.590   -22.299 1.00 44.28 ? 167 GLU A O   1 
ATOM   1090 C CB  . GLU A 1 126 ? -3.481  8.148   -19.878 1.00 45.33 ? 167 GLU A CB  1 
ATOM   1091 C CG  . GLU A 1 126 ? -2.844  8.217   -18.544 1.00 46.07 ? 167 GLU A CG  1 
ATOM   1092 C CD  . GLU A 1 126 ? -2.066  9.497   -18.429 1.00 50.76 ? 167 GLU A CD  1 
ATOM   1093 O OE1 . GLU A 1 126 ? -2.409  10.289  -17.535 1.00 42.92 ? 167 GLU A OE1 1 
ATOM   1094 O OE2 . GLU A 1 126 ? -1.123  9.708   -19.252 1.00 43.56 ? 167 GLU A OE2 1 
ATOM   1095 N N   . GLU A 1 127 ? -6.569  7.623   -20.684 1.00 48.08 ? 168 GLU A N   1 
ATOM   1096 C CA  . GLU A 1 127 ? -7.588  8.197   -21.538 1.00 46.17 ? 168 GLU A CA  1 
ATOM   1097 C C   . GLU A 1 127 ? -7.215  9.624   -21.857 1.00 49.51 ? 168 GLU A C   1 
ATOM   1098 O O   . GLU A 1 127 ? -6.551  10.286  -21.076 1.00 47.36 ? 168 GLU A O   1 
ATOM   1099 C CB  . GLU A 1 127 ? -8.968  8.111   -20.898 1.00 48.96 ? 168 GLU A CB  1 
ATOM   1100 C CG  . GLU A 1 127 ? -9.627  6.788   -21.267 1.00 54.23 ? 168 GLU A CG  1 
ATOM   1101 C CD  . GLU A 1 127 ? -10.756 6.370   -20.341 1.00 59.34 ? 168 GLU A CD  1 
ATOM   1102 O OE1 . GLU A 1 127 ? -11.216 7.199   -19.504 1.00 64.32 ? 168 GLU A OE1 1 
ATOM   1103 O OE2 . GLU A 1 127 ? -11.174 5.198   -20.462 1.00 60.44 ? 168 GLU A OE2 1 
ATOM   1104 N N   . THR A 1 128 ? -7.608  10.066  -23.040 1.00 58.42 ? 169 THR A N   1 
ATOM   1105 C CA  . THR A 1 128 ? -7.272  11.412  -23.512 1.00 63.45 ? 169 THR A CA  1 
ATOM   1106 C C   . THR A 1 128 ? -8.557  12.130  -23.919 1.00 68.40 ? 169 THR A C   1 
ATOM   1107 O O   . THR A 1 128 ? -8.700  12.584  -25.054 1.00 78.06 ? 169 THR A O   1 
ATOM   1108 C CB  . THR A 1 128 ? -6.238  11.364  -24.675 1.00 64.12 ? 169 THR A CB  1 
ATOM   1109 O OG1 . THR A 1 128 ? -6.706  10.480  -25.707 1.00 66.99 ? 169 THR A OG1 1 
ATOM   1110 C CG2 . THR A 1 128 ? -4.848  10.877  -24.173 1.00 61.64 ? 169 THR A CG2 1 
HETATM 1111 O O3  . Y80 B 2 .   ? 6.781   -5.689  9.343   0.80 24.20 ? 201 Y80 A O3  1 
HETATM 1112 C C1  . Y80 B 2 .   ? 6.292   -6.150  10.432  0.80 24.64 ? 201 Y80 A C1  1 
HETATM 1113 N N2  . Y80 B 2 .   ? 6.913   -7.243  10.999  0.80 25.01 ? 201 Y80 A N2  1 
HETATM 1114 C C4  . Y80 B 2 .   ? 6.460   -7.857  12.112  0.80 23.64 ? 201 Y80 A C4  1 
HETATM 1115 C C5  . Y80 B 2 .   ? 7.186   -8.677  12.970  0.80 25.09 ? 201 Y80 A C5  1 
HETATM 1116 C C6  . Y80 B 2 .   ? 6.565   -9.258  14.083  0.80 28.00 ? 201 Y80 A C6  1 
HETATM 1117 C C7  . Y80 B 2 .   ? 5.244   -8.993  14.352  0.80 27.12 ? 201 Y80 A C7  1 
HETATM 1118 C C8  . Y80 B 2 .   ? 4.491   -8.176  13.510  0.80 25.00 ? 201 Y80 A C8  1 
HETATM 1119 C C3  . Y80 B 2 .   ? 5.050   -7.612  12.378  0.80 25.99 ? 201 Y80 A C3  1 
HETATM 1120 N N1  . Y80 B 2 .   ? 4.341   -6.735  11.486  0.80 24.85 ? 201 Y80 A N1  1 
HETATM 1121 C C2  . Y80 B 2 .   ? 5.047   -5.579  11.005  0.80 22.55 ? 201 Y80 A C2  1 
HETATM 1122 C C9  . Y80 B 2 .   ? 3.050   -7.015  11.004  0.80 26.86 ? 201 Y80 A C9  1 
HETATM 1123 O O1  . Y80 B 2 .   ? 2.499   -6.192  10.306  0.80 32.45 ? 201 Y80 A O1  1 
HETATM 1124 C C10 . Y80 B 2 .   ? 2.320   -8.288  11.295  0.80 24.16 ? 201 Y80 A C10 1 
HETATM 1125 C C19 . Y80 B 2 .   ? 0.926   -8.355  11.856  0.80 23.00 ? 201 Y80 A C19 1 
HETATM 1126 C C24 . Y80 B 2 .   ? 0.702   -9.120  12.966  0.80 25.26 ? 201 Y80 A C24 1 
HETATM 1127 C C23 . Y80 B 2 .   ? -0.527  -9.122  13.587  0.80 23.88 ? 201 Y80 A C23 1 
HETATM 1128 C C22 . Y80 B 2 .   ? -1.545  -8.392  13.028  0.80 25.84 ? 201 Y80 A C22 1 
HETATM 1129 C C21 . Y80 B 2 .   ? -1.375  -7.654  11.901  0.80 22.55 ? 201 Y80 A C21 1 
HETATM 1130 C C20 . Y80 B 2 .   ? -0.099  -7.621  11.312  0.80 24.10 ? 201 Y80 A C20 1 
HETATM 1131 C C11 . Y80 B 2 .   ? 3.114   -9.329  10.954  0.80 25.92 ? 201 Y80 A C11 1 
HETATM 1132 C C12 . Y80 B 2 .   ? 2.983   -10.778 10.883  0.80 26.61 ? 201 Y80 A C12 1 
HETATM 1133 C C17 . Y80 B 2 .   ? 4.121   -11.562 10.991  0.80 27.08 ? 201 Y80 A C17 1 
HETATM 1134 C C16 . Y80 B 2 .   ? 4.050   -12.942 10.843  0.80 25.74 ? 201 Y80 A C16 1 
HETATM 1135 C C15 . Y80 B 2 .   ? 2.831   -13.482 10.441  0.80 29.63 ? 201 Y80 A C15 1 
HETATM 1136 O O2  . Y80 B 2 .   ? 2.780   -14.836 10.288  0.80 32.32 ? 201 Y80 A O2  1 
HETATM 1137 C C18 . Y80 B 2 .   ? 1.665   -15.610 9.833   0.80 33.86 ? 201 Y80 A C18 1 
HETATM 1138 C C14 . Y80 B 2 .   ? 1.747   -12.685 10.252  0.80 31.47 ? 201 Y80 A C14 1 
HETATM 1139 C C13 . Y80 B 2 .   ? 1.794   -11.332 10.436  0.80 29.26 ? 201 Y80 A C13 1 
HETATM 1140 O O   . HOH C 3 .   ? -1.092  -10.618 -20.027 1.00 37.51 ? 301 HOH A O   1 
HETATM 1141 O O   . HOH C 3 .   ? -5.648  -4.065  24.682  1.00 59.37 ? 302 HOH A O   1 
HETATM 1142 O O   . HOH C 3 .   ? 11.306  -13.709 13.518  1.00 48.49 ? 303 HOH A O   1 
HETATM 1143 O O   . HOH C 3 .   ? -0.541  2.849   -23.046 1.00 50.47 ? 304 HOH A O   1 
HETATM 1144 O O   . HOH C 3 .   ? -7.077  24.272  -0.219  1.00 38.55 ? 305 HOH A O   1 
HETATM 1145 O O   . HOH C 3 .   ? 9.371   2.912   17.557  1.00 35.14 ? 306 HOH A O   1 
HETATM 1146 O O   . HOH C 3 .   ? -0.427  -7.194  22.479  1.00 39.09 ? 307 HOH A O   1 
HETATM 1147 O O   . HOH C 3 .   ? 4.148   7.387   5.153   1.00 43.23 ? 308 HOH A O   1 
HETATM 1148 O O   . HOH C 3 .   ? -2.550  11.592  10.210  1.00 34.16 ? 309 HOH A O   1 
HETATM 1149 O O   . HOH C 3 .   ? 14.390  -4.261  11.666  1.00 53.00 ? 310 HOH A O   1 
HETATM 1150 O O   . HOH C 3 .   ? 3.367   -3.729  23.341  1.00 35.00 ? 311 HOH A O   1 
HETATM 1151 O O   . HOH C 3 .   ? 8.485   -18.645 7.150   1.00 41.13 ? 312 HOH A O   1 
HETATM 1152 O O   . HOH C 3 .   ? -6.593  -19.548 3.045   1.00 43.71 ? 313 HOH A O   1 
HETATM 1153 O O   . HOH C 3 .   ? 14.057  8.587   17.279  1.00 42.98 ? 314 HOH A O   1 
HETATM 1154 O O   . HOH C 3 .   ? -7.240  -9.037  -12.786 1.00 30.88 ? 315 HOH A O   1 
HETATM 1155 O O   . HOH C 3 .   ? -10.800 -8.983  -7.636  1.00 37.69 ? 316 HOH A O   1 
HETATM 1156 O O   . HOH C 3 .   ? -11.157 12.956  2.617   1.00 48.15 ? 317 HOH A O   1 
HETATM 1157 O O   . HOH C 3 .   ? 5.941   -4.131  -16.401 1.00 41.18 ? 318 HOH A O   1 
HETATM 1158 O O   . HOH C 3 .   ? 2.109   6.795   10.065  1.00 25.15 ? 319 HOH A O   1 
HETATM 1159 O O   . HOH C 3 .   ? -5.410  -3.640  -18.724 1.00 48.56 ? 320 HOH A O   1 
HETATM 1160 O O   . HOH C 3 .   ? -6.314  -15.359 5.406   1.00 44.23 ? 321 HOH A O   1 
HETATM 1161 O O   . HOH C 3 .   ? -8.399  14.907  0.173   1.00 31.94 ? 322 HOH A O   1 
HETATM 1162 O O   . HOH C 3 .   ? 3.070   -0.111  -15.567 1.00 33.61 ? 323 HOH A O   1 
HETATM 1163 O O   . HOH C 3 .   ? -5.291  -6.708  -15.390 1.00 32.99 ? 324 HOH A O   1 
HETATM 1164 O O   . HOH C 3 .   ? 8.251   10.133  4.087   1.00 42.83 ? 325 HOH A O   1 
HETATM 1165 O O   . HOH C 3 .   ? -4.724  -21.278 -0.447  1.00 47.71 ? 326 HOH A O   1 
HETATM 1166 O O   . HOH C 3 .   ? 2.294   13.643  -4.736  1.00 41.93 ? 327 HOH A O   1 
HETATM 1167 O O   . HOH C 3 .   ? 7.299   -11.075 -5.594  1.00 29.05 ? 328 HOH A O   1 
HETATM 1168 O O   . HOH C 3 .   ? 6.927   3.686   18.337  1.00 52.24 ? 329 HOH A O   1 
HETATM 1169 O O   . HOH C 3 .   ? 16.294  4.823   12.088  1.00 50.91 ? 330 HOH A O   1 
HETATM 1170 O O   . HOH C 3 .   ? -11.125 -12.833 0.308   1.00 33.52 ? 331 HOH A O   1 
HETATM 1171 O O   . HOH C 3 .   ? 13.712  -16.156 8.914   1.00 47.75 ? 332 HOH A O   1 
HETATM 1172 O O   . HOH C 3 .   ? 2.702   9.282   18.430  1.00 29.88 ? 333 HOH A O   1 
HETATM 1173 O O   . HOH C 3 .   ? 5.442   -0.957  21.079  1.00 39.00 ? 334 HOH A O   1 
HETATM 1174 O O   . HOH C 3 .   ? -0.147  4.621   20.405  1.00 38.74 ? 335 HOH A O   1 
HETATM 1175 O O   . HOH C 3 .   ? 13.772  -9.077  4.463   1.00 33.00 ? 336 HOH A O   1 
HETATM 1176 O O   . HOH C 3 .   ? -3.659  -13.152 -11.278 1.00 47.36 ? 337 HOH A O   1 
HETATM 1177 O O   . HOH C 3 .   ? 1.024   6.404   -15.077 1.00 40.07 ? 338 HOH A O   1 
HETATM 1178 O O   . HOH C 3 .   ? -1.739  16.144  -5.863  1.00 25.15 ? 339 HOH A O   1 
HETATM 1179 O O   . HOH C 3 .   ? 5.164   -5.009  -20.511 1.00 50.60 ? 340 HOH A O   1 
HETATM 1180 O O   . HOH C 3 .   ? -6.794  21.911  -3.492  1.00 36.94 ? 341 HOH A O   1 
HETATM 1181 O O   . HOH C 3 .   ? -2.122  6.639   15.830  1.00 50.56 ? 342 HOH A O   1 
HETATM 1182 O O   . HOH C 3 .   ? -8.234  -10.676 -9.187  1.00 30.83 ? 343 HOH A O   1 
HETATM 1183 O O   . HOH C 3 .   ? 13.603  -6.856  12.904  1.00 55.46 ? 344 HOH A O   1 
HETATM 1184 O O   . HOH C 3 .   ? 11.050  -6.012  -4.644  1.00 28.01 ? 345 HOH A O   1 
HETATM 1185 O O   . HOH C 3 .   ? -0.323  -2.020  -20.216 1.00 43.15 ? 346 HOH A O   1 
HETATM 1186 O O   . HOH C 3 .   ? -2.409  13.109  -17.364 1.00 35.18 ? 347 HOH A O   1 
HETATM 1187 O O   . HOH C 3 .   ? -5.905  -12.477 -5.114  1.00 27.67 ? 348 HOH A O   1 
HETATM 1188 O O   . HOH C 3 .   ? -8.746  -15.007 1.108   1.00 33.82 ? 349 HOH A O   1 
HETATM 1189 O O   . HOH C 3 .   ? 0.876   12.444  -0.276  1.00 46.90 ? 350 HOH A O   1 
HETATM 1190 O O   . HOH C 3 .   ? 5.360   -4.723  -13.238 1.00 27.09 ? 351 HOH A O   1 
HETATM 1191 O O   . HOH C 3 .   ? 3.491   -2.458  -19.721 1.00 49.25 ? 352 HOH A O   1 
HETATM 1192 O O   . HOH C 3 .   ? -2.526  3.493   18.720  1.00 50.17 ? 353 HOH A O   1 
HETATM 1193 O O   . HOH C 3 .   ? 15.111  -4.131  18.316  1.00 36.71 ? 354 HOH A O   1 
HETATM 1194 O O   . HOH C 3 .   ? -8.689  12.371  -0.090  1.00 37.46 ? 355 HOH A O   1 
HETATM 1195 O O   . HOH C 3 .   ? -5.310  -16.181 -1.693  1.00 28.21 ? 356 HOH A O   1 
HETATM 1196 O O   . HOH C 3 .   ? 1.983   -9.193  20.010  1.00 43.23 ? 357 HOH A O   1 
HETATM 1197 O O   . HOH C 3 .   ? -13.349 -5.356  -9.654  1.00 51.71 ? 358 HOH A O   1 
HETATM 1198 O O   . HOH C 3 .   ? 11.635  -9.524  -1.004  1.00 34.47 ? 359 HOH A O   1 
HETATM 1199 O O   . HOH C 3 .   ? -2.834  -0.638  20.112  1.00 56.64 ? 360 HOH A O   1 
HETATM 1200 O O   . HOH C 3 .   ? -10.685 14.284  -2.853  1.00 43.67 ? 361 HOH A O   1 
HETATM 1201 O O   . HOH C 3 .   ? -8.578  19.038  -7.180  1.00 29.58 ? 362 HOH A O   1 
HETATM 1202 O O   . HOH C 3 .   ? 4.273   11.768  -10.147 1.00 33.34 ? 363 HOH A O   1 
HETATM 1203 O O   . HOH C 3 .   ? -6.647  -18.614 -0.761  1.00 32.10 ? 364 HOH A O   1 
HETATM 1204 O O   . HOH C 3 .   ? -10.189 -7.254  -9.437  1.00 39.80 ? 365 HOH A O   1 
HETATM 1205 O O   . HOH C 3 .   ? 1.172   8.565   -13.087 1.00 30.48 ? 366 HOH A O   1 
HETATM 1206 O O   . HOH C 3 .   ? -0.086  16.069  -14.541 1.00 26.94 ? 367 HOH A O   1 
HETATM 1207 O O   . HOH C 3 .   ? -4.418  -9.170  -15.246 1.00 41.07 ? 368 HOH A O   1 
HETATM 1208 O O   . HOH C 3 .   ? 1.673   10.746  -19.080 1.00 50.72 ? 369 HOH A O   1 
HETATM 1209 O O   . HOH C 3 .   ? -10.869 14.490  -12.121 1.00 45.58 ? 370 HOH A O   1 
HETATM 1210 O O   . HOH C 3 .   ? 6.473   -0.800  -9.644  1.00 40.23 ? 371 HOH A O   1 
HETATM 1211 O O   . HOH C 3 .   ? 7.292   -12.937 9.995   1.00 32.67 ? 372 HOH A O   1 
HETATM 1212 O O   . HOH C 3 .   ? 2.563   9.433   1.510   1.00 37.33 ? 373 HOH A O   1 
HETATM 1213 O O   . HOH C 3 .   ? 1.489   14.135  -13.226 1.00 28.54 ? 374 HOH A O   1 
HETATM 1214 O O   . HOH C 3 .   ? 3.866   1.855   -13.979 1.00 35.53 ? 375 HOH A O   1 
HETATM 1215 O O   . HOH C 3 .   ? 3.481   -18.301 -7.000  1.00 54.57 ? 376 HOH A O   1 
HETATM 1216 O O   . HOH C 3 .   ? 1.283   11.204  4.983   1.00 32.12 ? 377 HOH A O   1 
HETATM 1217 O O   . HOH C 3 .   ? -1.481  20.890  2.820   1.00 45.75 ? 378 HOH A O   1 
HETATM 1218 O O   . HOH C 3 .   ? 8.066   -15.663 10.727  1.00 39.46 ? 379 HOH A O   1 
HETATM 1219 O O   . HOH C 3 .   ? -5.262  -8.259  10.652  1.00 38.48 ? 380 HOH A O   1 
HETATM 1220 O O   . HOH C 3 .   ? -0.305  14.800  7.771   1.00 32.20 ? 381 HOH A O   1 
HETATM 1221 O O   . HOH C 3 .   ? 5.124   -9.150  -13.418 1.00 41.08 ? 382 HOH A O   1 
HETATM 1222 O O   . HOH C 3 .   ? 0.746   18.690  2.731   1.00 52.12 ? 383 HOH A O   1 
HETATM 1223 O O   . HOH C 3 .   ? -3.401  -17.837 -2.997  1.00 40.99 ? 384 HOH A O   1 
HETATM 1224 O O   . HOH C 3 .   ? 6.264   -5.271  26.336  1.00 50.75 ? 385 HOH A O   1 
HETATM 1225 O O   . HOH C 3 .   ? 11.149  -19.796 4.100   1.00 53.74 ? 386 HOH A O   1 
HETATM 1226 O O   . HOH C 3 .   ? 7.173   1.695   -9.982  1.00 57.07 ? 387 HOH A O   1 
HETATM 1227 O O   . HOH C 3 .   ? 17.062  -8.802  5.373   1.00 44.80 ? 388 HOH A O   1 
HETATM 1228 O O   . HOH C 3 .   ? 1.664   11.826  -14.849 1.00 28.54 ? 389 HOH A O   1 
HETATM 1229 O O   . HOH C 3 .   ? -3.356  -5.385  16.574  1.00 50.79 ? 390 HOH A O   1 
HETATM 1230 O O   . HOH C 3 .   ? -1.798  10.237  16.977  1.00 59.22 ? 391 HOH A O   1 
HETATM 1231 O O   . HOH C 3 .   ? -6.248  12.040  -17.171 1.00 39.34 ? 392 HOH A O   1 
HETATM 1232 O O   . HOH C 3 .   ? 1.184   15.363  -0.343  1.00 43.63 ? 393 HOH A O   1 
HETATM 1233 O O   . HOH C 3 .   ? 10.587  5.404   18.205  1.00 33.39 ? 394 HOH A O   1 
HETATM 1234 O O   . HOH C 3 .   ? 2.669   -6.311  24.178  1.00 47.63 ? 395 HOH A O   1 
HETATM 1235 O O   . HOH C 3 .   ? 11.396  10.410  6.919   1.00 52.39 ? 396 HOH A O   1 
HETATM 1236 O O   . HOH C 3 .   ? 1.518   -16.880 -12.184 1.00 46.08 ? 397 HOH A O   1 
HETATM 1237 O O   . HOH C 3 .   ? -0.245  14.739  -16.887 1.00 40.59 ? 398 HOH A O   1 
HETATM 1238 O O   . HOH C 3 .   ? 9.743   -4.076  -8.416  1.00 32.48 ? 399 HOH A O   1 
HETATM 1239 O O   . HOH C 3 .   ? -6.608  -1.009  20.347  1.00 56.24 ? 400 HOH A O   1 
HETATM 1240 O O   . HOH C 3 .   ? 14.740  -10.124 2.192   1.00 32.67 ? 401 HOH A O   1 
HETATM 1241 O O   . HOH C 3 .   ? 9.286   -11.547 13.411  1.00 44.25 ? 402 HOH A O   1 
HETATM 1242 O O   . HOH C 3 .   ? -3.402  -4.706  13.756  1.00 37.91 ? 403 HOH A O   1 
HETATM 1243 O O   . HOH C 3 .   ? 6.475   8.250   -1.397  1.00 43.49 ? 404 HOH A O   1 
HETATM 1244 O O   . HOH C 3 .   ? 16.040  -8.059  12.552  1.00 59.48 ? 405 HOH A O   1 
HETATM 1245 O O   . HOH C 3 .   ? -9.215  -13.697 3.702   1.00 60.95 ? 406 HOH A O   1 
HETATM 1246 O O   . HOH C 3 .   ? 0.533   -15.261 -8.135  1.00 38.39 ? 407 HOH A O   1 
HETATM 1247 O O   . HOH C 3 .   ? -8.096  -13.845 6.087   1.00 46.45 ? 408 HOH A O   1 
HETATM 1248 O O   . HOH C 3 .   ? -10.036 18.504  6.212   1.00 50.71 ? 409 HOH A O   1 
HETATM 1249 O O   . HOH C 3 .   ? -1.926  -2.921  -22.130 1.00 46.73 ? 410 HOH A O   1 
HETATM 1250 O O   . HOH C 3 .   ? 1.847   16.070  -3.394  1.00 41.59 ? 411 HOH A O   1 
HETATM 1251 O O   . HOH C 3 .   ? 6.990   -11.423 -10.872 1.00 43.01 ? 412 HOH A O   1 
HETATM 1252 O O   . HOH C 3 .   ? 15.839  5.716   6.913   1.00 60.64 ? 413 HOH A O   1 
HETATM 1253 O O   . HOH C 3 .   ? 13.059  2.385   2.383   1.00 49.81 ? 414 HOH A O   1 
HETATM 1254 O O   . HOH C 3 .   ? -9.415  -0.843  -16.529 1.00 48.59 ? 415 HOH A O   1 
HETATM 1255 O O   . HOH C 3 .   ? 13.919  8.573   6.484   1.00 53.64 ? 416 HOH A O   1 
HETATM 1256 O O   . HOH C 3 .   ? 0.836   2.933   7.622   1.00 24.08 ? 417 HOH A O   1 
HETATM 1257 O O   . HOH C 3 .   ? 6.485   -3.540  7.420   1.00 24.20 ? 418 HOH A O   1 
HETATM 1258 O O   . HOH C 3 .   ? 1.313   4.109   10.414  1.00 24.95 ? 419 HOH A O   1 
HETATM 1259 O O   . HOH C 3 .   ? 4.614   0.146   6.881   1.00 25.90 ? 420 HOH A O   1 
HETATM 1260 O O   . HOH C 3 .   ? -3.740  -0.283  12.731  1.00 26.69 ? 421 HOH A O   1 
HETATM 1261 O O   . HOH C 3 .   ? 2.250   8.520   -2.678  1.00 27.10 ? 422 HOH A O   1 
HETATM 1262 O O   . HOH C 3 .   ? -5.850  12.407  6.690   1.00 27.29 ? 423 HOH A O   1 
HETATM 1263 O O   . HOH C 3 .   ? 1.486   -14.567 -5.682  1.00 27.56 ? 424 HOH A O   1 
HETATM 1264 O O   . HOH C 3 .   ? 0.525   -3.002  7.499   1.00 27.84 ? 425 HOH A O   1 
HETATM 1265 O O   . HOH C 3 .   ? 4.824   -3.240  5.258   1.00 28.02 ? 426 HOH A O   1 
HETATM 1266 O O   . HOH C 3 .   ? -0.339  4.878   12.615  1.00 28.23 ? 427 HOH A O   1 
HETATM 1267 O O   . HOH C 3 .   ? -0.292  2.472   14.062  1.00 28.28 ? 428 HOH A O   1 
HETATM 1268 O O   . HOH C 3 .   ? -7.399  9.911   -6.533  1.00 28.61 ? 429 HOH A O   1 
HETATM 1269 O O   . HOH C 3 .   ? 10.066  3.748   5.426   1.00 29.12 ? 430 HOH A O   1 
HETATM 1270 O O   . HOH C 3 .   ? 4.876   6.242   -0.413  1.00 29.78 ? 431 HOH A O   1 
HETATM 1271 O O   . HOH C 3 .   ? -6.152  -11.896 4.399   1.00 29.82 ? 432 HOH A O   1 
HETATM 1272 O O   . HOH C 3 .   ? 7.478   -3.884  -6.887  1.00 30.08 ? 433 HOH A O   1 
HETATM 1273 O O   . HOH C 3 .   ? -2.061  8.477   -13.917 1.00 30.20 ? 434 HOH A O   1 
HETATM 1274 O O   . HOH C 3 .   ? 0.676   10.881  -2.435  1.00 30.27 ? 435 HOH A O   1 
HETATM 1275 O O   . HOH C 3 .   ? 2.499   -2.071  6.161   1.00 30.35 ? 436 HOH A O   1 
HETATM 1276 O O   . HOH C 3 .   ? -5.366  8.835   7.703   1.00 30.62 ? 437 HOH A O   1 
HETATM 1277 O O   . HOH C 3 .   ? 7.227   1.336   16.871  1.00 30.80 ? 438 HOH A O   1 
HETATM 1278 O O   . HOH C 3 .   ? -5.248  4.183   7.127   1.00 31.63 ? 439 HOH A O   1 
HETATM 1279 O O   . HOH C 3 .   ? -0.618  -16.032 -4.495  1.00 31.82 ? 440 HOH A O   1 
HETATM 1280 O O   . HOH C 3 .   ? 4.360   -10.956 -11.466 1.00 32.02 ? 441 HOH A O   1 
HETATM 1281 O O   . HOH C 3 .   ? -7.087  -7.125  8.702   1.00 32.20 ? 442 HOH A O   1 
HETATM 1282 O O   . HOH C 3 .   ? -9.216  1.201   4.475   1.00 32.19 ? 443 HOH A O   1 
HETATM 1283 O O   . HOH C 3 .   ? 2.122   0.584   8.480   1.00 32.24 ? 444 HOH A O   1 
HETATM 1284 O O   . HOH C 3 .   ? 5.663   -16.112 -1.079  1.00 32.35 ? 445 HOH A O   1 
HETATM 1285 O O   . HOH C 3 .   ? 6.955   3.074   -7.532  1.00 32.65 ? 446 HOH A O   1 
HETATM 1286 O O   . HOH C 3 .   ? -6.532  1.795   7.661   1.00 32.89 ? 447 HOH A O   1 
HETATM 1287 O O   . HOH C 3 .   ? -11.166 -7.333  -2.617  1.00 33.04 ? 448 HOH A O   1 
HETATM 1288 O O   . HOH C 3 .   ? -5.932  6.244   8.561   1.00 33.40 ? 449 HOH A O   1 
HETATM 1289 O O   . HOH C 3 .   ? -10.005 7.621   -10.240 1.00 33.32 ? 450 HOH A O   1 
HETATM 1290 O O   . HOH C 3 .   ? 8.874   -2.851  -3.682  1.00 34.44 ? 451 HOH A O   1 
HETATM 1291 O O   . HOH C 3 .   ? -8.223  -11.105 2.518   1.00 34.57 ? 452 HOH A O   1 
HETATM 1292 O O   . HOH C 3 .   ? 3.544   -16.282 -5.005  1.00 35.17 ? 453 HOH A O   1 
HETATM 1293 O O   . HOH C 3 .   ? 0.560   -9.097  -16.841 1.00 35.52 ? 454 HOH A O   1 
HETATM 1294 O O   . HOH C 3 .   ? -9.421  9.100   -17.388 1.00 35.83 ? 455 HOH A O   1 
HETATM 1295 O O   . HOH C 3 .   ? -3.179  4.490   12.976  1.00 35.83 ? 456 HOH A O   1 
HETATM 1296 O O   . HOH C 3 .   ? -9.011  7.474   -6.963  1.00 36.02 ? 457 HOH A O   1 
HETATM 1297 O O   . HOH C 3 .   ? 10.390  2.229   2.117   1.00 36.69 ? 458 HOH A O   1 
HETATM 1298 O O   . HOH C 3 .   ? -9.908  1.823   -15.615 1.00 36.91 ? 459 HOH A O   1 
HETATM 1299 O O   . HOH C 3 .   ? -0.844  -4.007  10.263  1.00 37.00 ? 460 HOH A O   1 
HETATM 1300 O O   . HOH C 3 .   ? -12.300 -8.604  -0.536  1.00 37.29 ? 461 HOH A O   1 
HETATM 1301 O O   . HOH C 3 .   ? -9.537  5.029   -7.708  1.00 37.42 ? 462 HOH A O   1 
HETATM 1302 O O   . HOH C 3 .   ? -0.949  10.839  -15.196 1.00 37.66 ? 463 HOH A O   1 
HETATM 1303 O O   . HOH C 3 .   ? -0.995  -3.917  12.763  1.00 37.98 ? 464 HOH A O   1 
HETATM 1304 O O   . HOH C 3 .   ? -5.645  7.577   -16.389 1.00 38.18 ? 465 HOH A O   1 
HETATM 1305 O O   . HOH C 3 .   ? 4.752   9.650   -3.203  1.00 38.56 ? 466 HOH A O   1 
HETATM 1306 O O   . HOH C 3 .   ? -2.967  1.596   14.468  1.00 39.14 ? 467 HOH A O   1 
HETATM 1307 O O   . HOH C 3 .   ? 12.481  4.164   6.810   1.00 39.31 ? 468 HOH A O   1 
HETATM 1308 O O   . HOH C 3 .   ? -8.045  11.890  8.116   1.00 39.36 ? 469 HOH A O   1 
HETATM 1309 O O   . HOH C 3 .   ? -5.028  -2.575  14.079  1.00 40.29 ? 470 HOH A O   1 
HETATM 1310 O O   . HOH C 3 .   ? -9.107  1.906   -18.703 1.00 40.42 ? 471 HOH A O   1 
HETATM 1311 O O   . HOH C 3 .   ? -4.552  10.082  -15.928 1.00 40.55 ? 472 HOH A O   1 
HETATM 1312 O O   . HOH C 3 .   ? 4.414   7.898   1.809   1.00 40.79 ? 473 HOH A O   1 
HETATM 1313 O O   . HOH C 3 .   ? -4.696  11.504  11.705  1.00 40.95 ? 474 HOH A O   1 
HETATM 1314 O O   . HOH C 3 .   ? -6.498  10.243  9.683   1.00 41.09 ? 475 HOH A O   1 
HETATM 1315 O O   . HOH C 3 .   ? -6.281  0.843   12.053  1.00 41.09 ? 476 HOH A O   1 
HETATM 1316 O O   . HOH C 3 .   ? 8.366   -15.903 -1.918  1.00 41.51 ? 477 HOH A O   1 
HETATM 1317 O O   . HOH C 3 .   ? 3.140   -13.311 -12.406 1.00 41.83 ? 478 HOH A O   1 
HETATM 1318 O O   . HOH C 3 .   ? -8.136  -3.734  10.274  1.00 42.04 ? 479 HOH A O   1 
HETATM 1319 O O   . HOH C 3 .   ? 13.845  -5.302  14.906  1.00 42.64 ? 480 HOH A O   1 
HETATM 1320 O O   . HOH C 3 .   ? 6.532   -9.087  18.322  1.00 43.12 ? 481 HOH A O   1 
HETATM 1321 O O   . HOH C 3 .   ? -6.753  2.689   10.437  1.00 43.53 ? 482 HOH A O   1 
HETATM 1322 O O   . HOH C 3 .   ? -12.124 4.871   -8.680  1.00 43.56 ? 483 HOH A O   1 
HETATM 1323 O O   . HOH C 3 .   ? -7.067  9.836   -18.327 1.00 43.64 ? 484 HOH A O   1 
HETATM 1324 O O   . HOH C 3 .   ? -0.532  -17.512 -1.849  1.00 43.98 ? 485 HOH A O   1 
HETATM 1325 O O   . HOH C 3 .   ? -12.554 6.366   -5.919  1.00 44.75 ? 486 HOH A O   1 
HETATM 1326 O O   . HOH C 3 .   ? 2.598   -13.297 -15.318 1.00 44.89 ? 487 HOH A O   1 
HETATM 1327 O O   . HOH C 3 .   ? -10.290 -9.212  3.846   1.00 45.71 ? 488 HOH A O   1 
HETATM 1328 O O   . HOH C 3 .   ? -7.076  1.920   14.379  1.00 45.71 ? 489 HOH A O   1 
HETATM 1329 O O   . HOH C 3 .   ? 10.008  1.870   -2.755  1.00 46.79 ? 490 HOH A O   1 
HETATM 1330 O O   . HOH C 3 .   ? 11.174  -9.810  11.674  1.00 47.12 ? 491 HOH A O   1 
HETATM 1331 O O   . HOH C 3 .   ? 10.823  -7.581  15.237  1.00 47.58 ? 492 HOH A O   1 
HETATM 1332 O O   . HOH C 3 .   ? 11.006  -4.358  18.810  1.00 47.25 ? 493 HOH A O   1 
HETATM 1333 O O   . HOH C 3 .   ? -11.039 1.680   8.470   1.00 47.91 ? 494 HOH A O   1 
HETATM 1334 O O   . HOH C 3 .   ? -9.400  3.344   10.128  1.00 48.26 ? 495 HOH A O   1 
HETATM 1335 O O   . HOH C 3 .   ? -8.458  -2.265  7.572   1.00 48.41 ? 496 HOH A O   1 
HETATM 1336 O O   . HOH C 3 .   ? -11.771 1.977   3.753   1.00 48.79 ? 497 HOH A O   1 
HETATM 1337 O O   . HOH C 3 .   ? -11.458 13.228  6.269   1.00 48.69 ? 498 HOH A O   1 
HETATM 1338 O O   . HOH C 3 .   ? -12.717 7.296   -10.059 1.00 48.91 ? 499 HOH A O   1 
HETATM 1339 O O   . HOH C 3 .   ? -11.841 -10.252 1.555   1.00 49.64 ? 500 HOH A O   1 
HETATM 1340 O O   . HOH C 3 .   ? -10.246 -0.885  5.681   1.00 49.57 ? 501 HOH A O   1 
HETATM 1341 O O   . HOH C 3 .   ? -9.863  9.694   5.257   1.00 50.34 ? 502 HOH A O   1 
HETATM 1342 O O   . HOH C 3 .   ? 4.584   11.779  -7.355  1.00 50.34 ? 503 HOH A O   1 
HETATM 1343 O O   . HOH C 3 .   ? 5.064   9.351   -6.169  1.00 50.95 ? 504 HOH A O   1 
HETATM 1344 O O   . HOH C 3 .   ? 0.435   1.675   -19.316 1.00 51.11 ? 505 HOH A O   1 
HETATM 1345 O O   . HOH C 3 .   ? 2.551   -15.661 -16.650 1.00 52.32 ? 506 HOH A O   1 
HETATM 1346 O O   . HOH C 3 .   ? -5.499  4.961   11.004  1.00 52.83 ? 507 HOH A O   1 
HETATM 1347 O O   . HOH C 3 .   ? -5.800  14.483  12.001  1.00 52.70 ? 508 HOH A O   1 
HETATM 1348 O O   . HOH C 3 .   ? -5.611  9.836   13.952  1.00 53.21 ? 509 HOH A O   1 
HETATM 1349 O O   . HOH C 3 .   ? -0.971  5.140   -21.141 1.00 52.99 ? 510 HOH A O   1 
HETATM 1350 O O   . HOH C 3 .   ? -5.255  0.147   -22.214 1.00 52.80 ? 511 HOH A O   1 
HETATM 1351 O O   . HOH C 3 .   ? -7.914  -3.107  14.123  1.00 53.74 ? 512 HOH A O   1 
HETATM 1352 O O   . HOH C 3 .   ? -7.252  2.462   -21.884 1.00 53.85 ? 513 HOH A O   1 
HETATM 1353 O O   . HOH C 3 .   ? -14.907 -3.443  -7.639  1.00 54.12 ? 514 HOH A O   1 
HETATM 1354 O O   . HOH C 3 .   ? -13.012 -8.010  -4.854  1.00 55.33 ? 515 HOH A O   1 
HETATM 1355 O O   . HOH C 3 .   ? 0.337   4.431   -19.106 1.00 58.55 ? 516 HOH A O   1 
HETATM 1356 O O   . HOH C 3 .   ? -8.744  0.666   6.978   1.00 59.45 ? 517 HOH A O   1 
HETATM 1357 O O   . HOH C 3 .   ? 13.612  -7.259  16.346  1.00 59.38 ? 518 HOH A O   1 
HETATM 1358 O O   . HOH C 3 .   ? 5.921   -10.464 20.804  1.00 60.44 ? 519 HOH A O   1 
HETATM 1359 O O   . HOH C 3 .   ? -9.763  0.836   -22.543 1.00 61.20 ? 520 HOH A O   1 
HETATM 1360 O O   . HOH C 3 .   ? -8.424  -1.064  10.371  1.00 61.93 ? 521 HOH A O   1 
# 
